data_4AQO
# 
_entry.id   4AQO 
# 
_audit_conform.dict_name       mmcif_pdbx.dic 
_audit_conform.dict_version    5.383 
_audit_conform.dict_location   http://mmcif.pdb.org/dictionaries/ascii/mmcif_pdbx.dic 
# 
loop_
_database_2.database_id 
_database_2.database_code 
_database_2.pdbx_database_accession 
_database_2.pdbx_DOI 
PDB   4AQO         pdb_00004aqo 10.2210/pdb4aqo/pdb 
PDBE  EBI-52127    ?            ?                   
WWPDB D_1290052127 ?            ?                   
# 
loop_
_pdbx_database_related.db_name 
_pdbx_database_related.db_id 
_pdbx_database_related.content_type 
_pdbx_database_related.details 
PDB 2Y3U unspecified 'CRYSTAL STRUCTURE OF APO COLLAGENASE G FROM CLOSTRIDIUM HISTOLYTICUM AT 2.55 ANGSTROM RESOLUTION' 
PDB 2Y50 unspecified 'CRYSTAL STRUCTURE OF COLLAGENASE G FROM CLOSTRIDIUM HISTOLYTICUM AT 2.80 ANGSTROM RESOLUTION' 
PDB 2Y6I unspecified 
;CRYSTAL STRUCTURE OF COLLAGENASE G FROM CLOSTRIDIUM HISTOLYTICUM IN COMPLEX WITH ISOAMYLPHOSPHONYL-GLY-PRO- ALA AT 3.25 ANGSTROM RESOLUTION
;
PDB 2Y72 unspecified 
'CRYSTAL STRUCTURE OF THE PKD DOMAIN OF COLLAGENASE G FROM CLOSTRIDIUM HISTOLYTICUM AT 1.18 ANGSTROM RESOLUTION.' 
# 
_pdbx_database_status.status_code                     REL 
_pdbx_database_status.entry_id                        4AQO 
_pdbx_database_status.deposit_site                    PDBE 
_pdbx_database_status.process_site                    PDBE 
_pdbx_database_status.SG_entry                        . 
_pdbx_database_status.recvd_initial_deposition_date   2012-04-19 
_pdbx_database_status.pdb_format_compatible           Y 
_pdbx_database_status.status_code_sf                  REL 
_pdbx_database_status.status_code_mr                  ? 
_pdbx_database_status.status_code_cs                  ? 
_pdbx_database_status.methods_development_category    ? 
_pdbx_database_status.status_code_nmr_data            ? 
# 
loop_
_audit_author.name 
_audit_author.pdbx_ordinal 
'Eckhard, U.'      1 
'Brandstetter, H.' 2 
# 
_citation.id                        primary 
_citation.title                     
'Structural Basis for Activity Regulation and Substrate Preference of Clostridial Collagenases G, H, and T.' 
_citation.journal_abbrev            J.Biol.Chem. 
_citation.journal_volume            288 
_citation.page_first                20184 
_citation.page_last                 ? 
_citation.year                      2013 
_citation.journal_id_ASTM           JBCHA3 
_citation.country                   US 
_citation.journal_id_ISSN           0021-9258 
_citation.journal_id_CSD            0071 
_citation.book_publisher            ? 
_citation.pdbx_database_id_PubMed   23703618 
_citation.pdbx_database_id_DOI      10.1074/JBC.M112.448548 
# 
loop_
_citation_author.citation_id 
_citation_author.name 
_citation_author.ordinal 
_citation_author.identifier_ORCID 
primary 'Eckhard, U.'      1 ? 
primary 'Schonauer, E.'    2 ? 
primary 'Brandstetter, H.' 3 ? 
# 
_cell.entry_id           4AQO 
_cell.length_a           19.753 
_cell.length_b           70.896 
_cell.length_c           23.379 
_cell.angle_alpha        90.00 
_cell.angle_beta         95.24 
_cell.angle_gamma        90.00 
_cell.Z_PDB              2 
_cell.pdbx_unique_axis   ? 
# 
_symmetry.entry_id                         4AQO 
_symmetry.space_group_name_H-M             'P 1 21 1' 
_symmetry.pdbx_full_space_group_name_H-M   ? 
_symmetry.cell_setting                     ? 
_symmetry.Int_Tables_number                4 
# 
loop_
_entity.id 
_entity.type 
_entity.src_method 
_entity.pdbx_description 
_entity.formula_weight 
_entity.pdbx_number_of_molecules 
_entity.pdbx_ec 
_entity.pdbx_mutation 
_entity.pdbx_fragment 
_entity.details 
1 polymer     man COLLAGENASE   9672.577 1   3.4.24.3 ? 'PKD-LIKE DOMAIN, RESIDUES 792-880' ? 
2 non-polymer syn 'CALCIUM ION' 40.078   1   ?        ? ?                                   ? 
3 water       nat water         18.015   134 ?        ? ?                                   ? 
# 
_entity_name_com.entity_id   1 
_entity_name_com.name        'COLLAGENASE G' 
# 
_entity_poly.entity_id                      1 
_entity_poly.type                           'polypeptide(L)' 
_entity_poly.nstd_linkage                   no 
_entity_poly.nstd_monomer                   no 
_entity_poly.pdbx_seq_one_letter_code       
;GGTISNNKAPIAKVTGPSTGAVGRNIEFSGKDSKDEDGKIVSYDWDFGDGATSRGKNSVHAYKKAGTYNVTLKVTDDKGA
TATESFTIEIKN
;
_entity_poly.pdbx_seq_one_letter_code_can   
;GGTISNNKAPIAKVTGPSTGAVGRNIEFSGKDSKDEDGKIVSYDWDFGDGATSRGKNSVHAYKKAGTYNVTLKVTDDKGA
TATESFTIEIKN
;
_entity_poly.pdbx_strand_id                 A 
_entity_poly.pdbx_target_identifier         ? 
# 
loop_
_entity_poly_seq.entity_id 
_entity_poly_seq.num 
_entity_poly_seq.mon_id 
_entity_poly_seq.hetero 
1 1  GLY n 
1 2  GLY n 
1 3  THR n 
1 4  ILE n 
1 5  SER n 
1 6  ASN n 
1 7  ASN n 
1 8  LYS n 
1 9  ALA n 
1 10 PRO n 
1 11 ILE n 
1 12 ALA n 
1 13 LYS n 
1 14 VAL n 
1 15 THR n 
1 16 GLY n 
1 17 PRO n 
1 18 SER n 
1 19 THR n 
1 20 GLY n 
1 21 ALA n 
1 22 VAL n 
1 23 GLY n 
1 24 ARG n 
1 25 ASN n 
1 26 ILE n 
1 27 GLU n 
1 28 PHE n 
1 29 SER n 
1 30 GLY n 
1 31 LYS n 
1 32 ASP n 
1 33 SER n 
1 34 LYS n 
1 35 ASP n 
1 36 GLU n 
1 37 ASP n 
1 38 GLY n 
1 39 LYS n 
1 40 ILE n 
1 41 VAL n 
1 42 SER n 
1 43 TYR n 
1 44 ASP n 
1 45 TRP n 
1 46 ASP n 
1 47 PHE n 
1 48 GLY n 
1 49 ASP n 
1 50 GLY n 
1 51 ALA n 
1 52 THR n 
1 53 SER n 
1 54 ARG n 
1 55 GLY n 
1 56 LYS n 
1 57 ASN n 
1 58 SER n 
1 59 VAL n 
1 60 HIS n 
1 61 ALA n 
1 62 TYR n 
1 63 LYS n 
1 64 LYS n 
1 65 ALA n 
1 66 GLY n 
1 67 THR n 
1 68 TYR n 
1 69 ASN n 
1 70 VAL n 
1 71 THR n 
1 72 LEU n 
1 73 LYS n 
1 74 VAL n 
1 75 THR n 
1 76 ASP n 
1 77 ASP n 
1 78 LYS n 
1 79 GLY n 
1 80 ALA n 
1 81 THR n 
1 82 ALA n 
1 83 THR n 
1 84 GLU n 
1 85 SER n 
1 86 PHE n 
1 87 THR n 
1 88 ILE n 
1 89 GLU n 
1 90 ILE n 
1 91 LYS n 
1 92 ASN n 
# 
_entity_src_gen.entity_id                          1 
_entity_src_gen.pdbx_src_id                        1 
_entity_src_gen.pdbx_alt_source_flag               sample 
_entity_src_gen.pdbx_seq_type                      ? 
_entity_src_gen.pdbx_beg_seq_num                   ? 
_entity_src_gen.pdbx_end_seq_num                   ? 
_entity_src_gen.gene_src_common_name               ? 
_entity_src_gen.gene_src_genus                     ? 
_entity_src_gen.pdbx_gene_src_gene                 ? 
_entity_src_gen.gene_src_species                   ? 
_entity_src_gen.gene_src_strain                    ? 
_entity_src_gen.gene_src_tissue                    ? 
_entity_src_gen.gene_src_tissue_fraction           ? 
_entity_src_gen.gene_src_details                   ? 
_entity_src_gen.pdbx_gene_src_fragment             ? 
_entity_src_gen.pdbx_gene_src_scientific_name      'CLOSTRIDIUM HISTOLYTICUM' 
_entity_src_gen.pdbx_gene_src_ncbi_taxonomy_id     1498 
_entity_src_gen.pdbx_gene_src_variant              ? 
_entity_src_gen.pdbx_gene_src_cell_line            ? 
_entity_src_gen.pdbx_gene_src_atcc                 ? 
_entity_src_gen.pdbx_gene_src_organ                ? 
_entity_src_gen.pdbx_gene_src_organelle            ? 
_entity_src_gen.pdbx_gene_src_cell                 ? 
_entity_src_gen.pdbx_gene_src_cellular_location    ? 
_entity_src_gen.host_org_common_name               ? 
_entity_src_gen.pdbx_host_org_scientific_name      'ESCHERICHIA COLI' 
_entity_src_gen.pdbx_host_org_ncbi_taxonomy_id     469008 
_entity_src_gen.host_org_genus                     ? 
_entity_src_gen.pdbx_host_org_gene                 ? 
_entity_src_gen.pdbx_host_org_organ                ? 
_entity_src_gen.host_org_species                   ? 
_entity_src_gen.pdbx_host_org_tissue               ? 
_entity_src_gen.pdbx_host_org_tissue_fraction      ? 
_entity_src_gen.pdbx_host_org_strain               'BL21(DE3)' 
_entity_src_gen.pdbx_host_org_variant              ? 
_entity_src_gen.pdbx_host_org_cell_line            ? 
_entity_src_gen.pdbx_host_org_atcc                 ? 
_entity_src_gen.pdbx_host_org_culture_collection   ? 
_entity_src_gen.pdbx_host_org_cell                 ? 
_entity_src_gen.pdbx_host_org_organelle            ? 
_entity_src_gen.pdbx_host_org_cellular_location    ? 
_entity_src_gen.pdbx_host_org_vector_type          PLASMID 
_entity_src_gen.pdbx_host_org_vector               ? 
_entity_src_gen.host_org_details                   ? 
_entity_src_gen.expression_system_id               ? 
_entity_src_gen.plasmid_name                       PET-15B 
_entity_src_gen.plasmid_details                    ? 
_entity_src_gen.pdbx_description                   ? 
# 
_struct_ref.id                         1 
_struct_ref.db_name                    UNP 
_struct_ref.db_code                    Q9X721_CLOHI 
_struct_ref.entity_id                  1 
_struct_ref.pdbx_seq_one_letter_code   ? 
_struct_ref.pdbx_align_begin           ? 
_struct_ref.pdbx_db_accession          Q9X721 
_struct_ref.pdbx_db_isoform            ? 
# 
_struct_ref_seq.align_id                      1 
_struct_ref_seq.ref_id                        1 
_struct_ref_seq.pdbx_PDB_id_code              4AQO 
_struct_ref_seq.pdbx_strand_id                A 
_struct_ref_seq.seq_align_beg                 4 
_struct_ref_seq.pdbx_seq_align_beg_ins_code   ? 
_struct_ref_seq.seq_align_end                 92 
_struct_ref_seq.pdbx_seq_align_end_ins_code   ? 
_struct_ref_seq.pdbx_db_accession             Q9X721 
_struct_ref_seq.db_align_beg                  792 
_struct_ref_seq.pdbx_db_align_beg_ins_code    ? 
_struct_ref_seq.db_align_end                  880 
_struct_ref_seq.pdbx_db_align_end_ins_code    ? 
_struct_ref_seq.pdbx_auth_seq_align_beg       792 
_struct_ref_seq.pdbx_auth_seq_align_end       880 
# 
loop_
_struct_ref_seq_dif.align_id 
_struct_ref_seq_dif.pdbx_pdb_id_code 
_struct_ref_seq_dif.mon_id 
_struct_ref_seq_dif.pdbx_pdb_strand_id 
_struct_ref_seq_dif.seq_num 
_struct_ref_seq_dif.pdbx_pdb_ins_code 
_struct_ref_seq_dif.pdbx_seq_db_name 
_struct_ref_seq_dif.pdbx_seq_db_accession_code 
_struct_ref_seq_dif.db_mon_id 
_struct_ref_seq_dif.pdbx_seq_db_seq_num 
_struct_ref_seq_dif.details 
_struct_ref_seq_dif.pdbx_auth_seq_num 
_struct_ref_seq_dif.pdbx_ordinal 
1 4AQO GLY A 1 ? UNP Q9X721 ? ? 'expression tag' 789 1 
1 4AQO GLY A 2 ? UNP Q9X721 ? ? 'expression tag' 790 2 
1 4AQO THR A 3 ? UNP Q9X721 ? ? 'expression tag' 791 3 
# 
loop_
_chem_comp.id 
_chem_comp.type 
_chem_comp.mon_nstd_flag 
_chem_comp.name 
_chem_comp.pdbx_synonyms 
_chem_comp.formula 
_chem_comp.formula_weight 
ALA 'L-peptide linking' y ALANINE         ? 'C3 H7 N O2'     89.093  
ARG 'L-peptide linking' y ARGININE        ? 'C6 H15 N4 O2 1' 175.209 
ASN 'L-peptide linking' y ASPARAGINE      ? 'C4 H8 N2 O3'    132.118 
ASP 'L-peptide linking' y 'ASPARTIC ACID' ? 'C4 H7 N O4'     133.103 
CA  non-polymer         . 'CALCIUM ION'   ? 'Ca 2'           40.078  
GLU 'L-peptide linking' y 'GLUTAMIC ACID' ? 'C5 H9 N O4'     147.129 
GLY 'peptide linking'   y GLYCINE         ? 'C2 H5 N O2'     75.067  
HIS 'L-peptide linking' y HISTIDINE       ? 'C6 H10 N3 O2 1' 156.162 
HOH non-polymer         . WATER           ? 'H2 O'           18.015  
ILE 'L-peptide linking' y ISOLEUCINE      ? 'C6 H13 N O2'    131.173 
LEU 'L-peptide linking' y LEUCINE         ? 'C6 H13 N O2'    131.173 
LYS 'L-peptide linking' y LYSINE          ? 'C6 H15 N2 O2 1' 147.195 
PHE 'L-peptide linking' y PHENYLALANINE   ? 'C9 H11 N O2'    165.189 
PRO 'L-peptide linking' y PROLINE         ? 'C5 H9 N O2'     115.130 
SER 'L-peptide linking' y SERINE          ? 'C3 H7 N O3'     105.093 
THR 'L-peptide linking' y THREONINE       ? 'C4 H9 N O3'     119.119 
TRP 'L-peptide linking' y TRYPTOPHAN      ? 'C11 H12 N2 O2'  204.225 
TYR 'L-peptide linking' y TYROSINE        ? 'C9 H11 N O3'    181.189 
VAL 'L-peptide linking' y VALINE          ? 'C5 H11 N O2'    117.146 
# 
_exptl.entry_id          4AQO 
_exptl.method            'X-RAY DIFFRACTION' 
_exptl.crystals_number   1 
# 
_exptl_crystal.id                    1 
_exptl_crystal.density_meas          ? 
_exptl_crystal.density_Matthews      1.79 
_exptl_crystal.density_percent_sol   31.4 
_exptl_crystal.description           NONE 
# 
_exptl_crystal_grow.crystal_id      1 
_exptl_crystal_grow.method          ? 
_exptl_crystal_grow.temp            ? 
_exptl_crystal_grow.temp_details    ? 
_exptl_crystal_grow.pH              ? 
_exptl_crystal_grow.pdbx_pH_range   ? 
_exptl_crystal_grow.pdbx_details    '0.1 M POTASSIUM THIOCYANATE, 30% W/V POLYETHYLENE GLYCOL MONOMETHYL ETHER 2000' 
# 
_diffrn.id                     1 
_diffrn.ambient_temp           100 
_diffrn.ambient_temp_details   ? 
_diffrn.crystal_id             1 
# 
_diffrn_detector.diffrn_id              1 
_diffrn_detector.detector               PIXEL 
_diffrn_detector.type                   'DECTRIS PILATUS 6M' 
_diffrn_detector.pdbx_collection_date   2011-07-24 
_diffrn_detector.details                ? 
# 
_diffrn_radiation.diffrn_id                        1 
_diffrn_radiation.wavelength_id                    1 
_diffrn_radiation.pdbx_monochromatic_or_laue_m_l   M 
_diffrn_radiation.monochromator                    ? 
_diffrn_radiation.pdbx_diffrn_protocol             'SINGLE WAVELENGTH' 
_diffrn_radiation.pdbx_scattering_type             x-ray 
# 
_diffrn_radiation_wavelength.id           1 
_diffrn_radiation_wavelength.wavelength   0.8856 
_diffrn_radiation_wavelength.wt           1.0 
# 
_diffrn_source.diffrn_id                   1 
_diffrn_source.source                      SYNCHROTRON 
_diffrn_source.type                        'ESRF BEAMLINE ID29' 
_diffrn_source.pdbx_synchrotron_site       ESRF 
_diffrn_source.pdbx_synchrotron_beamline   ID29 
_diffrn_source.pdbx_wavelength             0.8856 
_diffrn_source.pdbx_wavelength_list        ? 
# 
_reflns.pdbx_diffrn_id               1 
_reflns.pdbx_ordinal                 1 
_reflns.entry_id                     4AQO 
_reflns.observed_criterion_sigma_I   12.1 
_reflns.observed_criterion_sigma_F   ? 
_reflns.d_resolution_low             35.40 
_reflns.d_resolution_high            0.99 
_reflns.number_obs                   32608 
_reflns.number_all                   ? 
_reflns.percent_possible_obs         91.8 
_reflns.pdbx_Rmerge_I_obs            0.02 
_reflns.pdbx_Rsym_value              ? 
_reflns.pdbx_netI_over_sigmaI        27.30 
_reflns.B_iso_Wilson_estimate        5.4 
_reflns.pdbx_redundancy              3.4 
# 
_reflns_shell.pdbx_diffrn_id         1 
_reflns_shell.pdbx_ordinal           1 
_reflns_shell.d_res_high             0.99 
_reflns_shell.d_res_low              1.04 
_reflns_shell.percent_possible_all   77.1 
_reflns_shell.Rmerge_I_obs           0.06 
_reflns_shell.pdbx_Rsym_value        ? 
_reflns_shell.meanI_over_sigI_obs    12.10 
_reflns_shell.pdbx_redundancy        3.1 
# 
_refine.pdbx_refine_id                           'X-RAY DIFFRACTION' 
_refine.entry_id                                 4AQO 
_refine.pdbx_diffrn_id                           1 
_refine.pdbx_TLS_residual_ADP_flag               ? 
_refine.ls_number_reflns_obs                     30951 
_refine.ls_number_reflns_all                     ? 
_refine.pdbx_ls_sigma_I                          ? 
_refine.pdbx_ls_sigma_F                          . 
_refine.pdbx_data_cutoff_high_absF               ? 
_refine.pdbx_data_cutoff_low_absF                ? 
_refine.pdbx_data_cutoff_high_rms_absF           ? 
_refine.ls_d_res_low                             35.45 
_refine.ls_d_res_high                            0.99 
_refine.ls_percent_reflns_obs                    91.57 
_refine.ls_R_factor_obs                          0.12515 
_refine.ls_R_factor_all                          ? 
_refine.ls_R_factor_R_work                       0.12386 
_refine.ls_R_factor_R_free                       0.14998 
_refine.ls_R_factor_R_free_error                 ? 
_refine.ls_R_factor_R_free_error_details         ? 
_refine.ls_percent_reflns_R_free                 5.0 
_refine.ls_number_reflns_R_free                  1623 
_refine.ls_number_parameters                     ? 
_refine.ls_number_restraints                     ? 
_refine.occupancy_min                            ? 
_refine.occupancy_max                            ? 
_refine.correlation_coeff_Fo_to_Fc               0.976 
_refine.correlation_coeff_Fo_to_Fc_free          0.969 
_refine.B_iso_mean                               8.086 
_refine.aniso_B[1][1]                            -0.16 
_refine.aniso_B[2][2]                            -0.45 
_refine.aniso_B[3][3]                            0.59 
_refine.aniso_B[1][2]                            0.00 
_refine.aniso_B[1][3]                            -0.13 
_refine.aniso_B[2][3]                            0.00 
_refine.solvent_model_details                    MASK 
_refine.solvent_model_param_ksol                 ? 
_refine.solvent_model_param_bsol                 ? 
_refine.pdbx_solvent_vdw_probe_radii             1.20 
_refine.pdbx_solvent_ion_probe_radii             0.80 
_refine.pdbx_solvent_shrinkage_radii             0.80 
_refine.pdbx_ls_cross_valid_method               THROUGHOUT 
_refine.details                                  'HYDROGENS HAVE BEEN ADDED IN THE RIDING POSITIONS.' 
_refine.pdbx_starting_model                      'PDB ENTRY 2Y72' 
_refine.pdbx_method_to_determine_struct          'MOLECULAR REPLACEMENT' 
_refine.pdbx_isotropic_thermal_model             ? 
_refine.pdbx_stereochemistry_target_values       'MAXIMUM LIKELIHOOD' 
_refine.pdbx_stereochem_target_val_spec_case     ? 
_refine.pdbx_R_Free_selection_details            RANDOM 
_refine.pdbx_overall_ESU_R                       0.024 
_refine.pdbx_overall_ESU_R_Free                  0.025 
_refine.overall_SU_ML                            0.013 
_refine.pdbx_overall_phase_error                 ? 
_refine.overall_SU_B                             0.485 
_refine.overall_SU_R_Cruickshank_DPI             ? 
_refine.pdbx_overall_SU_R_free_Cruickshank_DPI   ? 
_refine.pdbx_overall_SU_R_Blow_DPI               ? 
_refine.pdbx_overall_SU_R_free_Blow_DPI          ? 
# 
_refine_hist.pdbx_refine_id                   'X-RAY DIFFRACTION' 
_refine_hist.cycle_id                         LAST 
_refine_hist.pdbx_number_atoms_protein        637 
_refine_hist.pdbx_number_atoms_nucleic_acid   0 
_refine_hist.pdbx_number_atoms_ligand         1 
_refine_hist.number_atoms_solvent             134 
_refine_hist.number_atoms_total               772 
_refine_hist.d_res_high                       0.99 
_refine_hist.d_res_low                        35.45 
# 
loop_
_refine_ls_restr.type 
_refine_ls_restr.dev_ideal 
_refine_ls_restr.dev_ideal_target 
_refine_ls_restr.weight 
_refine_ls_restr.number 
_refine_ls_restr.pdbx_refine_id 
_refine_ls_restr.pdbx_restraint_function 
r_bond_refined_d             0.013  0.020  ? 700  'X-RAY DIFFRACTION' ? 
r_bond_other_d               0.003  0.020  ? 456  'X-RAY DIFFRACTION' ? 
r_angle_refined_deg          1.545  1.941  ? 956  'X-RAY DIFFRACTION' ? 
r_angle_other_deg            0.802  3.000  ? 1136 'X-RAY DIFFRACTION' ? 
r_dihedral_angle_1_deg       6.902  5.000  ? 103  'X-RAY DIFFRACTION' ? 
r_dihedral_angle_2_deg       36.221 25.714 ? 28   'X-RAY DIFFRACTION' ? 
r_dihedral_angle_3_deg       9.293  15.000 ? 117  'X-RAY DIFFRACTION' ? 
r_dihedral_angle_4_deg       7.053  15.000 ? 2    'X-RAY DIFFRACTION' ? 
r_chiral_restr               0.094  0.200  ? 111  'X-RAY DIFFRACTION' ? 
r_gen_planes_refined         0.006  0.020  ? 814  'X-RAY DIFFRACTION' ? 
r_gen_planes_other           0.001  0.020  ? 136  'X-RAY DIFFRACTION' ? 
r_nbd_refined                ?      ?      ? ?    'X-RAY DIFFRACTION' ? 
r_nbd_other                  ?      ?      ? ?    'X-RAY DIFFRACTION' ? 
r_nbtor_refined              ?      ?      ? ?    'X-RAY DIFFRACTION' ? 
r_nbtor_other                ?      ?      ? ?    'X-RAY DIFFRACTION' ? 
r_xyhbond_nbd_refined        ?      ?      ? ?    'X-RAY DIFFRACTION' ? 
r_xyhbond_nbd_other          ?      ?      ? ?    'X-RAY DIFFRACTION' ? 
r_metal_ion_refined          ?      ?      ? ?    'X-RAY DIFFRACTION' ? 
r_metal_ion_other            ?      ?      ? ?    'X-RAY DIFFRACTION' ? 
r_symmetry_vdw_refined       ?      ?      ? ?    'X-RAY DIFFRACTION' ? 
r_symmetry_vdw_other         ?      ?      ? ?    'X-RAY DIFFRACTION' ? 
r_symmetry_hbond_refined     ?      ?      ? ?    'X-RAY DIFFRACTION' ? 
r_symmetry_hbond_other       ?      ?      ? ?    'X-RAY DIFFRACTION' ? 
r_symmetry_metal_ion_refined ?      ?      ? ?    'X-RAY DIFFRACTION' ? 
r_symmetry_metal_ion_other   ?      ?      ? ?    'X-RAY DIFFRACTION' ? 
r_mcbond_it                  ?      ?      ? ?    'X-RAY DIFFRACTION' ? 
r_mcbond_other               ?      ?      ? ?    'X-RAY DIFFRACTION' ? 
r_mcangle_it                 ?      ?      ? ?    'X-RAY DIFFRACTION' ? 
r_mcangle_other              ?      ?      ? ?    'X-RAY DIFFRACTION' ? 
r_scbond_it                  ?      ?      ? ?    'X-RAY DIFFRACTION' ? 
r_scbond_other               ?      ?      ? ?    'X-RAY DIFFRACTION' ? 
r_scangle_it                 ?      ?      ? ?    'X-RAY DIFFRACTION' ? 
r_scangle_other              ?      ?      ? ?    'X-RAY DIFFRACTION' ? 
r_long_range_B_refined       ?      ?      ? ?    'X-RAY DIFFRACTION' ? 
r_long_range_B_other         ?      ?      ? ?    'X-RAY DIFFRACTION' ? 
r_rigid_bond_restr           2.311  3.000  ? 1156 'X-RAY DIFFRACTION' ? 
r_sphericity_free            37.681 5.000  ? 21   'X-RAY DIFFRACTION' ? 
r_sphericity_bonded          5.284  5.000  ? 1244 'X-RAY DIFFRACTION' ? 
# 
_refine_ls_shell.pdbx_refine_id                   'X-RAY DIFFRACTION' 
_refine_ls_shell.pdbx_total_number_of_bins_used   20 
_refine_ls_shell.d_res_high                       0.990 
_refine_ls_shell.d_res_low                        1.016 
_refine_ls_shell.number_reflns_R_work             1674 
_refine_ls_shell.R_factor_R_work                  0.158 
_refine_ls_shell.percent_reflns_obs               66.53 
_refine_ls_shell.R_factor_R_free                  0.170 
_refine_ls_shell.R_factor_R_free_error            ? 
_refine_ls_shell.percent_reflns_R_free            ? 
_refine_ls_shell.number_reflns_R_free             79 
_refine_ls_shell.number_reflns_all                ? 
_refine_ls_shell.R_factor_all                     ? 
# 
_struct.entry_id                  4AQO 
_struct.title                     
'CRYSTAL STRUCTURE OF THE CALCIUM BOUND PKD-like DOMAIN OF COLLAGENASE G FROM CLOSTRIDIUM HISTOLYTICUM AT 0.99 ANGSTROM RESOLUTION.' 
_struct.pdbx_model_details        ? 
_struct.pdbx_CASP_flag            ? 
_struct.pdbx_model_type_details   ? 
# 
_struct_keywords.entry_id        4AQO 
_struct_keywords.pdbx_keywords   HYDROLASE 
_struct_keywords.text            'HYDROLASE, PKD-LIKE DOMAIN, COLLAGENOLYSIS, COLLAGEN, RECRUITMENT, TWO- TIERED BETA BARREL' 
# 
loop_
_struct_asym.id 
_struct_asym.pdbx_blank_PDB_chainid_flag 
_struct_asym.pdbx_modified 
_struct_asym.entity_id 
_struct_asym.details 
A N N 1 ? 
B N N 2 ? 
C N N 3 ? 
# 
_struct_biol.id   1 
# 
loop_
_struct_conn.id 
_struct_conn.conn_type_id 
_struct_conn.pdbx_leaving_atom_flag 
_struct_conn.pdbx_PDB_id 
_struct_conn.ptnr1_label_asym_id 
_struct_conn.ptnr1_label_comp_id 
_struct_conn.ptnr1_label_seq_id 
_struct_conn.ptnr1_label_atom_id 
_struct_conn.pdbx_ptnr1_label_alt_id 
_struct_conn.pdbx_ptnr1_PDB_ins_code 
_struct_conn.pdbx_ptnr1_standard_comp_id 
_struct_conn.ptnr1_symmetry 
_struct_conn.ptnr2_label_asym_id 
_struct_conn.ptnr2_label_comp_id 
_struct_conn.ptnr2_label_seq_id 
_struct_conn.ptnr2_label_atom_id 
_struct_conn.pdbx_ptnr2_label_alt_id 
_struct_conn.pdbx_ptnr2_PDB_ins_code 
_struct_conn.ptnr1_auth_asym_id 
_struct_conn.ptnr1_auth_comp_id 
_struct_conn.ptnr1_auth_seq_id 
_struct_conn.ptnr2_auth_asym_id 
_struct_conn.ptnr2_auth_comp_id 
_struct_conn.ptnr2_auth_seq_id 
_struct_conn.ptnr2_symmetry 
_struct_conn.pdbx_ptnr3_label_atom_id 
_struct_conn.pdbx_ptnr3_label_seq_id 
_struct_conn.pdbx_ptnr3_label_comp_id 
_struct_conn.pdbx_ptnr3_label_asym_id 
_struct_conn.pdbx_ptnr3_label_alt_id 
_struct_conn.pdbx_ptnr3_PDB_ins_code 
_struct_conn.details 
_struct_conn.pdbx_dist_value 
_struct_conn.pdbx_value_order 
_struct_conn.pdbx_role 
metalc1 metalc ? ? A ASN 7  OD1 ? ? ? 1_555 B CA  . CA ? ? A ASN 795  A CA  1881 1_555 ? ? ? ? ? ? ? 2.428 ? ? 
metalc2 metalc ? ? A LYS 8  O   ? ? ? 1_555 B CA  . CA ? ? A LYS 796  A CA  1881 1_555 ? ? ? ? ? ? ? 2.361 ? ? 
metalc3 metalc ? ? A ASP 35 OD1 ? ? ? 1_555 B CA  . CA ? ? A ASP 823  A CA  1881 1_555 ? ? ? ? ? ? ? 2.425 ? ? 
metalc4 metalc ? ? A ASP 35 OD2 ? ? ? 1_555 B CA  . CA ? ? A ASP 823  A CA  1881 1_555 ? ? ? ? ? ? ? 2.427 ? ? 
metalc5 metalc ? ? A ASP 37 OD1 ? ? ? 1_555 B CA  . CA ? ? A ASP 825  A CA  1881 1_555 ? ? ? ? ? ? ? 2.294 ? ? 
metalc6 metalc ? ? A ASP 76 OD2 ? ? ? 1_555 B CA  . CA ? ? A ASP 864  A CA  1881 1_555 ? ? ? ? ? ? ? 2.352 ? ? 
metalc7 metalc ? ? B CA  .  CA  ? ? ? 1_555 C HOH . O  ? ? A CA  1881 A HOH 2019 1_555 ? ? ? ? ? ? ? 2.434 ? ? 
# 
_struct_conn_type.id          metalc 
_struct_conn_type.criteria    ? 
_struct_conn_type.reference   ? 
# 
loop_
_struct_sheet.id 
_struct_sheet.type 
_struct_sheet.number_strands 
_struct_sheet.details 
AA ? 5 ? 
AB ? 2 ? 
# 
loop_
_struct_sheet_order.sheet_id 
_struct_sheet_order.range_id_1 
_struct_sheet_order.range_id_2 
_struct_sheet_order.offset 
_struct_sheet_order.sense 
AA 1 2 ? parallel      
AA 2 3 ? anti-parallel 
AA 3 4 ? anti-parallel 
AA 4 5 ? anti-parallel 
AB 1 2 ? anti-parallel 
# 
loop_
_struct_sheet_range.sheet_id 
_struct_sheet_range.id 
_struct_sheet_range.beg_label_comp_id 
_struct_sheet_range.beg_label_asym_id 
_struct_sheet_range.beg_label_seq_id 
_struct_sheet_range.pdbx_beg_PDB_ins_code 
_struct_sheet_range.end_label_comp_id 
_struct_sheet_range.end_label_asym_id 
_struct_sheet_range.end_label_seq_id 
_struct_sheet_range.pdbx_end_PDB_ins_code 
_struct_sheet_range.beg_auth_comp_id 
_struct_sheet_range.beg_auth_asym_id 
_struct_sheet_range.beg_auth_seq_id 
_struct_sheet_range.end_auth_comp_id 
_struct_sheet_range.end_auth_asym_id 
_struct_sheet_range.end_auth_seq_id 
AA 1 THR A 19 ? ALA A 21 ? THR A 807 ALA A 809 
AA 2 THR A 81 ? LYS A 91 ? THR A 869 LYS A 879 
AA 3 GLY A 66 ? ASP A 76 ? GLY A 854 ASP A 864 
AA 4 ILE A 40 ? ASP A 46 ? ILE A 828 ASP A 834 
AA 5 THR A 52 ? ARG A 54 ? THR A 840 ARG A 842 
AB 1 ASN A 25 ? SER A 29 ? ASN A 813 SER A 817 
AB 2 ASN A 57 ? ALA A 61 ? ASN A 845 ALA A 849 
# 
loop_
_pdbx_struct_sheet_hbond.sheet_id 
_pdbx_struct_sheet_hbond.range_id_1 
_pdbx_struct_sheet_hbond.range_id_2 
_pdbx_struct_sheet_hbond.range_1_label_atom_id 
_pdbx_struct_sheet_hbond.range_1_label_comp_id 
_pdbx_struct_sheet_hbond.range_1_label_asym_id 
_pdbx_struct_sheet_hbond.range_1_label_seq_id 
_pdbx_struct_sheet_hbond.range_1_PDB_ins_code 
_pdbx_struct_sheet_hbond.range_1_auth_atom_id 
_pdbx_struct_sheet_hbond.range_1_auth_comp_id 
_pdbx_struct_sheet_hbond.range_1_auth_asym_id 
_pdbx_struct_sheet_hbond.range_1_auth_seq_id 
_pdbx_struct_sheet_hbond.range_2_label_atom_id 
_pdbx_struct_sheet_hbond.range_2_label_comp_id 
_pdbx_struct_sheet_hbond.range_2_label_asym_id 
_pdbx_struct_sheet_hbond.range_2_label_seq_id 
_pdbx_struct_sheet_hbond.range_2_PDB_ins_code 
_pdbx_struct_sheet_hbond.range_2_auth_atom_id 
_pdbx_struct_sheet_hbond.range_2_auth_comp_id 
_pdbx_struct_sheet_hbond.range_2_auth_asym_id 
_pdbx_struct_sheet_hbond.range_2_auth_seq_id 
AA 1 2 N GLY A 20 ? N GLY A 808 O GLU A 89 ? O GLU A 877 
AA 2 3 N ILE A 90 ? N ILE A 878 O GLY A 66 ? O GLY A 854 
AA 3 4 O THR A 75 ? O THR A 863 N VAL A 41 ? N VAL A 829 
AA 4 5 N TRP A 45 ? N TRP A 833 O SER A 53 ? O SER A 841 
AB 1 2 N PHE A 28 ? N PHE A 816 O SER A 58 ? O SER A 846 
# 
_struct_site.id                   AC1 
_struct_site.pdbx_evidence_code   Software 
_struct_site.pdbx_auth_asym_id    A 
_struct_site.pdbx_auth_comp_id    CA 
_struct_site.pdbx_auth_seq_id     1881 
_struct_site.pdbx_auth_ins_code   ? 
_struct_site.pdbx_num_residues    6 
_struct_site.details              'BINDING SITE FOR RESIDUE CA A 1881' 
# 
loop_
_struct_site_gen.id 
_struct_site_gen.site_id 
_struct_site_gen.pdbx_num_res 
_struct_site_gen.label_comp_id 
_struct_site_gen.label_asym_id 
_struct_site_gen.label_seq_id 
_struct_site_gen.pdbx_auth_ins_code 
_struct_site_gen.auth_comp_id 
_struct_site_gen.auth_asym_id 
_struct_site_gen.auth_seq_id 
_struct_site_gen.label_atom_id 
_struct_site_gen.label_alt_id 
_struct_site_gen.symmetry 
_struct_site_gen.details 
1 AC1 6 ASN A 7  ? ASN A 795  . ? 1_555 ? 
2 AC1 6 LYS A 8  ? LYS A 796  . ? 1_555 ? 
3 AC1 6 ASP A 35 ? ASP A 823  . ? 1_555 ? 
4 AC1 6 ASP A 37 ? ASP A 825  . ? 1_555 ? 
5 AC1 6 ASP A 76 ? ASP A 864  . ? 1_555 ? 
6 AC1 6 HOH C .  ? HOH A 2019 . ? 1_555 ? 
# 
_atom_sites.entry_id                    4AQO 
_atom_sites.fract_transf_matrix[1][1]   0.01605915 
_atom_sites.fract_transf_matrix[1][2]   -0.03442863 
_atom_sites.fract_transf_matrix[1][3]   -0.03378196 
_atom_sites.fract_transf_matrix[2][1]   0.00788182 
_atom_sites.fract_transf_matrix[2][2]   0.00985675 
_atom_sites.fract_transf_matrix[2][3]   -0.00629861 
_atom_sites.fract_transf_matrix[3][1]   0.03403729 
_atom_sites.fract_transf_matrix[3][2]   -0.01250586 
_atom_sites.fract_transf_matrix[3][3]   0.02302231 
_atom_sites.fract_transf_vector[1]      0.234458 
_atom_sites.fract_transf_vector[2]      0.100366 
_atom_sites.fract_transf_vector[3]      0.258082 
# 
loop_
_atom_type.symbol 
C  
CA 
N  
O  
# 
loop_
_atom_site.group_PDB 
_atom_site.id 
_atom_site.type_symbol 
_atom_site.label_atom_id 
_atom_site.label_alt_id 
_atom_site.label_comp_id 
_atom_site.label_asym_id 
_atom_site.label_entity_id 
_atom_site.label_seq_id 
_atom_site.pdbx_PDB_ins_code 
_atom_site.Cartn_x 
_atom_site.Cartn_y 
_atom_site.Cartn_z 
_atom_site.occupancy 
_atom_site.B_iso_or_equiv 
_atom_site.pdbx_formal_charge 
_atom_site.auth_seq_id 
_atom_site.auth_comp_id 
_atom_site.auth_asym_id 
_atom_site.auth_atom_id 
_atom_site.pdbx_PDB_model_num 
ATOM   1   N  N   . ASN A 1 7  ? -13.571 -16.135 12.619  1.00 10.26 ? 795  ASN A N   1 
ATOM   2   C  CA  . ASN A 1 7  ? -12.439 -15.370 12.146  1.00 7.75  ? 795  ASN A CA  1 
ATOM   3   C  C   . ASN A 1 7  ? -12.727 -13.900 12.327  1.00 6.85  ? 795  ASN A C   1 
ATOM   4   O  O   . ASN A 1 7  ? -13.868 -13.436 12.183  1.00 8.94  ? 795  ASN A O   1 
ATOM   5   C  CB  . ASN A 1 7  ? -12.226 -15.620 10.658  1.00 9.16  ? 795  ASN A CB  1 
ATOM   6   C  CG  . ASN A 1 7  ? -11.019 -14.876 10.115  1.00 7.29  ? 795  ASN A CG  1 
ATOM   7   O  OD1 . ASN A 1 7  ? -9.930  -14.912 10.704  1.00 7.51  ? 795  ASN A OD1 1 
ATOM   8   N  ND2 . ASN A 1 7  ? -11.210 -14.176 8.996   1.00 7.02  ? 795  ASN A ND2 1 
ATOM   9   N  N   . LYS A 1 8  ? -11.668 -13.141 12.550  1.00 6.17  ? 796  LYS A N   1 
ATOM   10  C  CA  . LYS A 1 8  ? -11.709 -11.697 12.432  1.00 6.59  ? 796  LYS A CA  1 
ATOM   11  C  C   . LYS A 1 8  ? -10.865 -11.275 11.245  1.00 5.46  ? 796  LYS A C   1 
ATOM   12  O  O   . LYS A 1 8  ? -9.779  -11.831 10.977  1.00 5.80  ? 796  LYS A O   1 
ATOM   13  C  CB  . LYS A 1 8  ? -11.283 -11.001 13.704  1.00 9.21  ? 796  LYS A CB  1 
ATOM   14  C  CG  . LYS A 1 8  ? -12.304 -11.161 14.851  1.00 10.93 ? 796  LYS A CG  1 
ATOM   15  C  CD  . LYS A 1 8  ? -13.713 -10.626 14.577  1.00 12.28 ? 796  LYS A CD  1 
ATOM   16  C  CE  . LYS A 1 8  ? -14.569 -10.366 15.812  1.00 14.67 ? 796  LYS A CE  1 
ATOM   17  N  NZ  . LYS A 1 8  ? -14.896 -11.652 16.464  1.00 16.94 ? 796  LYS A NZ  1 
ATOM   18  N  N   . ALA A 1 9  ? -11.368 -10.295 10.503  1.00 5.48  ? 797  ALA A N   1 
ATOM   19  C  CA  . ALA A 1 9  ? -10.629 -9.753  9.375   1.00 5.24  ? 797  ALA A CA  1 
ATOM   20  C  C   . ALA A 1 9  ? -9.378  -9.018  9.867   1.00 5.00  ? 797  ALA A C   1 
ATOM   21  O  O   . ALA A 1 9  ? -9.363  -8.485  10.984  1.00 6.21  ? 797  ALA A O   1 
ATOM   22  C  CB  . ALA A 1 9  ? -11.516 -8.787  8.593   1.00 6.05  ? 797  ALA A CB  1 
ATOM   23  N  N   . PRO A 1 10 ? -8.342  -8.957  9.032   1.00 5.00  ? 798  PRO A N   1 
ATOM   24  C  CA  . PRO A 1 10 ? -7.117  -8.247  9.374   1.00 5.21  ? 798  PRO A CA  1 
ATOM   25  C  C   . PRO A 1 10 ? -7.320  -6.733  9.325   1.00 5.12  ? 798  PRO A C   1 
ATOM   26  O  O   . PRO A 1 10 ? -8.377  -6.264  8.887   1.00 5.54  ? 798  PRO A O   1 
ATOM   27  C  CB  . PRO A 1 10 ? -6.146  -8.731  8.270   1.00 5.96  ? 798  PRO A CB  1 
ATOM   28  C  CG  . PRO A 1 10 ? -7.033  -8.966  7.095   1.00 5.57  ? 798  PRO A CG  1 
ATOM   29  C  CD  . PRO A 1 10 ? -8.290  -9.556  7.690   1.00 5.09  ? 798  PRO A CD  1 
ATOM   30  N  N   . ILE A 1 11 ? -6.295  -5.988  9.732   1.00 5.60  ? 799  ILE A N   1 
ATOM   31  C  CA  . ILE A 1 11 ? -6.282  -4.525  9.668   1.00 5.89  ? 799  ILE A CA  1 
ATOM   32  C  C   . ILE A 1 11 ? -5.046  -4.114  8.873   1.00 5.97  ? 799  ILE A C   1 
ATOM   33  O  O   . ILE A 1 11 ? -3.922  -4.483  9.197   1.00 7.24  ? 799  ILE A O   1 
ATOM   34  C  CB  . ILE A 1 11 ? -6.288  -3.916  11.079  1.00 7.44  ? 799  ILE A CB  1 
ATOM   35  C  CG1 . ILE A 1 11 ? -7.561  -4.353  11.830  1.00 8.31  ? 799  ILE A CG1 1 
ATOM   36  C  CG2 . ILE A 1 11 ? -6.193  -2.388  10.983  1.00 9.14  ? 799  ILE A CG2 1 
ATOM   37  C  CD1 . ILE A 1 11 ? -7.635  -3.895  13.279  1.00 11.08 ? 799  ILE A CD1 1 
ATOM   38  N  N   . ALA A 1 12 ? -5.277  -3.343  7.809   1.00 5.31  ? 800  ALA A N   1 
ATOM   39  C  CA  . ALA A 1 12 ? -4.202  -2.857  6.945   1.00 5.63  ? 800  ALA A CA  1 
ATOM   40  C  C   . ALA A 1 12 ? -3.474  -1.669  7.580   1.00 6.08  ? 800  ALA A C   1 
ATOM   41  O  O   . ALA A 1 12 ? -4.118  -0.785  8.139   1.00 7.56  ? 800  ALA A O   1 
ATOM   42  C  CB  . ALA A 1 12 ? -4.798  -2.417  5.603   1.00 6.41  ? 800  ALA A CB  1 
ATOM   43  N  N   . LYS A 1 13 ? -2.144  -1.630  7.467   1.00 5.92  ? 801  LYS A N   1 
ATOM   44  C  CA  A LYS A 1 13 ? -1.362  -0.470  7.928   0.50 6.56  ? 801  LYS A CA  1 
ATOM   45  C  CA  B LYS A 1 13 ? -1.400  -0.443  7.839   0.50 6.65  ? 801  LYS A CA  1 
ATOM   46  C  C   . LYS A 1 13 ? -0.241  -0.246  6.904   1.00 7.04  ? 801  LYS A C   1 
ATOM   47  O  O   . LYS A 1 13 ? 0.575   -1.143  6.699   1.00 8.67  ? 801  LYS A O   1 
ATOM   48  C  CB  A LYS A 1 13 ? -0.826  -0.675  9.382   0.75 7.70  ? 801  LYS A CB  1 
ATOM   49  C  CB  B LYS A 1 13 ? -0.880  -0.567  9.267   0.25 7.99  ? 801  LYS A CB  1 
ATOM   50  C  CG  A LYS A 1 13 ? -1.932  -0.932  10.419  0.75 8.21  ? 801  LYS A CG  1 
ATOM   51  C  CG  B LYS A 1 13 ? -0.286  0.719   9.813   0.25 9.41  ? 801  LYS A CG  1 
ATOM   52  C  CD  A LYS A 1 13 ? -1.406  -1.065  11.843  0.75 9.90  ? 801  LYS A CD  1 
ATOM   53  C  CE  A LYS A 1 13 ? -2.532  -1.233  12.847  0.75 11.85 ? 801  LYS A CE  1 
ATOM   54  N  NZ  A LYS A 1 13 ? -3.626  -0.239  12.635  0.75 14.63 ? 801  LYS A NZ  1 
ATOM   55  N  N   . VAL A 1 14 ? -0.192  0.954   6.322   1.00 7.22  ? 802  VAL A N   1 
ATOM   56  C  CA  . VAL A 1 14 ? 0.855   1.346   5.380   1.00 7.97  ? 802  VAL A CA  1 
ATOM   57  C  C   . VAL A 1 14 ? 1.933   2.149   6.109   1.00 7.73  ? 802  VAL A C   1 
ATOM   58  O  O   . VAL A 1 14 ? 1.624   3.062   6.885   1.00 8.65  ? 802  VAL A O   1 
ATOM   59  C  CB  . VAL A 1 14 ? 0.263   2.232   4.236   1.00 8.66  ? 802  VAL A CB  1 
ATOM   60  C  CG1 . VAL A 1 14 ? 1.342   2.786   3.309   1.00 9.98  ? 802  VAL A CG1 1 
ATOM   61  C  CG2 . VAL A 1 14 ? -0.793  1.457   3.457   1.00 10.40 ? 802  VAL A CG2 1 
ATOM   62  N  N   . THR A 1 15 ? 3.193   1.819   5.845   1.00 8.54  ? 803  THR A N   1 
ATOM   63  C  CA  . THR A 1 15 ? 4.272   2.702   6.215   1.00 10.17 ? 803  THR A CA  1 
ATOM   64  C  C   . THR A 1 15 ? 5.025   3.094   4.942   1.00 10.03 ? 803  THR A C   1 
ATOM   65  O  O   . THR A 1 15 ? 5.178   2.318   3.992   1.00 12.43 ? 803  THR A O   1 
ATOM   66  C  CB  . THR A 1 15 ? 5.233   2.116   7.265   1.00 13.40 ? 803  THR A CB  1 
ATOM   67  O  OG1 . THR A 1 15 ? 5.741   0.880   6.807   1.00 15.78 ? 803  THR A OG1 1 
ATOM   68  C  CG2 . THR A 1 15 ? 4.548   1.920   8.599   1.00 16.51 ? 803  THR A CG2 1 
ATOM   69  N  N   . GLY A 1 16 ? 5.439   4.341   4.923   1.00 13.00 ? 804  GLY A N   1 
ATOM   70  C  CA  . GLY A 1 16 ? 6.139   4.868   3.784   1.00 15.11 ? 804  GLY A CA  1 
ATOM   71  C  C   . GLY A 1 16 ? 5.980   6.365   3.765   1.00 14.47 ? 804  GLY A C   1 
ATOM   72  O  O   . GLY A 1 16 ? 5.339   6.937   4.668   1.00 14.23 ? 804  GLY A O   1 
ATOM   73  N  N   . PRO A 1 17 ? 6.544   7.002   2.744   1.00 13.29 ? 805  PRO A N   1 
ATOM   74  C  CA  . PRO A 1 17 ? 6.501   8.455   2.708   1.00 12.58 ? 805  PRO A CA  1 
ATOM   75  C  C   . PRO A 1 17 ? 5.138   8.972   2.339   1.00 10.53 ? 805  PRO A C   1 
ATOM   76  O  O   . PRO A 1 17 ? 4.427   8.342   1.552   1.00 12.40 ? 805  PRO A O   1 
ATOM   77  C  CB  . PRO A 1 17 ? 7.498   8.815   1.611   1.00 15.56 ? 805  PRO A CB  1 
ATOM   78  C  CG  . PRO A 1 17 ? 7.600   7.615   0.770   1.00 19.99 ? 805  PRO A CG  1 
ATOM   79  C  CD  . PRO A 1 17 ? 7.341   6.433   1.647   1.00 16.33 ? 805  PRO A CD  1 
ATOM   80  N  N   . SER A 1 18 ? 4.824   10.151  2.870   1.00 9.43  ? 806  SER A N   1 
ATOM   81  C  CA  . SER A 1 18 ? 3.619   10.883  2.493   1.00 9.52  ? 806  SER A CA  1 
ATOM   82  C  C   . SER A 1 18 ? 3.891   11.994  1.454   1.00 7.13  ? 806  SER A C   1 
ATOM   83  O  O   . SER A 1 18 ? 2.944   12.583  0.946   1.00 7.29  ? 806  SER A O   1 
ATOM   84  C  CB  . SER A 1 18 ? 2.930   11.443  3.736   1.00 13.10 ? 806  SER A CB  1 
ATOM   85  O  OG  . SER A 1 18 ? 3.872   12.103  4.541   1.00 18.47 ? 806  SER A OG  1 
ATOM   86  N  N   . THR A 1 19 ? 5.173   12.217  1.140   1.00 6.67  ? 807  THR A N   1 
ATOM   87  C  CA  . THR A 1 19 ? 5.603   13.074  0.019   1.00 6.25  ? 807  THR A CA  1 
ATOM   88  C  C   . THR A 1 19 ? 6.736   12.381  -0.719  1.00 5.96  ? 807  THR A C   1 
ATOM   89  O  O   . THR A 1 19 ? 7.605   11.791  -0.101  1.00 7.14  ? 807  THR A O   1 
ATOM   90  C  CB  . THR A 1 19 ? 6.091   14.452  0.502   1.00 6.95  ? 807  THR A CB  1 
ATOM   91  O  OG1 . THR A 1 19 ? 5.027   15.086  1.204   1.00 8.89  ? 807  THR A OG1 1 
ATOM   92  C  CG2 . THR A 1 19 ? 6.514   15.349  -0.635  1.00 7.89  ? 807  THR A CG2 1 
ATOM   93  N  N   . GLY A 1 20 ? 6.717   12.503  -2.048  1.00 5.92  ? 808  GLY A N   1 
ATOM   94  C  CA  . GLY A 1 20 ? 7.811   12.069  -2.872  1.00 5.98  ? 808  GLY A CA  1 
ATOM   95  C  C   . GLY A 1 20 ? 7.937   12.968  -4.064  1.00 5.47  ? 808  GLY A C   1 
ATOM   96  O  O   . GLY A 1 20 ? 7.243   13.970  -4.183  1.00 6.89  ? 808  GLY A O   1 
ATOM   97  N  N   . ALA A 1 21 ? 8.806   12.600  -4.986  1.00 6.17  ? 809  ALA A N   1 
ATOM   98  C  CA  . ALA A 1 21 ? 9.117   13.416  -6.144  1.00 6.22  ? 809  ALA A CA  1 
ATOM   99  C  C   . ALA A 1 21 ? 8.896   12.629  -7.429  1.00 5.68  ? 809  ALA A C   1 
ATOM   100 O  O   . ALA A 1 21 ? 9.015   11.426  -7.464  1.00 5.81  ? 809  ALA A O   1 
ATOM   101 C  CB  . ALA A 1 21 ? 10.551  13.940  -6.086  1.00 7.88  ? 809  ALA A CB  1 
ATOM   102 N  N   . VAL A 1 22 ? 8.550   13.371  -8.476  1.00 6.35  ? 810  VAL A N   1 
ATOM   103 C  CA  A VAL A 1 22 ? 8.255   12.758  -9.768  0.34 6.61  ? 810  VAL A CA  1 
ATOM   104 C  CA  B VAL A 1 22 ? 8.269   12.781  -9.809  0.33 6.38  ? 810  VAL A CA  1 
ATOM   105 C  CA  C VAL A 1 22 ? 8.224   12.766  -9.723  0.33 6.56  ? 810  VAL A CA  1 
ATOM   106 C  C   . VAL A 1 22 ? 9.392   11.893  -10.237 1.00 6.23  ? 810  VAL A C   1 
ATOM   107 O  O   . VAL A 1 22 ? 10.565  12.274  -10.175 1.00 7.17  ? 810  VAL A O   1 
ATOM   108 C  CB  A VAL A 1 22 ? 7.973   13.784  -10.878 0.34 7.80  ? 810  VAL A CB  1 
ATOM   109 C  CB  B VAL A 1 22 ? 8.088   13.839  -10.934 0.33 6.75  ? 810  VAL A CB  1 
ATOM   110 C  CB  C VAL A 1 22 ? 7.798   13.884  -10.682 0.33 8.07  ? 810  VAL A CB  1 
ATOM   111 C  CG1 A VAL A 1 22 ? 6.528   14.231  -10.790 0.33 7.09  ? 810  VAL A CG1 1 
ATOM   112 C  CG1 B VAL A 1 22 ? 8.015   13.202  -12.342 0.33 6.44  ? 810  VAL A CG1 1 
ATOM   113 C  CG1 C VAL A 1 22 ? 9.000   14.665  -11.168 0.33 9.11  ? 810  VAL A CG1 1 
ATOM   114 C  CG2 A VAL A 1 22 ? 8.927   14.967  -10.807 0.34 8.44  ? 810  VAL A CG2 1 
ATOM   115 C  CG2 B VAL A 1 22 ? 6.820   14.631  -10.655 0.33 6.43  ? 810  VAL A CG2 1 
ATOM   116 C  CG2 C VAL A 1 22 ? 7.030   13.314  -11.845 0.33 7.88  ? 810  VAL A CG2 1 
ATOM   117 N  N   . GLY A 1 23 ? 9.042   10.699  -10.699 1.00 6.77  ? 811  GLY A N   1 
ATOM   118 C  CA  . GLY A 1 23 ? 10.006  9.795   -11.304 1.00 7.61  ? 811  GLY A CA  1 
ATOM   119 C  C   . GLY A 1 23 ? 10.810  8.975   -10.329 1.00 7.80  ? 811  GLY A C   1 
ATOM   120 O  O   . GLY A 1 23 ? 11.565  8.093   -10.757 1.00 10.73 ? 811  GLY A O   1 
ATOM   121 N  N   . ARG A 1 24 ? 10.735  9.275   -9.030  1.00 6.90  ? 812  ARG A N   1 
ATOM   122 C  CA  . ARG A 1 24 ? 11.522  8.561   -8.044  1.00 7.91  ? 812  ARG A CA  1 
ATOM   123 C  C   . ARG A 1 24 ? 10.723  7.380   -7.499  1.00 7.71  ? 812  ARG A C   1 
ATOM   124 O  O   . ARG A 1 24 ? 9.491   7.399   -7.339  1.00 8.92  ? 812  ARG A O   1 
ATOM   125 C  CB  . ARG A 1 24 ? 12.007  9.524   -6.993  1.00 9.40  ? 812  ARG A CB  1 
ATOM   126 C  CG  . ARG A 1 24 ? 12.776  10.691  -7.616  1.00 9.45  ? 812  ARG A CG  1 
ATOM   127 C  CD  . ARG A 1 24 ? 13.546  11.438  -6.586  1.00 10.10 ? 812  ARG A CD  1 
ATOM   128 N  NE  . ARG A 1 24 ? 13.991  12.704  -7.132  1.00 10.46 ? 812  ARG A NE  1 
ATOM   129 C  CZ  . ARG A 1 24 ? 14.858  13.529  -6.546  1.00 11.28 ? 812  ARG A CZ  1 
ATOM   130 N  NH1 . ARG A 1 24 ? 15.407  13.188  -5.412  1.00 12.21 ? 812  ARG A NH1 1 
ATOM   131 N  NH2 . ARG A 1 24 ? 15.189  14.686  -7.131  1.00 13.83 ? 812  ARG A NH2 1 
ATOM   132 N  N   . ASN A 1 25 ? 11.445  6.315   -7.178  1.00 7.27  ? 813  ASN A N   1 
ATOM   133 C  CA  . ASN A 1 25 ? 10.807  5.130   -6.645  1.00 7.65  ? 813  ASN A CA  1 
ATOM   134 C  C   . ASN A 1 25 ? 10.418  5.320   -5.191  1.00 8.74  ? 813  ASN A C   1 
ATOM   135 O  O   . ASN A 1 25 ? 11.252  5.568   -4.351  1.00 12.62 ? 813  ASN A O   1 
ATOM   136 C  CB  . ASN A 1 25 ? 11.759  3.964   -6.783  1.00 8.57  ? 813  ASN A CB  1 
ATOM   137 C  CG  . ASN A 1 25 ? 11.879  3.523   -8.207  1.00 8.39  ? 813  ASN A CG  1 
ATOM   138 O  OD1 . ASN A 1 25 ? 10.996  2.836   -8.709  1.00 11.89 ? 813  ASN A OD1 1 
ATOM   139 N  ND2 . ASN A 1 25 ? 12.975  3.870   -8.859  1.00 9.44  ? 813  ASN A ND2 1 
ATOM   140 N  N   . ILE A 1 26 ? 9.132   5.239   -4.917  1.00 8.48  ? 814  ILE A N   1 
ATOM   141 C  CA  . ILE A 1 26 ? 8.586   5.363   -3.591  1.00 9.22  ? 814  ILE A CA  1 
ATOM   142 C  C   . ILE A 1 26 ? 8.454   3.963   -3.002  1.00 8.21  ? 814  ILE A C   1 
ATOM   143 O  O   . ILE A 1 26 ? 7.829   3.105   -3.604  1.00 9.39  ? 814  ILE A O   1 
ATOM   144 C  CB  . ILE A 1 26 ? 7.168   6.020   -3.608  1.00 9.99  ? 814  ILE A CB  1 
ATOM   145 C  CG1 . ILE A 1 26 ? 7.076   7.285   -4.481  1.00 9.94  ? 814  ILE A CG1 1 
ATOM   146 C  CG2 . ILE A 1 26 ? 6.797   6.324   -2.161  1.00 11.82 ? 814  ILE A CG2 1 
ATOM   147 C  CD1 . ILE A 1 26 ? 8.132   8.294   -4.119  1.00 11.42 ? 814  ILE A CD1 1 
ATOM   148 N  N   . GLU A 1 27 ? 9.015   3.764   -1.820  1.00 8.76  ? 815  GLU A N   1 
ATOM   149 C  CA  . GLU A 1 27 ? 9.001   2.478   -1.133  1.00 8.82  ? 815  GLU A CA  1 
ATOM   150 C  C   . GLU A 1 27 ? 7.882   2.450   -0.089  1.00 8.81  ? 815  GLU A C   1 
ATOM   151 O  O   . GLU A 1 27 ? 7.879   3.283   0.822   1.00 10.81 ? 815  GLU A O   1 
ATOM   152 C  CB  . GLU A 1 27 ? 10.376  2.259   -0.468  1.00 10.86 ? 815  GLU A CB  1 
ATOM   153 C  CG  . GLU A 1 27 ? 11.505  2.035   -1.477  1.00 12.42 ? 815  GLU A CG  1 
ATOM   154 C  CD  . GLU A 1 27 ? 12.898  2.099   -0.878  1.00 13.46 ? 815  GLU A CD  1 
ATOM   155 O  OE1 . GLU A 1 27 ? 13.046  2.090   0.371   1.00 15.75 ? 815  GLU A OE1 1 
ATOM   156 O  OE2 . GLU A 1 27 ? 13.844  2.168   -1.689  1.00 17.64 ? 815  GLU A OE2 1 
ATOM   157 N  N   . PHE A 1 28 ? 6.962   1.494   -0.232  1.00 9.53  ? 816  PHE A N   1 
ATOM   158 C  CA  . PHE A 1 28 ? 5.867   1.299   0.691   1.00 10.63 ? 816  PHE A CA  1 
ATOM   159 C  C   . PHE A 1 28 ? 6.023   -0.051  1.394   1.00 10.61 ? 816  PHE A C   1 
ATOM   160 O  O   . PHE A 1 28 ? 6.485   -1.018  0.797   1.00 12.11 ? 816  PHE A O   1 
ATOM   161 C  CB  . PHE A 1 28 ? 4.537   1.302   -0.063  1.00 12.29 ? 816  PHE A CB  1 
ATOM   162 C  CG  . PHE A 1 28 ? 4.227   2.608   -0.763  1.00 12.30 ? 816  PHE A CG  1 
ATOM   163 C  CD1 . PHE A 1 28 ? 3.693   3.679   -0.085  1.00 13.96 ? 816  PHE A CD1 1 
ATOM   164 C  CD2 . PHE A 1 28 ? 4.484   2.754   -2.110  1.00 13.31 ? 816  PHE A CD2 1 
ATOM   165 C  CE1 . PHE A 1 28 ? 3.412   4.869   -0.730  1.00 14.59 ? 816  PHE A CE1 1 
ATOM   166 C  CE2 . PHE A 1 28 ? 4.204   3.944   -2.768  1.00 13.91 ? 816  PHE A CE2 1 
ATOM   167 C  CZ  . PHE A 1 28 ? 3.648   4.999   -2.073  1.00 13.53 ? 816  PHE A CZ  1 
ATOM   168 N  N   . SER A 1 29 ? 5.581   -0.132  2.651   1.00 10.82 ? 817  SER A N   1 
ATOM   169 C  CA  . SER A 1 29 ? 5.476   -1.423  3.339   1.00 9.69  ? 817  SER A CA  1 
ATOM   170 C  C   . SER A 1 29 ? 4.092   -1.575  3.959   1.00 8.39  ? 817  SER A C   1 
ATOM   171 O  O   . SER A 1 29 ? 3.468   -0.594  4.396   1.00 9.07  ? 817  SER A O   1 
ATOM   172 C  CB  . SER A 1 29 ? 6.520   -1.599  4.433   1.00 11.19 ? 817  SER A CB  1 
ATOM   173 O  OG  . SER A 1 29 ? 6.481   -2.900  4.993   1.00 11.76 ? 817  SER A OG  1 
ATOM   174 N  N   . GLY A 1 30 ? 3.638   -2.816  3.963   1.00 7.59  ? 818  GLY A N   1 
ATOM   175 C  CA  . GLY A 1 30 ? 2.449   -3.185  4.699   1.00 6.52  ? 818  GLY A CA  1 
ATOM   176 C  C   . GLY A 1 30 ? 2.769   -4.032  5.909   1.00 6.78  ? 818  GLY A C   1 
ATOM   177 O  O   . GLY A 1 30 ? 1.859   -4.580  6.512   1.00 6.41  ? 818  GLY A O   1 
ATOM   178 N  N   . LYS A 1 31 ? 4.048   -4.170  6.286   1.00 8.01  ? 819  LYS A N   1 
ATOM   179 C  CA  . LYS A 1 31 ? 4.417   -5.157  7.316   1.00 9.09  ? 819  LYS A CA  1 
ATOM   180 C  C   . LYS A 1 31 ? 3.827   -4.881  8.709   1.00 9.20  ? 819  LYS A C   1 
ATOM   181 O  O   . LYS A 1 31 ? 3.762   -5.819  9.505   1.00 10.54 ? 819  LYS A O   1 
ATOM   182 C  CB  . LYS A 1 31 ? 5.929   -5.339  7.401   1.00 11.10 ? 819  LYS A CB  1 
ATOM   183 C  CG  . LYS A 1 31 ? 6.681   -4.267  8.127   1.00 12.17 ? 819  LYS A CG  1 
ATOM   184 C  CD  . LYS A 1 31 ? 8.168   -4.620  8.067   1.00 13.88 ? 819  LYS A CD  1 
ATOM   185 C  CE  . LYS A 1 31 ? 9.062   -3.572  8.693   1.00 15.29 ? 819  LYS A CE  1 
ATOM   186 N  NZ  . LYS A 1 31 ? 9.102   -2.352  7.840   1.00 16.88 ? 819  LYS A NZ  1 
ATOM   187 N  N   . ASP A 1 32 ? 3.422   -3.640  9.009   1.00 8.73  ? 820  ASP A N   1 
ATOM   188 C  CA  . ASP A 1 32 ? 2.783   -3.325  10.302  1.00 9.54  ? 820  ASP A CA  1 
ATOM   189 C  C   . ASP A 1 32 ? 1.314   -3.730  10.318  1.00 8.34  ? 820  ASP A C   1 
ATOM   190 O  O   . ASP A 1 32 ? 0.672   -3.654  11.373  1.00 10.90 ? 820  ASP A O   1 
ATOM   191 C  CB  . ASP A 1 32 ? 2.817   -1.821  10.655  1.00 11.69 ? 820  ASP A CB  1 
ATOM   192 C  CG  . ASP A 1 32 ? 4.169   -1.271  10.971  1.00 15.49 ? 820  ASP A CG  1 
ATOM   193 O  OD1 . ASP A 1 32 ? 5.167   -1.974  10.791  1.00 20.39 ? 820  ASP A OD1 1 
ATOM   194 O  OD2 . ASP A 1 32 ? 4.199   -0.099  11.401  1.00 21.55 ? 820  ASP A OD2 1 
ATOM   195 N  N   . SER A 1 33 ? 0.767   -4.161  9.185   1.00 6.94  ? 821  SER A N   1 
ATOM   196 C  CA  . SER A 1 33 ? -0.591  -4.684  9.162   1.00 7.01  ? 821  SER A CA  1 
ATOM   197 C  C   . SER A 1 33 ? -0.661  -5.873  10.112  1.00 7.47  ? 821  SER A C   1 
ATOM   198 O  O   . SER A 1 33 ? 0.331   -6.603  10.273  1.00 9.79  ? 821  SER A O   1 
ATOM   199 C  CB  . SER A 1 33 ? -0.936  -5.154  7.755   1.00 5.86  ? 821  SER A CB  1 
ATOM   200 O  OG  . SER A 1 33 ? -0.853  -4.117  6.783   1.00 5.96  ? 821  SER A OG  1 
ATOM   201 N  N   . LYS A 1 34 ? -1.849  -6.089  10.672  1.00 7.51  ? 822  LYS A N   1 
ATOM   202 C  CA  . LYS A 1 34 ? -2.029  -7.104  11.695  1.00 8.50  ? 822  LYS A CA  1 
ATOM   203 C  C   . LYS A 1 34 ? -3.252  -7.956  11.451  1.00 7.67  ? 822  LYS A C   1 
ATOM   204 O  O   . LYS A 1 34 ? -4.310  -7.420  11.152  1.00 10.17 ? 822  LYS A O   1 
ATOM   205 C  CB  . LYS A 1 34 ? -2.183  -6.458  13.078  1.00 11.84 ? 822  LYS A CB  1 
ATOM   206 C  CG  . LYS A 1 34 ? -1.031  -5.584  13.517  1.00 16.06 ? 822  LYS A CG  1 
ATOM   207 N  N   . ASP A 1 35 ? -3.132  -9.261  11.629  1.00 8.63  ? 823  ASP A N   1 
ATOM   208 C  CA  . ASP A 1 35 ? -4.290  -10.134 11.750  1.00 7.24  ? 823  ASP A CA  1 
ATOM   209 C  C   . ASP A 1 35 ? -4.280  -10.721 13.161  1.00 7.41  ? 823  ASP A C   1 
ATOM   210 O  O   . ASP A 1 35 ? -3.363  -11.424 13.549  1.00 9.70  ? 823  ASP A O   1 
ATOM   211 C  CB  . ASP A 1 35 ? -4.273  -11.260 10.713  1.00 7.27  ? 823  ASP A CB  1 
ATOM   212 C  CG  . ASP A 1 35 ? -5.604  -12.027 10.658  1.00 6.70  ? 823  ASP A CG  1 
ATOM   213 O  OD1 . ASP A 1 35 ? -6.654  -11.422 10.912  1.00 8.22  ? 823  ASP A OD1 1 
ATOM   214 O  OD2 . ASP A 1 35 ? -5.636  -13.225 10.336  1.00 7.48  ? 823  ASP A OD2 1 
ATOM   215 N  N   . GLU A 1 36 ? -5.289  -10.392 13.938  1.00 7.29  ? 824  GLU A N   1 
ATOM   216 C  CA  A GLU A 1 36 ? -5.273  -10.744 15.360  0.50 8.28  ? 824  GLU A CA  1 
ATOM   217 C  CA  B GLU A 1 36 ? -5.234  -10.741 15.348  0.50 8.37  ? 824  GLU A CA  1 
ATOM   218 C  C   . GLU A 1 36 ? -5.323  -12.249 15.602  1.00 7.76  ? 824  GLU A C   1 
ATOM   219 O  O   . GLU A 1 36 ? -4.883  -12.712 16.646  1.00 9.07  ? 824  GLU A O   1 
ATOM   220 C  CB  A GLU A 1 36 ? -6.397  -10.038 16.122  0.50 9.40  ? 824  GLU A CB  1 
ATOM   221 C  CB  B GLU A 1 36 ? -6.287  -9.979  16.129  0.50 9.65  ? 824  GLU A CB  1 
ATOM   222 C  CG  A GLU A 1 36 ? -7.789  -10.492 15.767  0.50 9.70  ? 824  GLU A CG  1 
ATOM   223 C  CG  B GLU A 1 36 ? -7.696  -10.431 15.870  0.50 10.59 ? 824  GLU A CG  1 
ATOM   224 C  CD  A GLU A 1 36 ? -8.814  -9.548  16.329  0.50 11.41 ? 824  GLU A CD  1 
ATOM   225 C  CD  B GLU A 1 36 ? -8.646  -9.700  16.762  0.50 12.82 ? 824  GLU A CD  1 
ATOM   226 O  OE1 A GLU A 1 36 ? -9.154  -9.678  17.539  0.50 14.65 ? 824  GLU A OE1 1 
ATOM   227 O  OE1 B GLU A 1 36 ? -8.185  -9.055  17.704  0.50 12.59 ? 824  GLU A OE1 1 
ATOM   228 O  OE2 A GLU A 1 36 ? -9.257  -8.674  15.580  0.50 9.05  ? 824  GLU A OE2 1 
ATOM   229 O  OE2 B GLU A 1 36 ? -9.859  -9.779  16.558  0.50 13.86 ? 824  GLU A OE2 1 
ATOM   230 N  N   . ASP A 1 37 ? -5.858  -13.001 14.648  1.00 6.95  ? 825  ASP A N   1 
ATOM   231 C  CA  . ASP A 1 37 ? -6.128  -14.416 14.852  1.00 7.24  ? 825  ASP A CA  1 
ATOM   232 C  C   . ASP A 1 37 ? -5.589  -15.287 13.743  1.00 7.13  ? 825  ASP A C   1 
ATOM   233 O  O   . ASP A 1 37 ? -6.046  -16.405 13.569  1.00 8.01  ? 825  ASP A O   1 
ATOM   234 C  CB  . ASP A 1 37 ? -7.623  -14.653 15.075  1.00 7.22  ? 825  ASP A CB  1 
ATOM   235 C  CG  . ASP A 1 37 ? -8.454  -14.281 13.877  1.00 8.07  ? 825  ASP A CG  1 
ATOM   236 O  OD1 . ASP A 1 37 ? -7.900  -13.774 12.876  1.00 7.30  ? 825  ASP A OD1 1 
ATOM   237 O  OD2 . ASP A 1 37 ? -9.671  -14.473 13.960  1.00 12.11 ? 825  ASP A OD2 1 
ATOM   238 N  N   . GLY A 1 38 ? -4.602  -14.804 13.017  1.00 7.11  ? 826  GLY A N   1 
ATOM   239 C  CA  . GLY A 1 38 ? -4.074  -15.538 11.881  1.00 7.39  ? 826  GLY A CA  1 
ATOM   240 C  C   . GLY A 1 38 ? -2.944  -14.781 11.231  1.00 7.42  ? 826  GLY A C   1 
ATOM   241 O  O   . GLY A 1 38 ? -2.217  -14.041 11.896  1.00 10.13 ? 826  GLY A O   1 
ATOM   242 N  N   . LYS A 1 39 ? -2.790  -14.981 9.932   1.00 7.18  ? 827  LYS A N   1 
ATOM   243 C  CA  . LYS A 1 39 ? -1.668  -14.482 9.156   1.00 8.69  ? 827  LYS A CA  1 
ATOM   244 C  C   . LYS A 1 39 ? -2.194  -13.744 7.936   1.00 7.09  ? 827  LYS A C   1 
ATOM   245 O  O   . LYS A 1 39 ? -3.120  -14.226 7.275   1.00 7.19  ? 827  LYS A O   1 
ATOM   246 C  CB  . LYS A 1 39 ? -0.757  -15.688 8.672   1.00 10.85 ? 827  LYS A CB  1 
ATOM   247 C  CG  . LYS A 1 39 ? 0.504   -15.201 7.998   1.00 12.09 ? 827  LYS A CG  1 
ATOM   248 C  CD  . LYS A 1 39 ? 1.429   -16.336 7.681   1.00 13.81 ? 827  LYS A CD  1 
ATOM   249 C  CE  . LYS A 1 39 ? 2.626   -15.844 6.895   1.00 16.05 ? 827  LYS A CE  1 
ATOM   250 N  NZ  . LYS A 1 39 ? 3.589   -16.958 6.767   1.00 17.33 ? 827  LYS A NZ  1 
ATOM   251 N  N   . ILE A 1 40 ? -1.539  -12.653 7.570   1.00 6.74  ? 828  ILE A N   1 
ATOM   252 C  CA  . ILE A 1 40 ? -1.789  -12.012 6.279   1.00 6.11  ? 828  ILE A CA  1 
ATOM   253 C  C   . ILE A 1 40 ? -0.996  -12.725 5.207   1.00 6.39  ? 828  ILE A C   1 
ATOM   254 O  O   . ILE A 1 40 ? 0.229   -12.886 5.329   1.00 8.02  ? 828  ILE A O   1 
ATOM   255 C  CB  . ILE A 1 40 ? -1.474  -10.508 6.336   1.00 6.61  ? 828  ILE A CB  1 
ATOM   256 C  CG1 . ILE A 1 40 ? -2.463  -9.817  7.294   1.00 7.04  ? 828  ILE A CG1 1 
ATOM   257 C  CG2 . ILE A 1 40 ? -1.503  -9.906  4.936   1.00 6.72  ? 828  ILE A CG2 1 
ATOM   258 C  CD1 . ILE A 1 40 ? -2.095  -8.388  7.634   1.00 7.51  ? 828  ILE A CD1 1 
ATOM   259 N  N   . VAL A 1 41 ? -1.693  -13.175 4.168   1.00 5.83  ? 829  VAL A N   1 
ATOM   260 C  CA  . VAL A 1 41 ? -1.107  -13.995 3.115   1.00 6.42  ? 829  VAL A CA  1 
ATOM   261 C  C   . VAL A 1 41 ? -0.877  -13.235 1.813   1.00 6.51  ? 829  VAL A C   1 
ATOM   262 O  O   . VAL A 1 41 ? -0.212  -13.747 0.922   1.00 8.17  ? 829  VAL A O   1 
ATOM   263 C  CB  . VAL A 1 41 ? -1.954  -15.247 2.831   1.00 6.68  ? 829  VAL A CB  1 
ATOM   264 C  CG1 . VAL A 1 41 ? -2.133  -16.064 4.108   1.00 8.30  ? 829  VAL A CG1 1 
ATOM   265 C  CG2 . VAL A 1 41 ? -3.290  -14.895 2.202   1.00 7.17  ? 829  VAL A CG2 1 
ATOM   266 N  N   . SER A 1 42 ? -1.413  -12.023 1.696   1.00 6.17  ? 830  SER A N   1 
ATOM   267 C  CA  . SER A 1 42 ? -1.164  -11.193 0.523   1.00 5.96  ? 830  SER A CA  1 
ATOM   268 C  C   . SER A 1 42 ? -1.373  -9.721  0.889   1.00 5.48  ? 830  SER A C   1 
ATOM   269 O  O   . SER A 1 42 ? -2.252  -9.377  1.678   1.00 5.86  ? 830  SER A O   1 
ATOM   270 C  CB  . SER A 1 42 ? -2.025  -11.586 -0.675  1.00 6.56  ? 830  SER A CB  1 
ATOM   271 O  OG  . SER A 1 42 ? -3.402  -11.486 -0.410  1.00 6.83  ? 830  SER A OG  1 
ATOM   272 N  N   . TYR A 1 43 ? -0.564  -8.891  0.234   1.00 5.83  ? 831  TYR A N   1 
ATOM   273 C  CA  . TYR A 1 43 ? -0.570  -7.441  0.389   1.00 5.79  ? 831  TYR A CA  1 
ATOM   274 C  C   . TYR A 1 43 ? -0.687  -6.869  -1.030  1.00 5.88  ? 831  TYR A C   1 
ATOM   275 O  O   . TYR A 1 43 ? 0.285   -6.906  -1.789  1.00 6.98  ? 831  TYR A O   1 
ATOM   276 C  CB  . TYR A 1 43 ? 0.705   -6.926  1.044   1.00 6.84  ? 831  TYR A CB  1 
ATOM   277 C  CG  . TYR A 1 43 ? 1.022   -7.495  2.400   1.00 6.42  ? 831  TYR A CG  1 
ATOM   278 C  CD1 . TYR A 1 43 ? 1.604   -8.753  2.530   1.00 7.89  ? 831  TYR A CD1 1 
ATOM   279 C  CD2 . TYR A 1 43 ? 0.830   -6.764  3.551   1.00 6.70  ? 831  TYR A CD2 1 
ATOM   280 C  CE1 . TYR A 1 43 ? 1.957   -9.273  3.763   1.00 8.19  ? 831  TYR A CE1 1 
ATOM   281 C  CE2 . TYR A 1 43 ? 1.199   -7.271  4.798   1.00 7.40  ? 831  TYR A CE2 1 
ATOM   282 C  CZ  . TYR A 1 43 ? 1.736   -8.534  4.903   1.00 8.11  ? 831  TYR A CZ  1 
ATOM   283 O  OH  . TYR A 1 43 ? 2.071   -9.027  6.148   1.00 10.85 ? 831  TYR A OH  1 
ATOM   284 N  N   . ASP A 1 44 ? -1.874  -6.365  -1.392  1.00 5.84  ? 832  ASP A N   1 
ATOM   285 C  CA  . ASP A 1 44 ? -2.136  -5.826  -2.726  1.00 5.84  ? 832  ASP A CA  1 
ATOM   286 C  C   . ASP A 1 44 ? -2.133  -4.319  -2.697  1.00 5.31  ? 832  ASP A C   1 
ATOM   287 O  O   . ASP A 1 44 ? -2.717  -3.702  -1.805  1.00 6.37  ? 832  ASP A O   1 
ATOM   288 C  CB  . ASP A 1 44 ? -3.472  -6.349  -3.230  1.00 5.94  ? 832  ASP A CB  1 
ATOM   289 C  CG  . ASP A 1 44 ? -3.362  -7.784  -3.650  1.00 7.12  ? 832  ASP A CG  1 
ATOM   290 O  OD1 . ASP A 1 44 ? -2.441  -8.081  -4.458  1.00 10.77 ? 832  ASP A OD1 1 
ATOM   291 O  OD2 . ASP A 1 44 ? -4.152  -8.625  -3.203  1.00 7.95  ? 832  ASP A OD2 1 
ATOM   292 N  N   . TRP A 1 45 ? -1.538  -3.718  -3.708  1.00 5.70  ? 833  TRP A N   1 
ATOM   293 C  CA  . TRP A 1 45 ? -1.381  -2.277  -3.798  1.00 5.93  ? 833  TRP A CA  1 
ATOM   294 C  C   . TRP A 1 45 ? -2.037  -1.755  -5.050  1.00 6.06  ? 833  TRP A C   1 
ATOM   295 O  O   . TRP A 1 45 ? -1.868  -2.328  -6.138  1.00 6.55  ? 833  TRP A O   1 
ATOM   296 C  CB  . TRP A 1 45 ? 0.106   -1.893  -3.860  1.00 6.52  ? 833  TRP A CB  1 
ATOM   297 C  CG  . TRP A 1 45 ? 0.876   -2.373  -2.680  1.00 6.63  ? 833  TRP A CG  1 
ATOM   298 C  CD1 . TRP A 1 45 ? 1.484   -3.591  -2.529  1.00 7.38  ? 833  TRP A CD1 1 
ATOM   299 C  CD2 . TRP A 1 45 ? 1.097   -1.661  -1.441  1.00 6.50  ? 833  TRP A CD2 1 
ATOM   300 N  NE1 . TRP A 1 45 ? 2.087   -3.674  -1.311  1.00 7.62  ? 833  TRP A NE1 1 
ATOM   301 C  CE2 . TRP A 1 45 ? 1.865   -2.537  -0.595  1.00 7.21  ? 833  TRP A CE2 1 
ATOM   302 C  CE3 . TRP A 1 45 ? 0.726   -0.404  -0.966  1.00 7.25  ? 833  TRP A CE3 1 
ATOM   303 C  CZ2 . TRP A 1 45 ? 2.281   -2.154  0.670   1.00 7.66  ? 833  TRP A CZ2 1 
ATOM   304 C  CZ3 . TRP A 1 45 ? 1.125   -0.038  0.323   1.00 7.51  ? 833  TRP A CZ3 1 
ATOM   305 C  CH2 . TRP A 1 45 ? 1.875   -0.899  1.117   1.00 8.38  ? 833  TRP A CH2 1 
ATOM   306 N  N   . ASP A 1 46 ? -2.716  -0.618  -4.917  1.00 5.97  ? 834  ASP A N   1 
ATOM   307 C  CA  . ASP A 1 46 ? -3.223  0.190   -6.030  1.00 6.03  ? 834  ASP A CA  1 
ATOM   308 C  C   . ASP A 1 46 ? -2.659  1.582   -5.775  1.00 5.36  ? 834  ASP A C   1 
ATOM   309 O  O   . ASP A 1 46 ? -2.989  2.191   -4.758  1.00 5.49  ? 834  ASP A O   1 
ATOM   310 C  CB  . ASP A 1 46 ? -4.747  0.158   -6.091  1.00 7.52  ? 834  ASP A CB  1 
ATOM   311 C  CG  . ASP A 1 46 ? -5.312  1.024   -7.204  1.00 8.87  ? 834  ASP A CG  1 
ATOM   312 O  OD1 . ASP A 1 46 ? -4.907  2.185   -7.296  1.00 9.66  ? 834  ASP A OD1 1 
ATOM   313 O  OD2 . ASP A 1 46 ? -6.142  0.540   -8.014  1.00 13.21 ? 834  ASP A OD2 1 
ATOM   314 N  N   . PHE A 1 47 ? -1.814  2.074   -6.663  1.00 5.79  ? 835  PHE A N   1 
ATOM   315 C  CA  . PHE A 1 47 ? -1.057  3.281   -6.367  1.00 5.95  ? 835  PHE A CA  1 
ATOM   316 C  C   . PHE A 1 47 ? -1.792  4.581   -6.671  1.00 6.07  ? 835  PHE A C   1 
ATOM   317 O  O   . PHE A 1 47 ? -1.286  5.655   -6.390  1.00 6.65  ? 835  PHE A O   1 
ATOM   318 C  CB  . PHE A 1 47 ? 0.318   3.220   -7.055  1.00 6.24  ? 835  PHE A CB  1 
ATOM   319 C  CG  . PHE A 1 47 ? 1.175   2.101   -6.511  1.00 7.07  ? 835  PHE A CG  1 
ATOM   320 C  CD1 . PHE A 1 47 ? 1.672   2.165   -5.207  1.00 8.02  ? 835  PHE A CD1 1 
ATOM   321 C  CD2 . PHE A 1 47 ? 1.462   0.977   -7.252  1.00 7.92  ? 835  PHE A CD2 1 
ATOM   322 C  CE1 . PHE A 1 47 ? 2.414   1.127   -4.664  1.00 9.24  ? 835  PHE A CE1 1 
ATOM   323 C  CE2 . PHE A 1 47 ? 2.214   -0.057  -6.720  1.00 9.46  ? 835  PHE A CE2 1 
ATOM   324 C  CZ  . PHE A 1 47 ? 2.693   0.025   -5.443  1.00 9.99  ? 835  PHE A CZ  1 
ATOM   325 N  N   . GLY A 1 48 ? -2.989  4.490   -7.260  1.00 6.36  ? 836  GLY A N   1 
ATOM   326 C  CA  . GLY A 1 48 ? -3.807  5.664   -7.485  1.00 7.28  ? 836  GLY A CA  1 
ATOM   327 C  C   . GLY A 1 48 ? -3.661  6.273   -8.869  1.00 6.95  ? 836  GLY A C   1 
ATOM   328 O  O   . GLY A 1 48 ? -4.392  7.198   -9.209  1.00 8.49  ? 836  GLY A O   1 
ATOM   329 N  N   . ASP A 1 49 ? -2.705  5.773   -9.651  1.00 6.94  ? 837  ASP A N   1 
ATOM   330 C  CA  . ASP A 1 49 ? -2.436  6.188   -11.033 1.00 7.17  ? 837  ASP A CA  1 
ATOM   331 C  C   . ASP A 1 49 ? -2.700  5.011   -11.977 1.00 7.73  ? 837  ASP A C   1 
ATOM   332 O  O   . ASP A 1 49 ? -2.196  4.982   -13.109 1.00 8.63  ? 837  ASP A O   1 
ATOM   333 C  CB  . ASP A 1 49 ? -0.988  6.658   -11.187 1.00 6.87  ? 837  ASP A CB  1 
ATOM   334 C  CG  . ASP A 1 49 ? 0.013   5.541   -10.990 1.00 6.67  ? 837  ASP A CG  1 
ATOM   335 O  OD1 . ASP A 1 49 ? -0.356  4.485   -10.418 1.00 7.00  ? 837  ASP A OD1 1 
ATOM   336 O  OD2 . ASP A 1 49 ? 1.191   5.751   -11.384 1.00 7.87  ? 837  ASP A OD2 1 
ATOM   337 N  N   . GLY A 1 50 ? -3.468  4.028   -11.505 1.00 8.24  ? 838  GLY A N   1 
ATOM   338 C  CA  . GLY A 1 50 ? -3.784  2.838   -12.282 1.00 9.62  ? 838  GLY A CA  1 
ATOM   339 C  C   . GLY A 1 50 ? -2.859  1.654   -12.061 1.00 9.34  ? 838  GLY A C   1 
ATOM   340 O  O   . GLY A 1 50 ? -3.195  0.541   -12.448 1.00 12.97 ? 838  GLY A O   1 
ATOM   341 N  N   . ALA A 1 51 ? -1.700  1.873   -11.450 1.00 8.08  ? 839  ALA A N   1 
ATOM   342 C  CA  . ALA A 1 51 ? -0.719  0.817   -11.289 1.00 7.68  ? 839  ALA A CA  1 
ATOM   343 C  C   . ALA A 1 51 ? -1.026  -0.050  -10.073 1.00 7.09  ? 839  ALA A C   1 
ATOM   344 O  O   . ALA A 1 51 ? -1.501  0.444   -9.035  1.00 8.00  ? 839  ALA A O   1 
ATOM   345 C  CB  . ALA A 1 51 ? 0.682   1.399   -11.153 1.00 8.07  ? 839  ALA A CB  1 
ATOM   346 N  N   . THR A 1 52 ? -0.699  -1.333  -10.190 1.00 7.24  ? 840  THR A N   1 
ATOM   347 C  CA  . THR A 1 52 ? -0.870  -2.293  -9.115  1.00 7.32  ? 840  THR A CA  1 
ATOM   348 C  C   . THR A 1 52 ? 0.417   -3.095  -8.882  1.00 7.39  ? 840  THR A C   1 
ATOM   349 O  O   . THR A 1 52 ? 1.259   -3.267  -9.771  1.00 8.37  ? 840  THR A O   1 
ATOM   350 C  CB  . THR A 1 52 ? -2.049  -3.257  -9.433  1.00 8.54  ? 840  THR A CB  1 
ATOM   351 O  OG1 . THR A 1 52 ? -1.830  -3.890  -10.687 1.00 9.72  ? 840  THR A OG1 1 
ATOM   352 C  CG2 . THR A 1 52 ? -3.373  -2.528  -9.465  1.00 9.76  ? 840  THR A CG2 1 
ATOM   353 N  N   . SER A 1 53 ? 0.534   -3.589  -7.654  1.00 7.45  ? 841  SER A N   1 
ATOM   354 C  CA  A SER A 1 53 ? 1.604   -4.485  -7.269  0.60 8.08  ? 841  SER A CA  1 
ATOM   355 C  CA  B SER A 1 53 ? 1.596   -4.512  -7.297  0.40 8.19  ? 841  SER A CA  1 
ATOM   356 C  C   . SER A 1 53 ? 1.125   -5.382  -6.131  1.00 7.40  ? 841  SER A C   1 
ATOM   357 O  O   . SER A 1 53 ? 0.032   -5.207  -5.607  1.00 8.11  ? 841  SER A O   1 
ATOM   358 C  CB  A SER A 1 53 ? 2.815   -3.697  -6.792  0.60 8.76  ? 841  SER A CB  1 
ATOM   359 C  CB  B SER A 1 53 ? 2.871   -3.754  -6.929  0.40 9.87  ? 841  SER A CB  1 
ATOM   360 O  OG  A SER A 1 53 ? 3.910   -4.590  -6.672  0.60 9.89  ? 841  SER A OG  1 
ATOM   361 O  OG  B SER A 1 53 ? 2.764   -3.143  -5.662  0.40 11.58 ? 841  SER A OG  1 
ATOM   362 N  N   . ARG A 1 54 ? 1.959   -6.338  -5.747  1.00 7.43  ? 842  ARG A N   1 
ATOM   363 C  CA  . ARG A 1 54 ? 1.681   -7.238  -4.642  1.00 7.07  ? 842  ARG A CA  1 
ATOM   364 C  C   . ARG A 1 54 ? 3.001   -7.478  -3.928  1.00 7.47  ? 842  ARG A C   1 
ATOM   365 O  O   . ARG A 1 54 ? 4.021   -7.754  -4.568  1.00 9.75  ? 842  ARG A O   1 
ATOM   366 C  CB  . ARG A 1 54 ? 1.061   -8.553  -5.127  1.00 7.36  ? 842  ARG A CB  1 
ATOM   367 C  CG  . ARG A 1 54 ? 0.900   -9.579  -4.017  1.00 7.77  ? 842  ARG A CG  1 
ATOM   368 C  CD  . ARG A 1 54 ? 0.177   -10.817 -4.496  1.00 7.92  ? 842  ARG A CD  1 
ATOM   369 N  NE  . ARG A 1 54 ? -1.234  -10.554 -4.600  1.00 8.59  ? 842  ARG A NE  1 
ATOM   370 C  CZ  . ARG A 1 54 ? -2.134  -11.441 -4.985  1.00 9.41  ? 842  ARG A CZ  1 
ATOM   371 N  NH1 . ARG A 1 54 ? -1.762  -12.625 -5.438  1.00 10.22 ? 842  ARG A NH1 1 
ATOM   372 N  NH2 . ARG A 1 54 ? -3.411  -11.114 -4.937  1.00 11.24 ? 842  ARG A NH2 1 
ATOM   373 N  N   . GLY A 1 55 ? 2.980   -7.394  -2.609  1.00 7.26  ? 843  GLY A N   1 
ATOM   374 C  CA  . GLY A 1 55 ? 4.144   -7.714  -1.802  1.00 8.27  ? 843  GLY A CA  1 
ATOM   375 C  C   . GLY A 1 55 ? 4.105   -6.987  -0.486  1.00 8.15  ? 843  GLY A C   1 
ATOM   376 O  O   . GLY A 1 55 ? 3.551   -5.886  -0.382  1.00 8.66  ? 843  GLY A O   1 
ATOM   377 N  N   . LYS A 1 56 ? 4.688   -7.581  0.544   1.00 9.15  ? 844  LYS A N   1 
ATOM   378 C  CA  . LYS A 1 56 ? 4.719   -6.949  1.851   1.00 9.39  ? 844  LYS A CA  1 
ATOM   379 C  C   . LYS A 1 56 ? 5.408   -5.593  1.743   1.00 9.57  ? 844  LYS A C   1 
ATOM   380 O  O   . LYS A 1 56 ? 5.043   -4.669  2.441   1.00 10.55 ? 844  LYS A O   1 
ATOM   381 C  CB  . LYS A 1 56 ? 5.420   -7.872  2.845   1.00 10.46 ? 844  LYS A CB  1 
ATOM   382 C  CG  . LYS A 1 56 ? 5.415   -7.335  4.254   1.00 12.64 ? 844  LYS A CG  1 
ATOM   383 C  CD  . LYS A 1 56 ? 6.042   -8.274  5.267   1.00 16.44 ? 844  LYS A CD  1 
ATOM   384 C  CE  . LYS A 1 56 ? 7.549   -8.298  5.124   1.00 19.39 ? 844  LYS A CE  1 
ATOM   385 N  N   . ASN A 1 57 ? 6.410   -5.499  0.876   1.00 9.66  ? 845  ASN A N   1 
ATOM   386 C  CA  . ASN A 1 57 ? 7.043   -4.263  0.541   1.00 12.23 ? 845  ASN A CA  1 
ATOM   387 C  C   . ASN A 1 57 ? 6.764   -4.122  -0.957  1.00 13.54 ? 845  ASN A C   1 
ATOM   388 O  O   . ASN A 1 57 ? 6.611   -5.124  -1.678  1.00 15.18 ? 845  ASN A O   1 
ATOM   389 C  CB  . ASN A 1 57 ? 8.543   -4.333  0.916   1.00 15.42 ? 845  ASN A CB  1 
ATOM   390 C  CG  . ASN A 1 57 ? 8.751   -4.719  2.375   1.00 16.92 ? 845  ASN A CG  1 
ATOM   391 O  OD1 . ASN A 1 57 ? 8.277   -4.041  3.273   1.00 16.36 ? 845  ASN A OD1 1 
ATOM   392 N  ND2 . ASN A 1 57 ? 9.435   -5.838  2.613   1.00 20.14 ? 845  ASN A ND2 1 
ATOM   393 N  N   . SER A 1 58 ? 6.590   -2.902  -1.408  1.00 11.05 ? 846  SER A N   1 
ATOM   394 C  CA  A SER A 1 58 ? 6.403   -2.628  -2.822  0.34 11.28 ? 846  SER A CA  1 
ATOM   395 C  CA  B SER A 1 58 ? 6.382   -2.614  -2.824  0.33 11.32 ? 846  SER A CA  1 
ATOM   396 C  CA  C SER A 1 58 ? 6.451   -2.653  -2.838  0.33 11.80 ? 846  SER A CA  1 
ATOM   397 C  C   . SER A 1 58 ? 7.000   -1.268  -3.164  1.00 10.19 ? 846  SER A C   1 
ATOM   398 O  O   . SER A 1 58 ? 7.313   -0.476  -2.270  1.00 13.00 ? 846  SER A O   1 
ATOM   399 C  CB  A SER A 1 58 ? 4.912   -2.693  -3.150  0.34 11.69 ? 846  SER A CB  1 
ATOM   400 C  CB  B SER A 1 58 ? 4.888   -2.600  -3.128  0.33 12.23 ? 846  SER A CB  1 
ATOM   401 C  CB  C SER A 1 58 ? 4.988   -2.842  -3.286  0.33 12.76 ? 846  SER A CB  1 
ATOM   402 O  OG  A SER A 1 58 ? 4.703   -2.701  -4.543  0.34 12.50 ? 846  SER A OG  1 
ATOM   403 O  OG  B SER A 1 58 ? 4.292   -1.436  -2.588  0.33 10.85 ? 846  SER A OG  1 
ATOM   404 O  OG  C SER A 1 58 ? 4.636   -4.219  -3.423  0.33 15.66 ? 846  SER A OG  1 
ATOM   405 N  N   . VAL A 1 59 ? 7.162   -1.011  -4.448  1.00 10.50 ? 847  VAL A N   1 
ATOM   406 C  CA  A VAL A 1 59 ? 7.723   0.245   -4.903  0.50 9.41  ? 847  VAL A CA  1 
ATOM   407 C  CA  B VAL A 1 59 ? 7.778   0.201   -4.951  0.50 9.47  ? 847  VAL A CA  1 
ATOM   408 C  C   . VAL A 1 59 ? 6.928   0.727   -6.095  1.00 9.22  ? 847  VAL A C   1 
ATOM   409 O  O   . VAL A 1 59 ? 6.392   -0.069  -6.848  1.00 11.04 ? 847  VAL A O   1 
ATOM   410 C  CB  A VAL A 1 59 ? 9.231   0.087   -5.229  0.50 11.20 ? 847  VAL A CB  1 
ATOM   411 C  CB  B VAL A 1 59 ? 9.201   -0.141  -5.443  0.50 10.87 ? 847  VAL A CB  1 
ATOM   412 C  CG1 A VAL A 1 59 ? 9.460   -0.708  -6.505  0.50 11.42 ? 847  VAL A CG1 1 
ATOM   413 C  CG1 B VAL A 1 59 ? 9.848   1.023   -6.147  0.50 11.22 ? 847  VAL A CG1 1 
ATOM   414 C  CG2 A VAL A 1 59 ? 9.931   1.425   -5.296  0.50 11.45 ? 847  VAL A CG2 1 
ATOM   415 C  CG2 B VAL A 1 59 ? 10.062  -0.587  -4.268  0.50 11.73 ? 847  VAL A CG2 1 
ATOM   416 N  N   . HIS A 1 60 ? 6.849   2.050   -6.227  1.00 7.90  ? 848  HIS A N   1 
ATOM   417 C  CA  . HIS A 1 60 ? 6.211   2.673   -7.364  1.00 7.38  ? 848  HIS A CA  1 
ATOM   418 C  C   . HIS A 1 60 ? 6.798   4.040   -7.615  1.00 7.27  ? 848  HIS A C   1 
ATOM   419 O  O   . HIS A 1 60 ? 7.048   4.762   -6.666  1.00 8.67  ? 848  HIS A O   1 
ATOM   420 C  CB  . HIS A 1 60 ? 4.696   2.805   -7.151  1.00 7.48  ? 848  HIS A CB  1 
ATOM   421 C  CG  . HIS A 1 60 ? 3.987   3.247   -8.381  1.00 7.01  ? 848  HIS A CG  1 
ATOM   422 N  ND1 . HIS A 1 60 ? 3.970   2.481   -9.505  1.00 7.92  ? 848  HIS A ND1 1 
ATOM   423 C  CD2 . HIS A 1 60 ? 3.293   4.403   -8.702  1.00 7.16  ? 848  HIS A CD2 1 
ATOM   424 C  CE1 . HIS A 1 60 ? 3.305   3.118   -10.482 1.00 8.06  ? 848  HIS A CE1 1 
ATOM   425 N  NE2 . HIS A 1 60 ? 2.886   4.289   -9.996  1.00 7.81  ? 848  HIS A NE2 1 
ATOM   426 N  N   . ALA A 1 61 ? 6.962   4.401   -8.887  1.00 7.05  ? 849  ALA A N   1 
ATOM   427 C  CA  . ALA A 1 61 ? 7.335   5.760   -9.269  1.00 7.26  ? 849  ALA A CA  1 
ATOM   428 C  C   . ALA A 1 61 ? 6.160   6.394   -10.005 1.00 6.34  ? 849  ALA A C   1 
ATOM   429 O  O   . ALA A 1 61 ? 5.564   5.764   -10.858 1.00 7.91  ? 849  ALA A O   1 
ATOM   430 C  CB  . ALA A 1 61 ? 8.566   5.747   -10.178 1.00 8.32  ? 849  ALA A CB  1 
ATOM   431 N  N   . TYR A 1 62 ? 5.849   7.636   -9.672  1.00 5.53  ? 850  TYR A N   1 
ATOM   432 C  CA  . TYR A 1 62 ? 4.787   8.390   -10.300 1.00 5.41  ? 850  TYR A CA  1 
ATOM   433 C  C   . TYR A 1 62 ? 5.343   9.300   -11.379 1.00 5.33  ? 850  TYR A C   1 
ATOM   434 O  O   . TYR A 1 62 ? 6.323   10.009  -11.169 1.00 6.65  ? 850  TYR A O   1 
ATOM   435 C  CB  . TYR A 1 62 ? 4.078   9.223   -9.245  1.00 5.67  ? 850  TYR A CB  1 
ATOM   436 C  CG  . TYR A 1 62 ? 3.318   8.398   -8.237  1.00 5.12  ? 850  TYR A CG  1 
ATOM   437 C  CD1 . TYR A 1 62 ? 3.918   7.938   -7.073  1.00 5.58  ? 850  TYR A CD1 1 
ATOM   438 C  CD2 . TYR A 1 62 ? 2.005   8.064   -8.453  1.00 5.51  ? 850  TYR A CD2 1 
ATOM   439 C  CE1 . TYR A 1 62 ? 3.212   7.200   -6.134  1.00 6.20  ? 850  TYR A CE1 1 
ATOM   440 C  CE2 . TYR A 1 62 ? 1.279   7.316   -7.537  1.00 5.93  ? 850  TYR A CE2 1 
ATOM   441 C  CZ  . TYR A 1 62 ? 1.881   6.894   -6.358  1.00 5.91  ? 850  TYR A CZ  1 
ATOM   442 O  OH  . TYR A 1 62 ? 1.227   6.180   -5.393  1.00 7.13  ? 850  TYR A OH  1 
ATOM   443 N  N   . LYS A 1 63 ? 4.694   9.286   -12.530 1.00 5.36  ? 851  LYS A N   1 
ATOM   444 C  CA  . LYS A 1 63 ? 5.174   10.061  -13.680 1.00 5.99  ? 851  LYS A CA  1 
ATOM   445 C  C   . LYS A 1 63 ? 4.718   11.510  -13.694 1.00 6.22  ? 851  LYS A C   1 
ATOM   446 O  O   . LYS A 1 63 ? 5.230   12.292  -14.505 1.00 8.34  ? 851  LYS A O   1 
ATOM   447 C  CB  . LYS A 1 63 ? 4.724   9.407   -14.989 1.00 6.76  ? 851  LYS A CB  1 
ATOM   448 C  CG  . LYS A 1 63 ? 5.291   8.018   -15.236 1.00 8.39  ? 851  LYS A CG  1 
ATOM   449 C  CD  . LYS A 1 63 ? 4.891   7.478   -16.601 1.00 10.85 ? 851  LYS A CD  1 
ATOM   450 C  CE  . LYS A 1 63 ? 3.423   7.089   -16.712 1.00 11.79 ? 851  LYS A CE  1 
ATOM   451 N  NZ  . LYS A 1 63 ? 2.973   6.037   -15.752 1.00 11.31 ? 851  LYS A NZ  1 
ATOM   452 N  N   . LYS A 1 64 ? 3.703   11.859  -12.919 1.00 5.63  ? 852  LYS A N   1 
ATOM   453 C  CA  . LYS A 1 64 ? 3.165   13.220  -12.869 1.00 5.88  ? 852  LYS A CA  1 
ATOM   454 C  C   . LYS A 1 64 ? 3.042   13.661  -11.428 1.00 5.48  ? 852  LYS A C   1 
ATOM   455 O  O   . LYS A 1 64 ? 2.574   12.908  -10.560 1.00 5.83  ? 852  LYS A O   1 
ATOM   456 C  CB  . LYS A 1 64 ? 1.780   13.328  -13.497 1.00 6.43  ? 852  LYS A CB  1 
ATOM   457 C  CG  . LYS A 1 64 ? 1.792   13.098  -15.001 1.00 6.99  ? 852  LYS A CG  1 
ATOM   458 C  CD  . LYS A 1 64 ? 0.402   12.981  -15.598 1.00 7.64  ? 852  LYS A CD  1 
ATOM   459 C  CE  . LYS A 1 64 ? -0.473  14.190  -15.393 1.00 8.77  ? 852  LYS A CE  1 
ATOM   460 N  NZ  . LYS A 1 64 ? -1.772  14.033  -16.101 1.00 12.20 ? 852  LYS A NZ  1 
ATOM   461 N  N   . ALA A 1 65 ? 3.401   14.896  -11.186 1.00 5.65  ? 853  ALA A N   1 
ATOM   462 C  CA  . ALA A 1 65 ? 3.206   15.512  -9.872  1.00 5.26  ? 853  ALA A CA  1 
ATOM   463 C  C   . ALA A 1 65 ? 1.710   15.697  -9.606  1.00 5.05  ? 853  ALA A C   1 
ATOM   464 O  O   . ALA A 1 65 ? 0.929   15.993  -10.516 1.00 5.51  ? 853  ALA A O   1 
ATOM   465 C  CB  . ALA A 1 65 ? 3.930   16.844  -9.812  1.00 5.43  ? 853  ALA A CB  1 
ATOM   466 N  N   . GLY A 1 66 ? 1.347   15.532  -8.341  1.00 5.47  ? 854  GLY A N   1 
ATOM   467 C  CA  . GLY A 1 66 ? -0.016  15.687  -7.903  1.00 6.27  ? 854  GLY A CA  1 
ATOM   468 C  C   . GLY A 1 66 ? -0.229  14.905  -6.618  1.00 5.42  ? 854  GLY A C   1 
ATOM   469 O  O   . GLY A 1 66 ? 0.711   14.491  -5.962  1.00 8.27  ? 854  GLY A O   1 
ATOM   470 N  N   . THR A 1 67 ? -1.491  14.729  -6.264  1.00 5.45  ? 855  THR A N   1 
ATOM   471 C  CA  . THR A 1 67 ? -1.891  14.008  -5.068  1.00 5.75  ? 855  THR A CA  1 
ATOM   472 C  C   . THR A 1 67 ? -2.517  12.692  -5.497  1.00 5.94  ? 855  THR A C   1 
ATOM   473 O  O   . THR A 1 67 ? -3.329  12.677  -6.404  1.00 8.02  ? 855  THR A O   1 
ATOM   474 C  CB  . THR A 1 67 ? -2.969  14.814  -4.290  1.00 8.46  ? 855  THR A CB  1 
ATOM   475 O  OG1 . THR A 1 67 ? -2.532  16.175  -4.093  1.00 10.44 ? 855  THR A OG1 1 
ATOM   476 C  CG2 . THR A 1 67 ? -3.285  14.133  -2.973  1.00 10.76 ? 855  THR A CG2 1 
ATOM   477 N  N   . TYR A 1 68 ? -2.135  11.606  -4.822  1.00 5.53  ? 856  TYR A N   1 
ATOM   478 C  CA  . TYR A 1 68 ? -2.632  10.270  -5.145  1.00 5.75  ? 856  TYR A CA  1 
ATOM   479 C  C   . TYR A 1 68 ? -3.078  9.588   -3.870  1.00 6.17  ? 856  TYR A C   1 
ATOM   480 O  O   . TYR A 1 68 ? -2.458  9.738   -2.812  1.00 7.96  ? 856  TYR A O   1 
ATOM   481 C  CB  . TYR A 1 68 ? -1.550  9.407   -5.799  1.00 5.88  ? 856  TYR A CB  1 
ATOM   482 C  CG  . TYR A 1 68 ? -1.051  9.961   -7.104  1.00 5.68  ? 856  TYR A CG  1 
ATOM   483 C  CD1 . TYR A 1 68 ? -0.002  10.889  -7.123  1.00 5.72  ? 856  TYR A CD1 1 
ATOM   484 C  CD2 . TYR A 1 68 ? -1.612  9.578   -8.309  1.00 5.91  ? 856  TYR A CD2 1 
ATOM   485 C  CE1 . TYR A 1 68 ? 0.491   11.401  -8.314  1.00 5.97  ? 856  TYR A CE1 1 
ATOM   486 C  CE2 . TYR A 1 68 ? -1.126  10.068  -9.500  1.00 6.25  ? 856  TYR A CE2 1 
ATOM   487 C  CZ  . TYR A 1 68 ? -0.081  10.980  -9.497  1.00 6.20  ? 856  TYR A CZ  1 
ATOM   488 O  OH  . TYR A 1 68 ? 0.380   11.409  -10.729 1.00 7.73  ? 856  TYR A OH  1 
ATOM   489 N  N   . ASN A 1 69 ? -4.135  8.780   -3.971  1.00 6.85  ? 857  ASN A N   1 
ATOM   490 C  CA  . ASN A 1 69 ? -4.506  7.902   -2.867  1.00 7.74  ? 857  ASN A CA  1 
ATOM   491 C  C   . ASN A 1 69 ? -4.110  6.489   -3.215  1.00 7.36  ? 857  ASN A C   1 
ATOM   492 O  O   . ASN A 1 69 ? -4.557  5.912   -4.230  1.00 9.59  ? 857  ASN A O   1 
ATOM   493 C  CB  . ASN A 1 69 ? -5.998  7.941   -2.530  1.00 10.27 ? 857  ASN A CB  1 
ATOM   494 C  CG  . ASN A 1 69 ? -6.395  9.057   -1.567  1.00 12.45 ? 857  ASN A CG  1 
ATOM   495 O  OD1 . ASN A 1 69 ? -5.563  9.730   -0.935  1.00 14.37 ? 857  ASN A OD1 1 
ATOM   496 N  ND2 . ASN A 1 69 ? -7.701  9.296   -1.479  1.00 16.96 ? 857  ASN A ND2 1 
ATOM   497 N  N   . VAL A 1 70 ? -3.236  5.962   -2.379  1.00 6.87  ? 858  VAL A N   1 
ATOM   498 C  CA  . VAL A 1 70 ? -2.751  4.603   -2.451  1.00 6.32  ? 858  VAL A CA  1 
ATOM   499 C  C   . VAL A 1 70 ? -3.664  3.726   -1.626  1.00 6.12  ? 858  VAL A C   1 
ATOM   500 O  O   . VAL A 1 70 ? -3.990  4.069   -0.488  1.00 7.91  ? 858  VAL A O   1 
ATOM   501 C  CB  . VAL A 1 70 ? -1.316  4.531   -1.877  1.00 7.39  ? 858  VAL A CB  1 
ATOM   502 C  CG1 . VAL A 1 70 ? -0.797  3.103   -1.839  1.00 8.48  ? 858  VAL A CG1 1 
ATOM   503 C  CG2 . VAL A 1 70 ? -0.353  5.406   -2.682  1.00 9.00  ? 858  VAL A CG2 1 
ATOM   504 N  N   . THR A 1 71 ? -4.054  2.578   -2.166  1.00 5.62  ? 859  THR A N   1 
ATOM   505 C  CA  . THR A 1 71 ? -4.847  1.633   -1.414  1.00 5.74  ? 859  THR A CA  1 
ATOM   506 C  C   . THR A 1 71 ? -4.006  0.375   -1.188  1.00 5.71  ? 859  THR A C   1 
ATOM   507 O  O   . THR A 1 71 ? -3.485  -0.193  -2.147  1.00 7.11  ? 859  THR A O   1 
ATOM   508 C  CB  . THR A 1 71 ? -6.150  1.280   -2.142  1.00 7.53  ? 859  THR A CB  1 
ATOM   509 O  OG1 . THR A 1 71 ? -6.842  2.469   -2.539  1.00 9.97  ? 859  THR A OG1 1 
ATOM   510 C  CG2 . THR A 1 71 ? -7.032  0.440   -1.244  1.00 10.54 ? 859  THR A CG2 1 
ATOM   511 N  N   . LEU A 1 72 ? -3.899  -0.043  0.082   1.00 5.27  ? 860  LEU A N   1 
ATOM   512 C  CA  . LEU A 1 72 ? -3.378  -1.352  0.455   1.00 4.99  ? 860  LEU A CA  1 
ATOM   513 C  C   . LEU A 1 72 ? -4.578  -2.234  0.824   1.00 4.81  ? 860  LEU A C   1 
ATOM   514 O  O   . LEU A 1 72 ? -5.404  -1.835  1.638   1.00 5.58  ? 860  LEU A O   1 
ATOM   515 C  CB  . LEU A 1 72 ? -2.454  -1.223  1.664   1.00 5.43  ? 860  LEU A CB  1 
ATOM   516 C  CG  . LEU A 1 72 ? -2.055  -2.545  2.329   1.00 5.80  ? 860  LEU A CG  1 
ATOM   517 C  CD1 . LEU A 1 72 ? -1.270  -3.456  1.393   1.00 7.15  ? 860  LEU A CD1 1 
ATOM   518 C  CD2 . LEU A 1 72 ? -1.270  -2.252  3.586   1.00 7.37  ? 860  LEU A CD2 1 
ATOM   519 N  N   . LYS A 1 73 ? -4.626  -3.424  0.247   1.00 4.62  ? 861  LYS A N   1 
ATOM   520 C  CA  . LYS A 1 73 ? -5.630  -4.439  0.583   1.00 4.91  ? 861  LYS A CA  1 
ATOM   521 C  C   . LYS A 1 73 ? -4.891  -5.658  1.110   1.00 4.70  ? 861  LYS A C   1 
ATOM   522 O  O   . LYS A 1 73 ? -4.080  -6.252  0.380   1.00 5.63  ? 861  LYS A O   1 
ATOM   523 C  CB  . LYS A 1 73 ? -6.472  -4.814  -0.625  1.00 5.69  ? 861  LYS A CB  1 
ATOM   524 C  CG  . LYS A 1 73 ? -7.544  -5.850  -0.337  1.00 6.70  ? 861  LYS A CG  1 
ATOM   525 C  CD  . LYS A 1 73 ? -8.411  -6.071  -1.543  1.00 10.30 ? 861  LYS A CD  1 
ATOM   526 C  CE  . LYS A 1 73 ? -9.521  -7.062  -1.372  1.00 14.13 ? 861  LYS A CE  1 
ATOM   527 N  NZ  . LYS A 1 73 ? -10.528 -6.928  -2.466  1.00 17.84 ? 861  LYS A NZ  1 
ATOM   528 N  N   . VAL A 1 74 ? -5.160  -6.032  2.362   1.00 4.50  ? 862  VAL A N   1 
ATOM   529 C  CA  . VAL A 1 74 ? -4.581  -7.225  2.960   1.00 4.86  ? 862  VAL A CA  1 
ATOM   530 C  C   . VAL A 1 74 ? -5.638  -8.312  3.029   1.00 4.45  ? 862  VAL A C   1 
ATOM   531 O  O   . VAL A 1 74 ? -6.804  -8.054  3.284   1.00 5.15  ? 862  VAL A O   1 
ATOM   532 C  CB  . VAL A 1 74 ? -3.964  -6.940  4.344   1.00 5.27  ? 862  VAL A CB  1 
ATOM   533 C  CG1 . VAL A 1 74 ? -2.765  -6.014  4.175   1.00 6.24  ? 862  VAL A CG1 1 
ATOM   534 C  CG2 . VAL A 1 74 ? -4.962  -6.348  5.316   1.00 5.87  ? 862  VAL A CG2 1 
ATOM   535 N  N   . THR A 1 75 ? -5.194  -9.552  2.824   1.00 4.65  ? 863  THR A N   1 
ATOM   536 C  CA  . THR A 1 75 ? -6.045  -10.716 2.884   1.00 4.63  ? 863  THR A CA  1 
ATOM   537 C  C   . THR A 1 75 ? -5.452  -11.691 3.904   1.00 4.61  ? 863  THR A C   1 
ATOM   538 O  O   . THR A 1 75 ? -4.233  -11.957 3.847   1.00 5.10  ? 863  THR A O   1 
ATOM   539 C  CB  . THR A 1 75 ? -6.131  -11.410 1.509   1.00 5.24  ? 863  THR A CB  1 
ATOM   540 O  OG1 . THR A 1 75 ? -6.607  -10.459 0.546   1.00 5.67  ? 863  THR A OG1 1 
ATOM   541 C  CG2 . THR A 1 75 ? -7.127  -12.578 1.528   1.00 6.01  ? 863  THR A CG2 1 
ATOM   542 N  N   . ASP A 1 76 ? -6.279  -12.195 4.816   1.00 4.73  ? 864  ASP A N   1 
ATOM   543 C  CA  . ASP A 1 76 ? -5.799  -13.161 5.798   1.00 4.74  ? 864  ASP A CA  1 
ATOM   544 C  C   . ASP A 1 76 ? -5.906  -14.591 5.275   1.00 5.02  ? 864  ASP A C   1 
ATOM   545 O  O   . ASP A 1 76 ? -6.336  -14.841 4.152   1.00 5.27  ? 864  ASP A O   1 
ATOM   546 C  CB  . ASP A 1 76 ? -6.449  -12.966 7.192   1.00 5.04  ? 864  ASP A CB  1 
ATOM   547 C  CG  . ASP A 1 76 ? -7.910  -13.401 7.293   1.00 4.88  ? 864  ASP A CG  1 
ATOM   548 O  OD1 . ASP A 1 76 ? -8.407  -14.072 6.357   1.00 4.96  ? 864  ASP A OD1 1 
ATOM   549 O  OD2 . ASP A 1 76 ? -8.526  -13.062 8.341   1.00 5.37  ? 864  ASP A OD2 1 
ATOM   550 N  N   . ASP A 1 77 ? -5.492  -15.518 6.124   1.00 5.37  ? 865  ASP A N   1 
ATOM   551 C  CA  . ASP A 1 77 ? -5.402  -16.918 5.753   1.00 5.76  ? 865  ASP A CA  1 
ATOM   552 C  C   . ASP A 1 77 ? -6.762  -17.596 5.576   1.00 5.98  ? 865  ASP A C   1 
ATOM   553 O  O   . ASP A 1 77 ? -6.823  -18.713 5.064   1.00 7.41  ? 865  ASP A O   1 
ATOM   554 C  CB  . ASP A 1 77 ? -4.538  -17.696 6.777   1.00 5.96  ? 865  ASP A CB  1 
ATOM   555 C  CG  . ASP A 1 77 ? -5.136  -17.630 8.171   1.00 6.22  ? 865  ASP A CG  1 
ATOM   556 O  OD1 . ASP A 1 77 ? -5.073  -16.526 8.773   1.00 7.05  ? 865  ASP A OD1 1 
ATOM   557 O  OD2 . ASP A 1 77 ? -5.686  -18.652 8.635   1.00 8.18  ? 865  ASP A OD2 1 
ATOM   558 N  N   . LYS A 1 78 ? -7.849  -16.908 5.965   1.00 6.02  ? 866  LYS A N   1 
ATOM   559 C  CA  . LYS A 1 78 ? -9.212  -17.364 5.718   1.00 6.54  ? 866  LYS A CA  1 
ATOM   560 C  C   . LYS A 1 78 ? -9.839  -16.708 4.508   1.00 6.07  ? 866  LYS A C   1 
ATOM   561 O  O   . LYS A 1 78 ? -10.952 -17.102 4.097   1.00 7.67  ? 866  LYS A O   1 
ATOM   562 C  CB  . LYS A 1 78 ? -10.092 -17.133 6.952   1.00 8.02  ? 866  LYS A CB  1 
ATOM   563 C  CG  . LYS A 1 78 ? -9.602  -17.869 8.190   1.00 10.80 ? 866  LYS A CG  1 
ATOM   564 C  CD  . LYS A 1 78 ? -9.849  -19.363 8.050   1.00 14.72 ? 866  LYS A CD  1 
ATOM   565 N  N   . GLY A 1 79 ? -9.169  -15.727 3.916   1.00 5.63  ? 867  GLY A N   1 
ATOM   566 C  CA  . GLY A 1 79 ? -9.719  -14.986 2.795   1.00 5.59  ? 867  GLY A CA  1 
ATOM   567 C  C   . GLY A 1 79 ? -10.446 -13.708 3.145   1.00 5.00  ? 867  GLY A C   1 
ATOM   568 O  O   . GLY A 1 79 ? -11.015 -13.077 2.251   1.00 6.01  ? 867  GLY A O   1 
ATOM   569 N  N   . ALA A 1 80 ? -10.450 -13.288 4.415   1.00 4.84  ? 868  ALA A N   1 
ATOM   570 C  CA  . ALA A 1 80 ? -11.044 -12.029 4.787   1.00 4.59  ? 868  ALA A CA  1 
ATOM   571 C  C   . ALA A 1 80 ? -10.103 -10.888 4.430   1.00 4.24  ? 868  ALA A C   1 
ATOM   572 O  O   . ALA A 1 80 ? -8.880  -11.019 4.517   1.00 5.16  ? 868  ALA A O   1 
ATOM   573 C  CB  . ALA A 1 80 ? -11.342 -12.008 6.285   1.00 5.38  ? 868  ALA A CB  1 
ATOM   574 N  N   . THR A 1 81 ? -10.678 -9.740  4.042   1.00 4.76  ? 869  THR A N   1 
ATOM   575 C  CA  . THR A 1 81 ? -9.906  -8.630  3.522   1.00 4.83  ? 869  THR A CA  1 
ATOM   576 C  C   . THR A 1 81 ? -10.168 -7.331  4.274   1.00 4.52  ? 869  THR A C   1 
ATOM   577 O  O   . THR A 1 81 ? -11.218 -7.135  4.895   1.00 5.00  ? 869  THR A O   1 
ATOM   578 C  CB  . THR A 1 81 ? -10.197 -8.408  2.017   1.00 5.32  ? 869  THR A CB  1 
ATOM   579 O  OG1 . THR A 1 81 ? -11.558 -8.002  1.855   1.00 6.32  ? 869  THR A OG1 1 
ATOM   580 C  CG2 . THR A 1 81 ? -9.922  -9.656  1.203   1.00 6.61  ? 869  THR A CG2 1 
ATOM   581 N  N   . ALA A 1 82 ? -9.201  -6.426  4.166   1.00 4.37  ? 870  ALA A N   1 
ATOM   582 C  CA  . ALA A 1 82 ? -9.301  -5.099  4.726   1.00 4.66  ? 870  ALA A CA  1 
ATOM   583 C  C   . ALA A 1 82 ? -8.428  -4.163  3.921   1.00 4.78  ? 870  ALA A C   1 
ATOM   584 O  O   . ALA A 1 82 ? -7.450  -4.586  3.315   1.00 5.32  ? 870  ALA A O   1 
ATOM   585 C  CB  . ALA A 1 82 ? -8.871  -5.102  6.183   1.00 5.37  ? 870  ALA A CB  1 
ATOM   586 N  N   . THR A 1 83 ? -8.739  -2.873  3.968   1.00 4.92  ? 871  THR A N   1 
ATOM   587 C  CA  A THR A 1 83 ? -8.045  -1.880  3.172   0.25 5.45  ? 871  THR A CA  1 
ATOM   588 C  CA  B THR A 1 83 ? -8.008  -1.889  3.185   0.75 5.02  ? 871  THR A CA  1 
ATOM   589 C  C   . THR A 1 83 ? -7.633  -0.680  4.040   1.00 5.25  ? 871  THR A C   1 
ATOM   590 O  O   . THR A 1 83 ? -8.204  -0.406  5.110   1.00 6.05  ? 871  THR A O   1 
ATOM   591 C  CB  A THR A 1 83 ? -8.918  -1.439  1.962   0.25 7.10  ? 871  THR A CB  1 
ATOM   592 C  CB  B THR A 1 83 ? -8.789  -1.401  1.956   0.75 6.11  ? 871  THR A CB  1 
ATOM   593 O  OG1 A THR A 1 83 ? -8.867  -2.433  0.932   0.25 7.55  ? 871  THR A OG1 1 
ATOM   594 O  OG1 B THR A 1 83 ? -9.982  -0.742  2.394   0.75 6.84  ? 871  THR A OG1 1 
ATOM   595 C  CG2 A THR A 1 83 ? -8.451  -0.147  1.358   0.25 8.48  ? 871  THR A CG2 1 
ATOM   596 C  CG2 B THR A 1 83 ? -9.197  -2.559  1.040   0.75 7.15  ? 871  THR A CG2 1 
ATOM   597 N  N   . GLU A 1 84 ? -6.668  0.070   3.519   1.00 5.56  ? 872  GLU A N   1 
ATOM   598 C  CA  . GLU A 1 84 ? -6.341  1.417   3.967   1.00 6.10  ? 872  GLU A CA  1 
ATOM   599 C  C   . GLU A 1 84 ? -6.150  2.281   2.705   1.00 6.07  ? 872  GLU A C   1 
ATOM   600 O  O   . GLU A 1 84 ? -5.498  1.840   1.774   1.00 7.47  ? 872  GLU A O   1 
ATOM   601 C  CB  . GLU A 1 84 ? -5.045  1.450   4.787   1.00 6.58  ? 872  GLU A CB  1 
ATOM   602 C  CG  . GLU A 1 84 ? -4.643  2.889   5.138   1.00 7.04  ? 872  GLU A CG  1 
ATOM   603 C  CD  . GLU A 1 84 ? -3.311  3.044   5.792   1.00 6.76  ? 872  GLU A CD  1 
ATOM   604 O  OE1 . GLU A 1 84 ? -2.774  2.104   6.385   1.00 7.85  ? 872  GLU A OE1 1 
ATOM   605 O  OE2 . GLU A 1 84 ? -2.778  4.190   5.701   1.00 7.29  ? 872  GLU A OE2 1 
ATOM   606 N  N   . SER A 1 85 ? -6.646  3.521   2.755   1.00 6.37  ? 873  SER A N   1 
ATOM   607 C  CA  A SER A 1 85 ? -6.403  4.566   1.753   0.25 6.98  ? 873  SER A CA  1 
ATOM   608 C  CA  B SER A 1 85 ? -6.387  4.549   1.749   0.75 7.15  ? 873  SER A CA  1 
ATOM   609 C  C   . SER A 1 85 ? -5.437  5.579   2.347   1.00 6.03  ? 873  SER A C   1 
ATOM   610 O  O   . SER A 1 85 ? -5.782  6.194   3.360   1.00 8.45  ? 873  SER A O   1 
ATOM   611 C  CB  A SER A 1 85 ? -7.698  5.331   1.441   0.25 8.79  ? 873  SER A CB  1 
ATOM   612 C  CB  B SER A 1 85 ? -7.690  5.283   1.393   0.75 9.74  ? 873  SER A CB  1 
ATOM   613 O  OG  A SER A 1 85 ? -8.669  4.511   0.825   0.25 10.95 ? 873  SER A OG  1 
ATOM   614 O  OG  B SER A 1 85 ? -7.495  6.215   0.347   0.75 10.56 ? 873  SER A OG  1 
ATOM   615 N  N   . PHE A 1 86 ? -4.291  5.807   1.704   1.00 6.22  ? 874  PHE A N   1 
ATOM   616 C  CA  . PHE A 1 86 ? -3.144  6.563   2.206   1.00 7.61  ? 874  PHE A CA  1 
ATOM   617 C  C   . PHE A 1 86 ? -2.823  7.645   1.161   1.00 7.29  ? 874  PHE A C   1 
ATOM   618 O  O   . PHE A 1 86 ? -2.532  7.310   0.014   1.00 8.29  ? 874  PHE A O   1 
ATOM   619 C  CB  . PHE A 1 86 ? -1.945  5.585   2.376   1.00 7.84  ? 874  PHE A CB  1 
ATOM   620 C  CG  . PHE A 1 86 ? -0.652  6.196   2.780   1.00 8.83  ? 874  PHE A CG  1 
ATOM   621 C  CD1 . PHE A 1 86 ? -0.329  6.376   4.128   1.00 10.66 ? 874  PHE A CD1 1 
ATOM   622 C  CD2 . PHE A 1 86 ? 0.263   6.571   1.812   1.00 9.48  ? 874  PHE A CD2 1 
ATOM   623 C  CE1 . PHE A 1 86 ? 0.872   6.934   4.494   1.00 12.21 ? 874  PHE A CE1 1 
ATOM   624 C  CE2 . PHE A 1 86 ? 1.483   7.099   2.173   1.00 10.83 ? 874  PHE A CE2 1 
ATOM   625 C  CZ  . PHE A 1 86 ? 1.789   7.291   3.509   1.00 12.02 ? 874  PHE A CZ  1 
ATOM   626 N  N   . THR A 1 87 ? -2.818  8.929   1.533   1.00 6.56  ? 875  THR A N   1 
ATOM   627 C  CA  . THR A 1 87 ? -2.554  9.984   0.555   1.00 6.41  ? 875  THR A CA  1 
ATOM   628 C  C   . THR A 1 87 ? -1.082  10.292  0.457   1.00 6.39  ? 875  THR A C   1 
ATOM   629 O  O   . THR A 1 87 ? -0.419  10.526  1.461   1.00 8.42  ? 875  THR A O   1 
ATOM   630 C  CB  . THR A 1 87 ? -3.279  11.274  0.987   1.00 7.84  ? 875  THR A CB  1 
ATOM   631 O  OG1 . THR A 1 87 ? -4.653  10.977  1.273   1.00 8.80  ? 875  THR A OG1 1 
ATOM   632 C  CG2 . THR A 1 87 ? -3.170  12.349  -0.104  1.00 9.57  ? 875  THR A CG2 1 
ATOM   633 N  N   . ILE A 1 88 ? -0.578  10.361  -0.781  1.00 6.05  ? 876  ILE A N   1 
ATOM   634 C  CA  . ILE A 1 88 ? 0.796   10.778  -1.026  1.00 6.24  ? 876  ILE A CA  1 
ATOM   635 C  C   . ILE A 1 88 ? 0.776   11.989  -1.972  1.00 5.75  ? 876  ILE A C   1 
ATOM   636 O  O   . ILE A 1 88 ? 0.068   12.026  -2.959  1.00 6.77  ? 876  ILE A O   1 
ATOM   637 C  CB  . ILE A 1 88 ? 1.678   9.619   -1.570  1.00 7.00  ? 876  ILE A CB  1 
ATOM   638 C  CG1 . ILE A 1 88 ? 3.143   10.066  -1.666  1.00 7.35  ? 876  ILE A CG1 1 
ATOM   639 C  CG2 . ILE A 1 88 ? 1.168   9.070   -2.901  1.00 7.43  ? 876  ILE A CG2 1 
ATOM   640 C  CD1 . ILE A 1 88 ? 4.119   8.920   -1.899  1.00 8.53  ? 876  ILE A CD1 1 
ATOM   641 N  N   . GLU A 1 89 ? 1.641   12.954  -1.641  1.00 5.71  ? 877  GLU A N   1 
ATOM   642 C  CA  . GLU A 1 89 ? 1.878   14.107  -2.484  1.00 5.85  ? 877  GLU A CA  1 
ATOM   643 C  C   . GLU A 1 89 ? 3.154   13.867  -3.286  1.00 5.34  ? 877  GLU A C   1 
ATOM   644 O  O   . GLU A 1 89 ? 4.189   13.571  -2.720  1.00 7.57  ? 877  GLU A O   1 
ATOM   645 C  CB  . GLU A 1 89 ? 2.028   15.376  -1.666  1.00 7.65  ? 877  GLU A CB  1 
ATOM   646 C  CG  . GLU A 1 89 ? 2.020   16.651  -2.516  1.00 9.23  ? 877  GLU A CG  1 
ATOM   647 C  CD  . GLU A 1 89 ? 0.663   16.899  -3.240  1.00 9.02  ? 877  GLU A CD  1 
ATOM   648 O  OE1 . GLU A 1 89 ? -0.403  16.484  -2.679  1.00 11.21 ? 877  GLU A OE1 1 
ATOM   649 O  OE2 . GLU A 1 89 ? 0.614   17.575  -4.280  1.00 12.31 ? 877  GLU A OE2 1 
ATOM   650 N  N   . ILE A 1 90 ? 3.065   14.018  -4.598  1.00 4.92  ? 878  ILE A N   1 
ATOM   651 C  CA  . ILE A 1 90 ? 4.203   13.885  -5.477  1.00 4.80  ? 878  ILE A CA  1 
ATOM   652 C  C   . ILE A 1 90 ? 4.509   15.270  -6.046  1.00 4.71  ? 878  ILE A C   1 
ATOM   653 O  O   . ILE A 1 90 ? 3.681   15.867  -6.710  1.00 5.30  ? 878  ILE A O   1 
ATOM   654 C  CB  . ILE A 1 90 ? 3.945   12.860  -6.584  1.00 5.00  ? 878  ILE A CB  1 
ATOM   655 C  CG1 . ILE A 1 90 ? 3.594   11.475  -6.015  1.00 5.48  ? 878  ILE A CG1 1 
ATOM   656 C  CG2 . ILE A 1 90 ? 5.156   12.802  -7.538  1.00 5.42  ? 878  ILE A CG2 1 
ATOM   657 C  CD1 . ILE A 1 90 ? 4.704   10.840  -5.181  1.00 6.27  ? 878  ILE A CD1 1 
ATOM   658 N  N   . LYS A 1 91 ? 5.709   15.771  -5.759  1.00 5.04  ? 879  LYS A N   1 
ATOM   659 C  CA  . LYS A 1 91 ? 6.125   17.106  -6.187  1.00 5.36  ? 879  LYS A CA  1 
ATOM   660 C  C   . LYS A 1 91 ? 7.029   17.012  -7.396  1.00 5.76  ? 879  LYS A C   1 
ATOM   661 O  O   . LYS A 1 91 ? 7.770   16.037  -7.579  1.00 8.09  ? 879  LYS A O   1 
ATOM   662 C  CB  . LYS A 1 91 ? 6.815   17.838  -5.035  1.00 6.68  ? 879  LYS A CB  1 
ATOM   663 C  CG  . LYS A 1 91 ? 5.858   17.961  -3.835  1.00 10.50 ? 879  LYS A CG  1 
ATOM   664 C  CD  . LYS A 1 91 ? 6.102   19.114  -2.901  1.00 12.78 ? 879  LYS A CD  1 
ATOM   665 C  CE  . LYS A 1 91 ? 5.115   18.928  -1.796  1.00 14.95 ? 879  LYS A CE  1 
ATOM   666 N  N   . ASN A 1 92 ? 7.018   18.063  -8.216  1.00 5.80  ? 880  ASN A N   1 
ATOM   667 C  CA  . ASN A 1 92 ? 8.030   18.232  -9.242  1.00 7.04  ? 880  ASN A CA  1 
ATOM   668 C  C   . ASN A 1 92 ? 9.427   18.485  -8.634  1.00 9.53  ? 880  ASN A C   1 
ATOM   669 O  O   . ASN A 1 92 ? 9.541   18.936  -7.491  1.00 10.66 ? 880  ASN A O   1 
ATOM   670 C  CB  . ASN A 1 92 ? 7.628   19.380  -10.169 1.00 6.89  ? 880  ASN A CB  1 
ATOM   671 C  CG  . ASN A 1 92 ? 6.503   18.998  -11.108 1.00 6.26  ? 880  ASN A CG  1 
ATOM   672 O  OD1 . ASN A 1 92 ? 6.620   18.040  -11.862 1.00 7.05  ? 880  ASN A OD1 1 
ATOM   673 N  ND2 . ASN A 1 92 ? 5.401   19.744  -11.085 1.00 6.05  ? 880  ASN A ND2 1 
ATOM   674 O  OXT . ASN A 1 92 ? 10.423  18.257  -9.334  1.00 13.98 ? 880  ASN A OXT 1 
HETATM 675 CA CA  . CA  B 2 .  ? -8.041  -13.389 10.619  1.00 5.83  ? 1881 CA  A CA  1 
HETATM 676 O  O   . HOH C 3 .  ? -10.381 -19.845 11.624  1.00 26.83 ? 2001 HOH A O   1 
HETATM 677 O  O   . HOH C 3 .  ? -11.552 -4.934  11.942  1.00 10.23 ? 2002 HOH A O   1 
HETATM 678 O  O   . HOH C 3 .  ? -10.389 -2.578  8.339   1.00 8.26  ? 2003 HOH A O   1 
HETATM 679 O  O   . HOH C 3 .  ? 9.820   3.158   8.115   1.00 33.00 ? 2004 HOH A O   1 
HETATM 680 O  O   . HOH C 3 .  ? 8.970   0.605   10.032  1.00 23.06 ? 2005 HOH A O   1 
HETATM 681 O  O   . HOH C 3 .  ? 6.134   8.902   8.206   1.00 77.26 ? 2006 HOH A O   1 
HETATM 682 O  O   . HOH C 3 .  ? 9.982   15.594  -14.710 1.00 19.03 ? 2007 HOH A O   1 
HETATM 683 O  O   . HOH C 3 .  ? 11.740  -3.374  -1.881  1.00 25.62 ? 2008 HOH A O   1 
HETATM 684 O  O   . HOH C 3 .  ? 1.932   -9.060  12.736  1.00 24.21 ? 2009 HOH A O   1 
HETATM 685 O  O   . HOH C 3 .  ? 2.393   -13.267 13.458  1.00 36.05 ? 2010 HOH A O   1 
HETATM 686 O  O   . HOH C 3 .  ? -6.435  -15.767 -0.432  1.00 9.26  ? 2011 HOH A O   1 
HETATM 687 O  O   . HOH C 3 .  ? -7.828  -2.197  -3.419  1.00 27.29 ? 2012 HOH A O   1 
HETATM 688 O  O   . HOH C 3 .  ? -10.452 -11.548 -2.125  1.00 15.05 ? 2013 HOH A O   1 
HETATM 689 O  O   . HOH C 3 .  ? -15.126 -12.850 -0.216  1.00 21.60 ? 2014 HOH A O   1 
HETATM 690 O  O   . HOH C 3 .  ? -15.050 -18.124 13.527  1.00 17.03 ? 2015 HOH A O   1 
HETATM 691 O  O   . HOH C 3 .  ? -13.935 -18.499 10.364  1.00 18.56 ? 2016 HOH A O   1 
HETATM 692 O  O   . HOH C 3 .  ? -15.500 -13.406 14.888  1.00 22.75 ? 2017 HOH A O   1 
HETATM 693 O  O   . HOH C 3 .  ? -9.032  -17.302 11.829  1.00 12.19 ? 2018 HOH A O   1 
HETATM 694 O  O   . HOH C 3 .  ? -7.288  -15.627 10.028  1.00 8.46  ? 2019 HOH A O   1 
HETATM 695 O  O   . HOH C 3 .  ? -14.706 -14.150 19.096  1.00 25.45 ? 2020 HOH A O   1 
HETATM 696 O  O   . HOH C 3 .  ? -11.827 -7.527  12.234  1.00 10.93 ? 2021 HOH A O   1 
HETATM 697 O  O   . HOH C 3 .  ? -7.487  -8.490  13.149  1.00 15.26 ? 2022 HOH A O   1 
HETATM 698 O  O   . HOH C 3 .  ? -9.456  -6.531  13.549  1.00 58.52 ? 2023 HOH A O   1 
HETATM 699 O  O   . HOH C 3 .  ? -3.143  -3.105  11.742  1.00 18.22 ? 2024 HOH A O   1 
HETATM 700 O  O   . HOH C 3 .  ? -7.875  -1.955  7.459   1.00 6.08  ? 2025 HOH A O   1 
HETATM 701 O  O   . HOH C 3 .  ? 3.269   -1.267  7.455   1.00 10.77 ? 2026 HOH A O   1 
HETATM 702 O  O   . HOH C 3 .  ? -1.836  1.019   15.364  1.00 21.06 ? 2027 HOH A O   1 
HETATM 703 O  O   . HOH C 3 .  ? 0.744   2.719   9.781   1.00 19.42 ? 2028 HOH A O   1 
HETATM 704 O  O   . HOH C 3 .  ? 8.164   1.713   5.457   1.00 24.67 ? 2029 HOH A O   1 
HETATM 705 O  O   . HOH C 3 .  ? 6.995   -0.770  8.730   1.00 18.26 ? 2030 HOH A O   1 
HETATM 706 O  O   . HOH C 3 .  ? 5.157   5.610   7.921   1.00 28.58 ? 2031 HOH A O   1 
HETATM 707 O  O   . HOH C 3 .  ? 4.353   9.089   6.084   1.00 26.03 ? 2032 HOH A O   1 
HETATM 708 O  O   . HOH C 3 .  ? 9.363   6.114   4.545   1.00 50.53 ? 2033 HOH A O   1 
HETATM 709 O  O   . HOH C 3 .  ? 7.327   11.342  3.645   1.00 22.50 ? 2034 HOH A O   1 
HETATM 710 O  O   . HOH C 3 .  ? -0.064  13.625  1.783   1.00 13.89 ? 2035 HOH A O   1 
HETATM 711 O  O   . HOH C 3 .  ? 4.503   14.465  3.744   1.00 13.84 ? 2036 HOH A O   1 
HETATM 712 O  O   . HOH C 3 .  ? 4.163   17.666  0.480   1.00 15.80 ? 2037 HOH A O   1 
HETATM 713 O  O   . HOH C 3 .  ? 9.798   10.191  -0.623  1.00 20.62 ? 2038 HOH A O   1 
HETATM 714 O  O   . HOH C 3 .  ? 10.646  10.653  -3.665  1.00 10.81 ? 2039 HOH A O   1 
HETATM 715 O  O   . HOH C 3 .  ? 7.365   9.079   -7.682  1.00 6.28  ? 2040 HOH A O   1 
HETATM 716 O  O   . HOH C 3 .  ? 11.236  13.285  -13.606 1.00 28.79 ? 2041 HOH A O   1 
HETATM 717 O  O   . HOH C 3 .  ? 12.455  13.990  -9.181  1.00 10.24 ? 2042 HOH A O   1 
HETATM 718 O  O   . HOH C 3 .  ? 11.282  6.515   -12.859 1.00 18.50 ? 2043 HOH A O   1 
HETATM 719 O  O   . HOH C 3 .  ? 16.515  10.711  -4.313  1.00 17.84 ? 2044 HOH A O   1 
HETATM 720 O  O   . HOH C 3 .  ? 12.375  16.512  -8.155  1.00 14.79 ? 2045 HOH A O   1 
HETATM 721 O  O   . HOH C 3 .  ? 13.124  16.175  -5.309  1.00 24.59 ? 2046 HOH A O   1 
HETATM 722 O  O   . HOH C 3 .  ? 15.543  15.650  -9.877  1.00 29.76 ? 2047 HOH A O   1 
HETATM 723 O  O   . HOH C 3 .  ? 13.683  6.312   -4.448  1.00 16.20 ? 2048 HOH A O   1 
HETATM 724 O  O   . HOH C 3 .  ? 13.479  4.936   -1.979  1.00 22.99 ? 2049 HOH A O   1 
HETATM 725 O  O   . HOH C 3 .  ? 11.063  5.532   -0.674  1.00 17.89 ? 2050 HOH A O   1 
HETATM 726 O  O   . HOH C 3 .  ? 9.208   3.344   3.137   1.00 24.36 ? 2051 HOH A O   1 
HETATM 727 O  O   . HOH C 3 .  ? 14.725  3.885   1.595   1.00 15.60 ? 2052 HOH A O   1 
HETATM 728 O  O   . HOH C 3 .  ? 13.738  -1.276  -2.553  1.00 50.46 ? 2053 HOH A O   1 
HETATM 729 O  O   . HOH C 3 .  ? 9.681   -1.187  0.037   1.00 29.53 ? 2054 HOH A O   1 
HETATM 730 O  O   . HOH C 3 .  ? 9.830   -2.923  5.329   1.00 17.38 ? 2055 HOH A O   1 
HETATM 731 O  O   . HOH C 3 .  ? 2.869   -6.578  12.062  1.00 19.46 ? 2056 HOH A O   1 
HETATM 732 O  O   . HOH C 3 .  ? 4.628   -8.576  9.080   1.00 22.65 ? 2057 HOH A O   1 
HETATM 733 O  O   . HOH C 3 .  ? 10.175  -0.091  6.102   1.00 23.41 ? 2058 HOH A O   1 
HETATM 734 O  O   . HOH C 3 .  ? 1.416   -8.727  8.795   1.00 16.62 ? 2059 HOH A O   1 
HETATM 735 O  O   . HOH C 3 .  ? -5.745  -6.872  13.693  1.00 19.09 ? 2060 HOH A O   1 
HETATM 736 O  O   . HOH C 3 .  ? -0.425  -10.508 11.488  1.00 18.85 ? 2061 HOH A O   1 
HETATM 737 O  O   . HOH C 3 .  ? -0.730  -9.637  13.405  1.00 17.23 ? 2062 HOH A O   1 
HETATM 738 O  O   . HOH C 3 .  ? -2.313  -12.110 16.217  1.00 14.66 ? 2063 HOH A O   1 
HETATM 739 O  O   . HOH C 3 .  ? -0.643  -12.564 13.538  1.00 16.96 ? 2064 HOH A O   1 
HETATM 740 O  O   . HOH C 3 .  ? -0.955  -12.900 15.324  1.00 20.24 ? 2065 HOH A O   1 
HETATM 741 O  O   . HOH C 3 .  ? -2.966  -14.268 14.787  1.00 28.55 ? 2066 HOH A O   1 
HETATM 742 O  O   . HOH C 3 .  ? -7.823  -18.129 14.128  1.00 14.44 ? 2067 HOH A O   1 
HETATM 743 O  O   . HOH C 3 .  ? -10.711 -15.738 15.945  1.00 23.72 ? 2068 HOH A O   1 
HETATM 744 O  O   . HOH C 3 .  ? 0.604   -11.412 9.331   1.00 14.24 ? 2069 HOH A O   1 
HETATM 745 O  O   . HOH C 3 .  ? 2.329   -11.637 6.508   1.00 16.31 ? 2070 HOH A O   1 
HETATM 746 O  O   . HOH C 3 .  ? 2.426   -13.316 3.528   1.00 18.78 ? 2071 HOH A O   1 
HETATM 747 O  O   . HOH C 3 .  ? 0.614   -16.457 0.341   1.00 13.62 ? 2072 HOH A O   1 
HETATM 748 O  O   . HOH C 3 .  ? -4.550  -8.935  -0.538  1.00 6.22  ? 2073 HOH A O   1 
HETATM 749 O  O   . HOH C 3 .  ? -4.854  -13.745 -1.345  1.00 12.74 ? 2074 HOH A O   1 
HETATM 750 O  O   . HOH C 3 .  ? 2.167   -10.486 -0.958  1.00 5.74  ? 2075 HOH A O   1 
HETATM 751 O  O   . HOH C 3 .  ? -5.481  -2.701  -3.561  1.00 15.82 ? 2076 HOH A O   1 
HETATM 752 O  O   . HOH C 3 .  ? -2.248  -7.036  -6.938  1.00 14.50 ? 2077 HOH A O   1 
HETATM 753 O  O   . HOH C 3 .  ? -3.406  -4.712  -6.523  1.00 13.88 ? 2078 HOH A O   1 
HETATM 754 O  O   . HOH C 3 .  ? -5.862  3.604   -4.901  1.00 9.34  ? 2079 HOH A O   1 
HETATM 755 O  O   . HOH C 3 .  ? -5.341  3.768   -9.409  1.00 12.47 ? 2080 HOH A O   1 
HETATM 756 O  O   . HOH C 3 .  ? -7.704  -1.489  -8.331  1.00 26.06 ? 2081 HOH A O   1 
HETATM 757 O  O   . HOH C 3 .  ? -5.511  9.711   -8.584  1.00 21.97 ? 2082 HOH A O   1 
HETATM 758 O  O   . HOH C 3 .  ? -5.273  8.625   -6.881  1.00 17.21 ? 2083 HOH A O   1 
HETATM 759 O  O   . HOH C 3 .  ? -6.265  7.150   -11.375 1.00 20.66 ? 2084 HOH A O   1 
HETATM 760 O  O   . HOH C 3 .  ? -0.847  3.107   -14.690 1.00 17.42 ? 2085 HOH A O   1 
HETATM 761 O  O   . HOH C 3 .  ? -1.583  6.949   -14.986 1.00 12.08 ? 2086 HOH A O   1 
HETATM 762 O  O   . HOH C 3 .  ? 1.455   3.954   -13.747 1.00 13.66 ? 2087 HOH A O   1 
HETATM 763 O  O   . HOH C 3 .  ? 2.409   7.540   -13.052 1.00 10.02 ? 2088 HOH A O   1 
HETATM 764 O  O   . HOH C 3 .  ? -2.102  0.746   -15.125 1.00 20.57 ? 2089 HOH A O   1 
HETATM 765 O  O   . HOH C 3 .  ? -2.998  -2.168  -12.832 1.00 18.97 ? 2090 HOH A O   1 
HETATM 766 O  O   . HOH C 3 .  ? -3.473  -4.480  -12.571 1.00 21.07 ? 2091 HOH A O   1 
HETATM 767 O  O   . HOH C 3 .  ? 0.085   -6.741  -8.392  1.00 12.11 ? 2092 HOH A O   1 
HETATM 768 O  O   . HOH C 3 .  ? 6.105   -5.749  -4.426  1.00 23.26 ? 2093 HOH A O   1 
HETATM 769 O  O   . HOH C 3 .  ? 6.912   -3.413  -6.271  1.00 25.04 ? 2094 HOH A O   1 
HETATM 770 O  O   . HOH C 3 .  ? 4.202   -8.376  -7.093  1.00 11.00 ? 2095 HOH A O   1 
HETATM 771 O  O   . HOH C 3 .  ? -5.963  -13.310 -3.988  1.00 19.34 ? 2096 HOH A O   1 
HETATM 772 O  O   . HOH C 3 .  ? 7.768   -8.131  -0.470  1.00 38.52 ? 2097 HOH A O   1 
HETATM 773 O  O   . HOH C 3 .  ? 9.506   -4.265  -3.202  1.00 31.32 ? 2098 HOH A O   1 
HETATM 774 O  O   . HOH C 3 .  ? 10.249  -1.324  2.911   1.00 29.91 ? 2099 HOH A O   1 
HETATM 775 O  O   . HOH C 3 .  ? 5.011   -0.040  -9.162  1.00 10.51 ? 2100 HOH A O   1 
HETATM 776 O  O   . HOH C 3 .  ? 6.740   2.451   -11.110 1.00 11.36 ? 2101 HOH A O   1 
HETATM 777 O  O   . HOH C 3 .  ? 6.265   4.541   -13.152 1.00 14.29 ? 2102 HOH A O   1 
HETATM 778 O  O   . HOH C 3 .  ? 1.322   9.873   -12.781 1.00 16.64 ? 2103 HOH A O   1 
HETATM 779 O  O   . HOH C 3 .  ? 5.309   15.059  -15.567 1.00 14.58 ? 2104 HOH A O   1 
HETATM 780 O  O   . HOH C 3 .  ? 0.388   5.329   -16.541 1.00 23.36 ? 2105 HOH A O   1 
HETATM 781 O  O   . HOH C 3 .  ? 4.794   16.360  -13.232 1.00 8.59  ? 2106 HOH A O   1 
HETATM 782 O  O   . HOH C 3 .  ? 2.212   18.242  -6.219  1.00 11.04 ? 2107 HOH A O   1 
HETATM 783 O  O   . HOH C 3 .  ? -1.375  18.165  -5.665  1.00 16.43 ? 2108 HOH A O   1 
HETATM 784 O  O   . HOH C 3 .  ? -6.278  11.598  -4.655  1.00 77.81 ? 2109 HOH A O   1 
HETATM 785 O  O   . HOH C 3 .  ? -6.869  6.587   -5.691  1.00 23.23 ? 2110 HOH A O   1 
HETATM 786 O  O   . HOH C 3 .  ? -8.236  4.559   -1.679  1.00 18.32 ? 2111 HOH A O   1 
HETATM 787 O  O   . HOH C 3 .  ? -11.976 -4.846  -1.234  1.00 23.82 ? 2112 HOH A O   1 
HETATM 788 O  O   . HOH C 3 .  ? -12.046 -9.318  -2.150  1.00 16.83 ? 2113 HOH A O   1 
HETATM 789 O  O   . HOH C 3 .  ? -7.900  -10.774 -1.838  1.00 14.31 ? 2114 HOH A O   1 
HETATM 790 O  O   . HOH C 3 .  ? -6.211  -16.881 2.135   1.00 10.32 ? 2115 HOH A O   1 
HETATM 791 O  O   . HOH C 3 .  ? -12.359 -19.512 4.164   1.00 13.21 ? 2116 HOH A O   1 
HETATM 792 O  O   . HOH C 3 .  ? -13.572 -11.739 1.776   1.00 12.41 ? 2117 HOH A O   1 
HETATM 793 O  O   . HOH C 3 .  ? -11.623 -13.283 -0.386  1.00 14.63 ? 2118 HOH A O   1 
HETATM 794 O  O   . HOH C 3 .  ? -13.717 -10.156 4.109   1.00 8.16  ? 2119 HOH A O   1 
HETATM 795 O  O   . HOH C 3 .  ? -13.848 -7.415  4.069   1.00 8.21  ? 2120 HOH A O   1 
HETATM 796 O  O   . HOH C 3 .  ? -11.764 -5.054  1.910   1.00 8.96  ? 2121 HOH A O   1 
HETATM 797 O  O   . HOH C 3 .  ? -13.301 -9.433  0.286   1.00 14.08 ? 2122 HOH A O   1 
HETATM 798 O  O   . HOH C 3 .  ? -11.114 -2.302  5.572   1.00 8.26  ? 2123 HOH A O   1 
HETATM 799 O  O   . HOH C 3 .  ? -10.064 0.910   6.759   1.00 18.51 ? 2124 HOH A O   1 
HETATM 800 O  O   . HOH C 3 .  ? -12.546 -2.426  2.093   1.00 24.56 ? 2125 HOH A O   1 
HETATM 801 O  O   . HOH C 3 .  ? -9.763  1.940   2.312   1.00 21.79 ? 2126 HOH A O   1 
HETATM 802 O  O   . HOH C 3 .  ? -8.134  4.245   5.177   1.00 13.70 ? 2127 HOH A O   1 
HETATM 803 O  O   . HOH C 3 .  ? -0.803  10.419  4.126   1.00 10.67 ? 2128 HOH A O   1 
HETATM 804 O  O   . HOH C 3 .  ? -1.070  15.571  0.142   1.00 13.66 ? 2129 HOH A O   1 
HETATM 805 O  O   . HOH C 3 .  ? 8.136   21.059  -6.399  1.00 13.00 ? 2130 HOH A O   1 
HETATM 806 O  O   . HOH C 3 .  ? 10.891  17.658  -5.515  1.00 18.36 ? 2131 HOH A O   1 
HETATM 807 O  O   . HOH C 3 .  ? 3.708   19.484  -13.461 1.00 7.44  ? 2132 HOH A O   1 
HETATM 808 O  O   . HOH C 3 .  ? 8.858   17.495  -13.359 1.00 16.83 ? 2133 HOH A O   1 
HETATM 809 O  O   . HOH C 3 .  ? 11.063  17.872  -11.787 1.00 27.61 ? 2134 HOH A O   1 
# 
loop_
_atom_site_anisotrop.id 
_atom_site_anisotrop.type_symbol 
_atom_site_anisotrop.pdbx_label_atom_id 
_atom_site_anisotrop.pdbx_label_alt_id 
_atom_site_anisotrop.pdbx_label_comp_id 
_atom_site_anisotrop.pdbx_label_asym_id 
_atom_site_anisotrop.pdbx_label_seq_id 
_atom_site_anisotrop.pdbx_PDB_ins_code 
_atom_site_anisotrop.U[1][1] 
_atom_site_anisotrop.U[2][2] 
_atom_site_anisotrop.U[3][3] 
_atom_site_anisotrop.U[1][2] 
_atom_site_anisotrop.U[1][3] 
_atom_site_anisotrop.U[2][3] 
_atom_site_anisotrop.pdbx_auth_seq_id 
_atom_site_anisotrop.pdbx_auth_comp_id 
_atom_site_anisotrop.pdbx_auth_asym_id 
_atom_site_anisotrop.pdbx_auth_atom_id 
1   N  N   . ASN A 7  ? 0.1923 0.1118 0.0856 -0.0690 0.0333  0.0202  795  ASN A N   
2   C  CA  . ASN A 7  ? 0.1280 0.0953 0.0710 -0.0389 -0.0001 0.0125  795  ASN A CA  
3   C  C   . ASN A 7  ? 0.0979 0.1027 0.0597 -0.0239 -0.0202 0.0231  795  ASN A C   
4   O  O   . ASN A 7  ? 0.1083 0.1060 0.1252 -0.0264 -0.0351 0.0455  795  ASN A O   
5   C  CB  . ASN A 7  ? 0.1564 0.1190 0.0727 -0.0578 -0.0001 0.0056  795  ASN A CB  
6   C  CG  . ASN A 7  ? 0.1322 0.0821 0.0624 -0.0278 -0.0015 0.0057  795  ASN A CG  
7   O  OD1 . ASN A 7  ? 0.1402 0.0764 0.0688 -0.0134 -0.0145 0.0091  795  ASN A OD1 
8   N  ND2 . ASN A 7  ? 0.1035 0.0979 0.0651 -0.0329 -0.0032 0.0062  795  ASN A ND2 
9   N  N   . LYS A 8  ? 0.0926 0.0866 0.0552 -0.0169 -0.0125 0.0174  796  LYS A N   
10  C  CA  . LYS A 8  ? 0.0982 0.0822 0.0697 -0.0197 0.0029  0.0059  796  LYS A CA  
11  C  C   . LYS A 8  ? 0.0764 0.0750 0.0558 -0.0143 -0.0129 0.0049  796  LYS A C   
12  O  O   . LYS A 8  ? 0.0809 0.0796 0.0597 -0.0084 -0.0157 0.0088  796  LYS A O   
13  C  CB  . LYS A 8  ? 0.1670 0.1098 0.0731 -0.0171 -0.0026 -0.0101 796  LYS A CB  
14  C  CG  . LYS A 8  ? 0.1551 0.1492 0.1110 0.0001  0.0014  -0.0066 796  LYS A CG  
15  C  CD  . LYS A 8  ? 0.1537 0.1631 0.1495 0.0100  0.0138  0.0048  796  LYS A CD  
16  C  CE  . LYS A 8  ? 0.1673 0.2223 0.1676 0.0081  0.0223  -0.0140 796  LYS A CE  
17  N  NZ  . LYS A 8  ? 0.2277 0.2446 0.1710 0.0059  0.0192  0.0117  796  LYS A NZ  
18  N  N   . ALA A 9  ? 0.0745 0.0714 0.0623 -0.0033 -0.0024 0.0047  797  ALA A N   
19  C  CA  . ALA A 9  ? 0.0709 0.0699 0.0584 -0.0012 -0.0056 0.0058  797  ALA A CA  
20  C  C   . ALA A 9  ? 0.0805 0.0593 0.0501 -0.0038 -0.0067 0.0052  797  ALA A C   
21  O  O   . ALA A 9  ? 0.1040 0.0758 0.0560 -0.0180 -0.0006 -0.0048 797  ALA A O   
22  C  CB  . ALA A 9  ? 0.0782 0.0763 0.0749 0.0044  -0.0047 0.0148  797  ALA A CB  
23  N  N   . PRO A 10 ? 0.0778 0.0625 0.0495 -0.0088 -0.0068 0.0014  798  PRO A N   
24  C  CA  . PRO A 10 ? 0.0738 0.0686 0.0553 -0.0092 -0.0109 0.0090  798  PRO A CA  
25  C  C   . PRO A 10 ? 0.0777 0.0688 0.0479 -0.0101 -0.0071 0.0050  798  PRO A C   
26  O  O   . PRO A 10 ? 0.0797 0.0704 0.0605 -0.0059 -0.0077 0.0004  798  PRO A O   
27  C  CB  . PRO A 10 ? 0.0772 0.0701 0.0790 0.0021  -0.0014 0.0140  798  PRO A CB  
28  C  CG  . PRO A 10 ? 0.0859 0.0613 0.0644 0.0010  0.0072  -0.0011 798  PRO A CG  
29  C  CD  . PRO A 10 ? 0.0810 0.0610 0.0511 -0.0017 -0.0024 0.0016  798  PRO A CD  
30  N  N   . ILE A 11 ? 0.0796 0.0710 0.0619 -0.0119 -0.0075 0.0069  799  ILE A N   
31  C  CA  . ILE A 11 ? 0.0831 0.0728 0.0677 -0.0103 0.0019  -0.0027 799  ILE A CA  
32  C  C   . ILE A 11 ? 0.0827 0.0737 0.0702 -0.0155 -0.0019 0.0028  799  ILE A C   
33  O  O   . ILE A 11 ? 0.0842 0.0949 0.0959 -0.0150 -0.0010 0.0273  799  ILE A O   
34  C  CB  . ILE A 11 ? 0.1122 0.1021 0.0682 -0.0144 0.0023  -0.0098 799  ILE A CB  
35  C  CG1 . ILE A 11 ? 0.1247 0.1161 0.0749 -0.0058 0.0143  -0.0061 799  ILE A CG1 
36  C  CG2 . ILE A 11 ? 0.1544 0.1013 0.0916 -0.0116 0.0100  -0.0227 799  ILE A CG2 
37  C  CD1 . ILE A 11 ? 0.1731 0.1653 0.0825 -0.0076 0.0132  -0.0259 799  ILE A CD1 
38  N  N   . ALA A 12 ? 0.0707 0.0657 0.0651 -0.0142 -0.0004 -0.0033 800  ALA A N   
39  C  CA  . ALA A 12 ? 0.0750 0.0679 0.0709 -0.0090 0.0086  -0.0001 800  ALA A CA  
40  C  C   . ALA A 12 ? 0.0862 0.0686 0.0760 -0.0132 0.0216  -0.0077 800  ALA A C   
41  O  O   . ALA A 12 ? 0.0934 0.0674 0.1263 -0.0124 0.0259  -0.0197 800  ALA A O   
42  C  CB  . ALA A 12 ? 0.0859 0.0804 0.0771 0.0008  0.0119  0.0082  800  ALA A CB  
43  N  N   . LYS A 13 ? 0.0824 0.0672 0.0754 -0.0086 0.0137  -0.0092 801  LYS A N   
44  C  CA  A LYS A 13 ? 0.0902 0.0777 0.0813 -0.0163 0.0134  -0.0182 801  LYS A CA  
45  C  CA  B LYS A 13 ? 0.0900 0.0806 0.0820 -0.0176 0.0123  -0.0186 801  LYS A CA  
46  C  C   . LYS A 13 ? 0.0930 0.0812 0.0929 -0.0175 0.0188  -0.0184 801  LYS A C   
47  O  O   . LYS A 13 ? 0.1052 0.0941 0.1301 -0.0067 0.0354  -0.0134 801  LYS A O   
48  C  CB  A LYS A 13 ? 0.1018 0.0979 0.0930 -0.0155 0.0004  -0.0169 801  LYS A CB  
49  C  CB  B LYS A 13 ? 0.1100 0.1055 0.0878 -0.0200 0.0029  -0.0197 801  LYS A CB  
50  C  CG  A LYS A 13 ? 0.1154 0.0984 0.0979 -0.0033 0.0075  -0.0054 801  LYS A CG  
51  C  CG  B LYS A 13 ? 0.1368 0.1206 0.1001 -0.0290 -0.0075 -0.0321 801  LYS A CG  
52  C  CD  A LYS A 13 ? 0.1395 0.1328 0.1037 -0.0104 -0.0059 -0.0081 801  LYS A CD  
53  C  CE  A LYS A 13 ? 0.1765 0.1783 0.0951 -0.0183 0.0047  0.0036  801  LYS A CE  
54  N  NZ  A LYS A 13 ? 0.2187 0.1847 0.1522 0.0121  0.0161  -0.0008 801  LYS A NZ  
55  N  N   . VAL A 14 ? 0.0890 0.0813 0.1041 -0.0217 0.0236  -0.0190 802  VAL A N   
56  C  CA  . VAL A 14 ? 0.0963 0.0941 0.1122 -0.0272 0.0353  -0.0275 802  VAL A CA  
57  C  C   . VAL A 14 ? 0.0970 0.0836 0.1130 -0.0223 0.0267  -0.0146 802  VAL A C   
58  O  O   . VAL A 14 ? 0.0976 0.1100 0.1209 -0.0221 0.0102  -0.0408 802  VAL A O   
59  C  CB  . VAL A 14 ? 0.1137 0.1220 0.0933 -0.0331 0.0278  -0.0233 802  VAL A CB  
60  C  CG1 . VAL A 14 ? 0.1409 0.1326 0.1053 -0.0468 0.0383  -0.0187 802  VAL A CG1 
61  C  CG2 . VAL A 14 ? 0.1421 0.1424 0.1105 -0.0613 0.0217  -0.0260 802  VAL A CG2 
62  N  N   . THR A 15 ? 0.0963 0.1040 0.1240 -0.0168 0.0314  -0.0018 803  THR A N   
63  C  CA  . THR A 15 ? 0.1001 0.1197 0.1664 -0.0242 0.0336  -0.0013 803  THR A CA  
64  C  C   . THR A 15 ? 0.0838 0.1212 0.1761 -0.0175 0.0266  0.0154  803  THR A C   
65  O  O   . THR A 15 ? 0.1446 0.1301 0.1974 -0.0265 0.0763  0.0131  803  THR A O   
66  C  CB  . THR A 15 ? 0.1207 0.1724 0.2159 -0.0216 0.0061  0.0126  803  THR A CB  
67  O  OG1 . THR A 15 ? 0.2011 0.1880 0.2104 -0.0097 0.0123  -0.0050 803  THR A OG1 
68  C  CG2 . THR A 15 ? 0.1869 0.2154 0.2246 -0.0326 0.0240  0.0218  803  THR A CG2 
69  N  N   . GLY A 16 ? 0.1517 0.1185 0.2236 -0.0208 0.0157  0.0389  804  GLY A N   
70  C  CA  . GLY A 16 ? 0.1785 0.1552 0.2402 -0.0356 0.0244  0.0542  804  GLY A CA  
71  C  C   . GLY A 16 ? 0.1625 0.1604 0.2266 -0.0387 -0.0247 0.0882  804  GLY A C   
72  O  O   . GLY A 16 ? 0.1570 0.1467 0.2368 -0.0417 -0.0581 0.0691  804  GLY A O   
73  N  N   . PRO A 17 ? 0.1416 0.1600 0.2034 -0.0514 -0.0387 0.0742  805  PRO A N   
74  C  CA  . PRO A 17 ? 0.1254 0.1591 0.1933 -0.0379 -0.0525 0.0658  805  PRO A CA  
75  C  C   . PRO A 17 ? 0.1122 0.1440 0.1437 -0.0315 -0.0254 0.0427  805  PRO A C   
76  O  O   . PRO A 17 ? 0.1326 0.1702 0.1684 -0.0201 -0.0287 0.0024  805  PRO A O   
77  C  CB  . PRO A 17 ? 0.1268 0.1989 0.2655 -0.0190 -0.0134 0.0977  805  PRO A CB  
78  C  CG  . PRO A 17 ? 0.2540 0.2404 0.2651 -0.0497 0.0294  0.0770  805  PRO A CG  
79  C  CD  . PRO A 17 ? 0.1758 0.2209 0.2237 -0.0527 0.0023  0.0632  805  PRO A CD  
80  N  N   . SER A 18 ? 0.1211 0.1420 0.0949 -0.0429 -0.0285 0.0373  806  SER A N   
81  C  CA  . SER A 18 ? 0.1093 0.1421 0.1102 -0.0340 -0.0030 0.0389  806  SER A CA  
82  C  C   . SER A 18 ? 0.0866 0.1149 0.0690 -0.0241 -0.0008 0.0078  806  SER A C   
83  O  O   . SER A 18 ? 0.0827 0.1241 0.0700 -0.0181 -0.0015 0.0006  806  SER A O   
84  C  CB  . SER A 18 ? 0.1715 0.1999 0.1261 -0.0166 0.0332  0.0560  806  SER A CB  
85  O  OG  . SER A 18 ? 0.2834 0.2794 0.1388 -0.0266 0.0107  0.0080  806  SER A OG  
86  N  N   . THR A 19 ? 0.0786 0.1140 0.0607 -0.0211 -0.0113 0.0095  807  THR A N   
87  C  CA  . THR A 19 ? 0.0735 0.1004 0.0634 -0.0133 -0.0086 0.0091  807  THR A CA  
88  C  C   . THR A 19 ? 0.0724 0.0916 0.0622 -0.0201 -0.0085 0.0059  807  THR A C   
89  O  O   . THR A 19 ? 0.0836 0.1108 0.0768 -0.0103 -0.0068 0.0193  807  THR A O   
90  C  CB  . THR A 19 ? 0.0822 0.1042 0.0777 -0.0111 -0.0117 -0.0050 807  THR A CB  
91  O  OG1 . THR A 19 ? 0.1004 0.1276 0.1095 -0.0160 0.0058  -0.0285 807  THR A OG1 
92  C  CG2 . THR A 19 ? 0.0976 0.1007 0.1013 -0.0071 -0.0101 0.0076  807  THR A CG2 
93  N  N   . GLY A 20 ? 0.0670 0.0945 0.0635 -0.0152 -0.0092 0.0061  808  GLY A N   
94  C  CA  . GLY A 20 ? 0.0719 0.0814 0.0739 -0.0101 -0.0058 0.0073  808  GLY A CA  
95  C  C   . GLY A 20 ? 0.0606 0.0774 0.0697 -0.0127 -0.0149 0.0047  808  GLY A C   
96  O  O   . GLY A 20 ? 0.0706 0.1051 0.0860 0.0080  0.0052  0.0223  808  GLY A O   
97  N  N   . ALA A 21 ? 0.0877 0.0703 0.0764 -0.0036 0.0002  0.0089  809  ALA A N   
98  C  CA  . ALA A 21 ? 0.0814 0.0795 0.0753 -0.0079 0.0050  0.0087  809  ALA A CA  
99  C  C   . ALA A 21 ? 0.0533 0.0796 0.0829 -0.0011 -0.0011 0.0046  809  ALA A C   
100 O  O   . ALA A 21 ? 0.0620 0.0806 0.0780 0.0034  -0.0106 0.0003  809  ALA A O   
101 C  CB  . ALA A 21 ? 0.1015 0.1081 0.0894 -0.0357 -0.0062 -0.0080 809  ALA A CB  
102 N  N   . VAL A 22 ? 0.0638 0.0907 0.0868 -0.0002 -0.0052 0.0089  810  VAL A N   
103 C  CA  A VAL A 22 ? 0.0608 0.1015 0.0884 -0.0055 -0.0085 0.0065  810  VAL A CA  
104 C  CA  B VAL A 22 ? 0.0584 0.0998 0.0839 -0.0072 -0.0089 0.0100  810  VAL A CA  
105 C  CA  C VAL A 22 ? 0.0591 0.1014 0.0886 -0.0041 -0.0126 0.0093  810  VAL A CA  
106 C  C   . VAL A 22 ? 0.0631 0.1013 0.0723 -0.0109 -0.0002 0.0045  810  VAL A C   
107 O  O   . VAL A 22 ? 0.0637 0.1171 0.0918 -0.0127 0.0044  0.0006  810  VAL A O   
108 C  CB  A VAL A 22 ? 0.0812 0.1172 0.0979 0.0056  -0.0117 0.0153  810  VAL A CB  
109 C  CB  B VAL A 22 ? 0.0720 0.1102 0.0743 -0.0062 -0.0114 0.0100  810  VAL A CB  
110 C  CB  C VAL A 22 ? 0.0895 0.1173 0.0997 0.0014  -0.0240 0.0192  810  VAL A CB  
111 C  CG1 A VAL A 22 ? 0.0800 0.1067 0.0825 0.0048  -0.0083 0.0101  810  VAL A CG1 
112 C  CG1 B VAL A 22 ? 0.0746 0.1097 0.0602 -0.0130 -0.0006 0.0186  810  VAL A CG1 
113 C  CG1 C VAL A 22 ? 0.1166 0.1287 0.1005 -0.0096 -0.0050 0.0160  810  VAL A CG1 
114 C  CG2 A VAL A 22 ? 0.1097 0.1192 0.0916 -0.0056 0.0050  0.0023  810  VAL A CG2 
115 C  CG2 B VAL A 22 ? 0.0641 0.1013 0.0787 -0.0131 -0.0131 0.0130  810  VAL A CG2 
116 C  CG2 C VAL A 22 ? 0.1105 0.1018 0.0869 0.0028  -0.0286 0.0314  810  VAL A CG2 
117 N  N   . GLY A 23 ? 0.0773 0.1029 0.0769 -0.0113 -0.0013 -0.0011 811  GLY A N   
118 C  CA  . GLY A 23 ? 0.0888 0.1128 0.0873 -0.0139 0.0180  -0.0132 811  GLY A CA  
119 C  C   . GLY A 23 ? 0.0857 0.1163 0.0943 -0.0054 0.0198  -0.0146 811  GLY A C   
120 O  O   . GLY A 23 ? 0.1327 0.1528 0.1221 0.0223  0.0343  -0.0270 811  GLY A O   
121 N  N   . ARG A 24 ? 0.0672 0.1052 0.0895 0.0018  0.0110  -0.0021 812  ARG A N   
122 C  CA  . ARG A 24 ? 0.0668 0.1203 0.1135 0.0147  0.0086  0.0081  812  ARG A CA  
123 C  C   . ARG A 24 ? 0.0684 0.1349 0.0895 0.0121  0.0114  0.0146  812  ARG A C   
124 O  O   . ARG A 24 ? 0.0717 0.1509 0.1163 0.0191  0.0213  0.0303  812  ARG A O   
125 C  CB  . ARG A 24 ? 0.0965 0.1428 0.1178 0.0262  -0.0065 -0.0023 812  ARG A CB  
126 C  CG  . ARG A 24 ? 0.0982 0.1462 0.1144 0.0238  -0.0078 0.0021  812  ARG A CG  
127 C  CD  . ARG A 24 ? 0.1022 0.1548 0.1264 0.0080  -0.0143 0.0109  812  ARG A CD  
128 N  NE  . ARG A 24 ? 0.1144 0.1456 0.1371 0.0089  -0.0087 0.0078  812  ARG A NE  
129 C  CZ  . ARG A 24 ? 0.1169 0.1553 0.1564 0.0102  -0.0196 0.0057  812  ARG A CZ  
130 N  NH1 . ARG A 24 ? 0.1649 0.1537 0.1453 0.0196  -0.0211 -0.0073 812  ARG A NH1 
131 N  NH2 . ARG A 24 ? 0.1535 0.1709 0.2009 -0.0262 -0.0479 0.0217  812  ARG A NH2 
132 N  N   . ASN A 25 ? 0.0629 0.1238 0.0896 0.0042  0.0107  0.0042  813  ASN A N   
133 C  CA  . ASN A 25 ? 0.0703 0.1332 0.0870 0.0013  0.0118  0.0127  813  ASN A CA  
134 C  C   . ASN A 25 ? 0.1035 0.1447 0.0838 0.0116  0.0096  0.0167  813  ASN A C   
135 O  O   . ASN A 25 ? 0.1202 0.2603 0.0987 0.0118  -0.0053 0.0104  813  ASN A O   
136 C  CB  . ASN A 25 ? 0.0882 0.1317 0.1056 0.0039  0.0019  0.0190  813  ASN A CB  
137 C  CG  . ASN A 25 ? 0.0848 0.1165 0.1173 0.0019  -0.0047 0.0032  813  ASN A CG  
138 O  OD1 . ASN A 25 ? 0.1121 0.1806 0.1590 -0.0190 -0.0167 -0.0363 813  ASN A OD1 
139 N  ND2 . ASN A 25 ? 0.0871 0.1412 0.1302 0.0044  0.0103  -0.0068 813  ASN A ND2 
140 N  N   . ILE A 26 ? 0.1106 0.1112 0.1004 -0.0062 0.0281  0.0149  814  ILE A N   
141 C  CA  . ILE A 26 ? 0.1157 0.1260 0.1084 -0.0007 0.0377  0.0200  814  ILE A CA  
142 C  C   . ILE A 26 ? 0.1010 0.1120 0.0988 0.0136  0.0232  0.0105  814  ILE A C   
143 O  O   . ILE A 26 ? 0.1199 0.1223 0.1144 -0.0010 0.0136  0.0181  814  ILE A O   
144 C  CB  . ILE A 26 ? 0.1311 0.1245 0.1237 0.0208  0.0378  0.0113  814  ILE A CB  
145 C  CG1 . ILE A 26 ? 0.1358 0.1321 0.1097 0.0065  0.0130  0.0079  814  ILE A CG1 
146 C  CG2 . ILE A 26 ? 0.1554 0.1679 0.1257 0.0319  0.0463  0.0106  814  ILE A CG2 
147 C  CD1 . ILE A 26 ? 0.1503 0.1574 0.1262 0.0025  -0.0087 -0.0078 814  ILE A CD1 
148 N  N   . GLU A 27 ? 0.1027 0.1210 0.1089 -0.0098 0.0123  0.0162  815  GLU A N   
149 C  CA  . GLU A 27 ? 0.0960 0.1215 0.1175 -0.0091 0.0147  0.0208  815  GLU A CA  
150 C  C   . GLU A 27 ? 0.0954 0.1326 0.1066 -0.0096 0.0097  0.0235  815  GLU A C   
151 O  O   . GLU A 27 ? 0.1153 0.1854 0.1098 -0.0183 0.0126  0.0026  815  GLU A O   
152 C  CB  . GLU A 27 ? 0.0992 0.1621 0.1511 -0.0043 0.0065  0.0288  815  GLU A CB  
153 C  CG  . GLU A 27 ? 0.1080 0.2114 0.1522 0.0036  0.0091  0.0162  815  GLU A CG  
154 C  CD  . GLU A 27 ? 0.1221 0.2400 0.1493 -0.0186 -0.0079 0.0155  815  GLU A CD  
155 O  OE1 . GLU A 27 ? 0.1359 0.3078 0.1547 -0.0190 -0.0225 0.0091  815  GLU A OE1 
156 O  OE2 . GLU A 27 ? 0.1172 0.3445 0.2084 0.0034  0.0143  0.0303  815  GLU A OE2 
157 N  N   . PHE A 28 ? 0.1081 0.1125 0.1412 -0.0106 0.0430  0.0156  816  PHE A N   
158 C  CA  . PHE A 28 ? 0.1143 0.1124 0.1771 -0.0089 0.0603  0.0199  816  PHE A CA  
159 C  C   . PHE A 28 ? 0.1360 0.1064 0.1607 -0.0056 0.0670  0.0089  816  PHE A C   
160 O  O   . PHE A 28 ? 0.1929 0.1067 0.1606 0.0134  0.0853  0.0238  816  PHE A O   
161 C  CB  . PHE A 28 ? 0.1180 0.1232 0.2255 -0.0066 0.0382  0.0411  816  PHE A CB  
162 C  CG  . PHE A 28 ? 0.1157 0.1219 0.2295 0.0104  0.0686  0.0346  816  PHE A CG  
163 C  CD1 . PHE A 28 ? 0.1881 0.1759 0.1664 0.0300  0.0895  0.0226  816  PHE A CD1 
164 C  CD2 . PHE A 28 ? 0.1588 0.1324 0.2143 0.0014  0.0329  -0.0001 816  PHE A CD2 
165 C  CE1 . PHE A 28 ? 0.1986 0.1590 0.1965 0.0351  0.0915  0.0139  816  PHE A CE1 
166 C  CE2 . PHE A 28 ? 0.1934 0.1408 0.1941 -0.0068 0.0645  0.0138  816  PHE A CE2 
167 C  CZ  . PHE A 28 ? 0.1724 0.1524 0.1892 0.0279  0.0565  0.0347  816  PHE A CZ  
168 N  N   . SER A 29 ? 0.1377 0.1042 0.1687 -0.0086 0.0781  0.0182  817  SER A N   
169 C  CA  . SER A 29 ? 0.1229 0.1101 0.1350 0.0032  0.0542  0.0174  817  SER A CA  
170 C  C   . SER A 29 ? 0.1145 0.0937 0.1104 -0.0005 0.0366  0.0097  817  SER A C   
171 O  O   . SER A 29 ? 0.1184 0.0894 0.1367 -0.0134 0.0436  -0.0027 817  SER A O   
172 C  CB  . SER A 29 ? 0.1021 0.1456 0.1774 -0.0074 0.0337  0.0232  817  SER A CB  
173 O  OG  . SER A 29 ? 0.1121 0.1597 0.1749 -0.0081 0.0221  0.0440  817  SER A OG  
174 N  N   . GLY A 30 ? 0.0989 0.0872 0.1022 0.0048  0.0195  0.0068  818  GLY A N   
175 C  CA  . GLY A 30 ? 0.0872 0.0817 0.0786 0.0009  0.0053  -0.0043 818  GLY A CA  
176 C  C   . GLY A 30 ? 0.0801 0.0868 0.0908 -0.0080 -0.0052 0.0017  818  GLY A C   
177 O  O   . GLY A 30 ? 0.0742 0.0824 0.0869 -0.0032 -0.0075 0.0011  818  GLY A O   
178 N  N   . LYS A 31 ? 0.0812 0.1091 0.1138 -0.0035 -0.0096 0.0113  819  LYS A N   
179 C  CA  . LYS A 31 ? 0.0991 0.1209 0.1252 -0.0043 -0.0275 0.0194  819  LYS A CA  
180 C  C   . LYS A 31 ? 0.0984 0.1243 0.1267 -0.0164 -0.0237 0.0249  819  LYS A C   
181 O  O   . LYS A 31 ? 0.1299 0.1404 0.1300 -0.0087 -0.0361 0.0422  819  LYS A O   
182 C  CB  . LYS A 31 ? 0.0977 0.1625 0.1613 -0.0042 -0.0240 0.0168  819  LYS A CB  
183 C  CG  . LYS A 31 ? 0.1284 0.1712 0.1626 -0.0172 -0.0418 0.0231  819  LYS A CG  
184 C  CD  . LYS A 31 ? 0.1278 0.2008 0.1986 -0.0198 -0.0404 0.0288  819  LYS A CD  
185 C  CE  . LYS A 31 ? 0.1285 0.2341 0.2180 -0.0242 -0.0506 0.0165  819  LYS A CE  
186 N  NZ  . LYS A 31 ? 0.1982 0.2100 0.2331 -0.0491 -0.0005 0.0091  819  LYS A NZ  
187 N  N   . ASP A 32 ? 0.1109 0.1166 0.1040 -0.0337 -0.0404 0.0188  820  ASP A N   
188 C  CA  . ASP A 32 ? 0.1274 0.1306 0.1042 -0.0477 -0.0411 0.0073  820  ASP A CA  
189 C  C   . ASP A 32 ? 0.1184 0.1231 0.0755 -0.0325 -0.0217 0.0028  820  ASP A C   
190 O  O   . ASP A 32 ? 0.1456 0.1759 0.0926 -0.0480 -0.0009 -0.0176 820  ASP A O   
191 C  CB  . ASP A 32 ? 0.1853 0.1428 0.1160 -0.0576 -0.0291 -0.0159 820  ASP A CB  
192 C  CG  . ASP A 32 ? 0.1966 0.2136 0.1782 -0.0729 -0.0601 -0.0109 820  ASP A CG  
193 O  OD1 . ASP A 32 ? 0.1904 0.2965 0.2878 -0.0424 -0.0545 -0.0415 820  ASP A OD1 
194 O  OD2 . ASP A 32 ? 0.3197 0.2327 0.2664 -0.1007 -0.0631 -0.0410 820  ASP A OD2 
195 N  N   . SER A 33 ? 0.0971 0.0918 0.0748 -0.0208 -0.0118 0.0006  821  SER A N   
196 C  CA  . SER A 33 ? 0.0967 0.0851 0.0842 -0.0264 -0.0095 -0.0017 821  SER A CA  
197 C  C   . SER A 33 ? 0.1006 0.0971 0.0859 -0.0257 -0.0178 0.0078  821  SER A C   
198 O  O   . SER A 33 ? 0.1208 0.1193 0.1318 -0.0115 -0.0320 0.0335  821  SER A O   
199 C  CB  . SER A 33 ? 0.0715 0.0691 0.0820 -0.0111 -0.0088 0.0004  821  SER A CB  
200 O  OG  . SER A 33 ? 0.0799 0.0681 0.0782 -0.0092 -0.0024 -0.0012 821  SER A OG  
201 N  N   . LYS A 34 ? 0.1013 0.1028 0.0810 -0.0262 -0.0219 0.0182  822  LYS A N   
202 C  CA  . LYS A 34 ? 0.1215 0.1153 0.0859 -0.0248 -0.0398 0.0308  822  LYS A CA  
203 C  C   . LYS A 34 ? 0.1054 0.1074 0.0783 -0.0168 -0.0316 0.0282  822  LYS A C   
204 O  O   . LYS A 34 ? 0.1088 0.1011 0.1765 -0.0208 -0.0414 0.0567  822  LYS A O   
205 C  CB  . LYS A 34 ? 0.2079 0.1562 0.0857 -0.0379 -0.0357 0.0151  822  LYS A CB  
206 C  CG  . LYS A 34 ? 0.2480 0.1963 0.1658 -0.0554 -0.0495 -0.0130 822  LYS A CG  
207 N  N   . ASP A 35 ? 0.0857 0.1086 0.1333 -0.0104 -0.0300 0.0372  823  ASP A N   
208 C  CA  . ASP A 35 ? 0.0892 0.0851 0.1007 -0.0093 -0.0291 0.0291  823  ASP A CA  
209 C  C   . ASP A 35 ? 0.0955 0.0957 0.0904 -0.0059 -0.0373 0.0216  823  ASP A C   
210 O  O   . ASP A 35 ? 0.1162 0.1348 0.1173 0.0140  -0.0454 0.0424  823  ASP A O   
211 C  CB  . ASP A 35 ? 0.0843 0.0998 0.0919 0.0055  -0.0229 0.0358  823  ASP A CB  
212 C  CG  . ASP A 35 ? 0.0832 0.0877 0.0837 0.0042  -0.0193 0.0255  823  ASP A CG  
213 O  OD1 . ASP A 35 ? 0.0835 0.0982 0.1306 -0.0007 -0.0172 0.0114  823  ASP A OD1 
214 O  OD2 . ASP A 35 ? 0.1017 0.0942 0.0882 0.0090  -0.0217 0.0150  823  ASP A OD2 
215 N  N   . GLU A 36 ? 0.1250 0.0764 0.0753 0.0017  -0.0381 0.0045  824  GLU A N   
216 C  CA  A GLU A 36 ? 0.1479 0.0932 0.0732 0.0004  -0.0328 0.0025  824  GLU A CA  
217 C  CA  B GLU A 36 ? 0.1496 0.0940 0.0744 0.0007  -0.0351 0.0038  824  GLU A CA  
218 C  C   . GLU A 36 ? 0.1417 0.0928 0.0603 0.0019  -0.0359 0.0029  824  GLU A C   
219 O  O   . GLU A 36 ? 0.1691 0.1061 0.0693 0.0064  -0.0413 0.0134  824  GLU A O   
220 C  CB  A GLU A 36 ? 0.1857 0.0954 0.0759 0.0115  -0.0219 -0.0118 824  GLU A CB  
221 C  CB  B GLU A 36 ? 0.1845 0.1013 0.0809 0.0140  -0.0286 -0.0092 824  GLU A CB  
222 C  CG  A GLU A 36 ? 0.1713 0.1034 0.0940 0.0217  -0.0022 -0.0173 824  GLU A CG  
223 C  CG  B GLU A 36 ? 0.1729 0.1168 0.1124 0.0242  -0.0145 -0.0119 824  GLU A CG  
224 C  CD  A GLU A 36 ? 0.1988 0.1278 0.1066 0.0388  0.0071  -0.0266 824  GLU A CD  
225 C  CD  B GLU A 36 ? 0.1568 0.1922 0.1380 0.0296  -0.0108 -0.0319 824  GLU A CD  
226 O  OE1 A GLU A 36 ? 0.2644 0.1846 0.1076 0.0241  0.0172  -0.0316 824  GLU A OE1 
227 O  OE1 B GLU A 36 ? 0.1428 0.1882 0.1471 0.0514  -0.0284 -0.0324 824  GLU A OE1 
228 O  OE2 A GLU A 36 ? 0.1243 0.1323 0.0870 0.0309  -0.0370 -0.0600 824  GLU A OE2 
229 O  OE2 B GLU A 36 ? 0.1670 0.2122 0.1473 0.0243  -0.0555 -0.0266 824  GLU A OE2 
230 N  N   . ASP A 37 ? 0.1323 0.0764 0.0553 0.0064  -0.0306 0.0070  825  ASP A N   
231 C  CA  . ASP A 37 ? 0.1254 0.0777 0.0718 0.0091  -0.0320 0.0104  825  ASP A CA  
232 C  C   . ASP A 37 ? 0.1190 0.0749 0.0769 0.0162  -0.0383 0.0123  825  ASP A C   
233 O  O   . ASP A 37 ? 0.1460 0.0753 0.0828 0.0127  -0.0194 0.0048  825  ASP A O   
234 C  CB  . ASP A 37 ? 0.1340 0.0786 0.0618 0.0063  -0.0279 0.0104  825  ASP A CB  
235 C  CG  . ASP A 37 ? 0.1212 0.1086 0.0767 0.0044  -0.0303 0.0230  825  ASP A CG  
236 O  OD1 . ASP A 37 ? 0.1250 0.0838 0.0685 0.0055  -0.0281 0.0072  825  ASP A OD1 
237 O  OD2 . ASP A 37 ? 0.1266 0.2116 0.1220 -0.0106 -0.0427 0.0851  825  ASP A OD2 
238 N  N   . GLY A 38 ? 0.1161 0.0813 0.0724 0.0102  -0.0425 0.0080  826  GLY A N   
239 C  CA  . GLY A 38 ? 0.1187 0.0844 0.0776 0.0072  -0.0348 0.0074  826  GLY A CA  
240 C  C   . GLY A 38 ? 0.1113 0.0923 0.0781 0.0059  -0.0401 0.0083  826  GLY A C   
241 O  O   . GLY A 38 ? 0.1270 0.1350 0.1230 -0.0158 -0.0477 -0.0126 826  GLY A O   
242 N  N   . LYS A 39 ? 0.0998 0.0918 0.0810 0.0038  -0.0264 0.0131  827  LYS A N   
243 C  CA  . LYS A 39 ? 0.0812 0.1336 0.1151 -0.0017 -0.0326 0.0309  827  LYS A CA  
244 C  C   . LYS A 39 ? 0.0729 0.0985 0.0980 0.0048  -0.0271 0.0083  827  LYS A C   
245 O  O   . LYS A 39 ? 0.0832 0.0944 0.0953 -0.0011 -0.0313 0.0193  827  LYS A O   
246 C  CB  . LYS A 39 ? 0.1127 0.1329 0.1667 0.0231  -0.0412 0.0406  827  LYS A CB  
247 C  CG  . LYS A 39 ? 0.1352 0.1494 0.1747 0.0075  -0.0221 0.0126  827  LYS A CG  
248 C  CD  . LYS A 39 ? 0.1644 0.1635 0.1965 0.0233  -0.0431 -0.0298 827  LYS A CD  
249 C  CE  . LYS A 39 ? 0.1803 0.1936 0.2358 -0.0019 -0.0252 -0.0140 827  LYS A CE  
250 N  NZ  . LYS A 39 ? 0.1889 0.1901 0.2792 -0.0004 -0.0308 -0.0144 827  LYS A NZ  
251 N  N   . ILE A 40 ? 0.0849 0.0905 0.0805 -0.0017 -0.0340 -0.0038 828  ILE A N   
252 C  CA  . ILE A 40 ? 0.0727 0.0795 0.0799 0.0018  -0.0177 -0.0026 828  ILE A CA  
253 C  C   . ILE A 40 ? 0.0763 0.0750 0.0912 0.0055  -0.0121 0.0031  828  ILE A C   
254 O  O   . ILE A 40 ? 0.0788 0.1098 0.1160 0.0140  -0.0329 -0.0084 828  ILE A O   
255 C  CB  . ILE A 40 ? 0.0831 0.0858 0.0820 -0.0082 -0.0185 -0.0122 828  ILE A CB  
256 C  CG1 . ILE A 40 ? 0.1034 0.0799 0.0840 -0.0084 -0.0070 -0.0078 828  ILE A CG1 
257 C  CG2 . ILE A 40 ? 0.0860 0.0789 0.0902 -0.0011 -0.0112 -0.0085 828  ILE A CG2 
258 C  CD1 . ILE A 40 ? 0.1211 0.0758 0.0886 -0.0118 0.0049  -0.0074 828  ILE A CD1 
259 N  N   . VAL A 41 ? 0.0697 0.0655 0.0864 0.0108  -0.0039 -0.0002 829  VAL A N   
260 C  CA  . VAL A 41 ? 0.0875 0.0676 0.0886 0.0116  0.0056  0.0006  829  VAL A CA  
261 C  C   . VAL A 41 ? 0.0885 0.0680 0.0906 0.0040  0.0093  -0.0008 829  VAL A C   
262 O  O   . VAL A 41 ? 0.1106 0.0871 0.1126 0.0221  0.0262  0.0043  829  VAL A O   
263 C  CB  . VAL A 41 ? 0.0958 0.0638 0.0940 0.0128  0.0097  -0.0141 829  VAL A CB  
264 C  CG1 . VAL A 41 ? 0.1303 0.0739 0.1109 0.0072  0.0200  -0.0018 829  VAL A CG1 
265 C  CG2 . VAL A 41 ? 0.0915 0.0826 0.0981 -0.0006 0.0018  -0.0315 829  VAL A CG2 
266 N  N   . SER A 42 ? 0.0866 0.0644 0.0830 0.0029  0.0064  -0.0041 830  SER A N   
267 C  CA  . SER A 42 ? 0.0811 0.0670 0.0783 0.0063  0.0084  -0.0056 830  SER A CA  
268 C  C   . SER A 42 ? 0.0737 0.0683 0.0661 0.0002  -0.0011 -0.0011 830  SER A C   
269 O  O   . SER A 42 ? 0.0806 0.0659 0.0759 0.0019  0.0055  -0.0023 830  SER A O   
270 C  CB  . SER A 42 ? 0.1023 0.0705 0.0765 0.0050  0.0047  -0.0080 830  SER A CB  
271 O  OG  . SER A 42 ? 0.1034 0.0700 0.0860 0.0013  0.0079  -0.0102 830  SER A OG  
272 N  N   . TYR A 43 ? 0.0842 0.0634 0.0738 0.0061  0.0140  -0.0021 831  TYR A N   
273 C  CA  . TYR A 43 ? 0.0769 0.0666 0.0763 0.0096  0.0136  -0.0065 831  TYR A CA  
274 C  C   . TYR A 43 ? 0.0886 0.0626 0.0721 0.0051  0.0186  -0.0105 831  TYR A C   
275 O  O   . TYR A 43 ? 0.0952 0.0965 0.0735 0.0094  0.0230  -0.0013 831  TYR A O   
276 C  CB  . TYR A 43 ? 0.0811 0.0848 0.0941 -0.0027 0.0067  -0.0038 831  TYR A CB  
277 C  CG  . TYR A 43 ? 0.0741 0.0822 0.0875 -0.0043 0.0030  -0.0127 831  TYR A CG  
278 C  CD1 . TYR A 43 ? 0.1062 0.0954 0.0981 0.0123  0.0016  -0.0100 831  TYR A CD1 
279 C  CD2 . TYR A 43 ? 0.0777 0.0863 0.0903 -0.0076 0.0128  -0.0152 831  TYR A CD2 
280 C  CE1 . TYR A 43 ? 0.1053 0.0962 0.1094 0.0027  -0.0202 -0.0075 831  TYR A CE1 
281 C  CE2 . TYR A 43 ? 0.0906 0.0978 0.0927 -0.0241 -0.0010 -0.0140 831  TYR A CE2 
282 C  CZ  . TYR A 43 ? 0.0960 0.1082 0.1037 -0.0161 -0.0170 -0.0059 831  TYR A CZ  
283 O  OH  . TYR A 43 ? 0.1438 0.1539 0.1144 -0.0171 -0.0456 0.0086  831  TYR A OH  
284 N  N   . ASP A 44 ? 0.0864 0.0700 0.0655 0.0022  0.0231  -0.0074 832  ASP A N   
285 C  CA  . ASP A 44 ? 0.0886 0.0681 0.0651 0.0006  0.0236  -0.0064 832  ASP A CA  
286 C  C   . ASP A 44 ? 0.0702 0.0699 0.0615 -0.0011 0.0174  -0.0082 832  ASP A C   
287 O  O   . ASP A 44 ? 0.1055 0.0623 0.0744 -0.0050 0.0357  -0.0107 832  ASP A O   
288 C  CB  . ASP A 44 ? 0.0975 0.0658 0.0622 0.0024  0.0131  -0.0083 832  ASP A CB  
289 C  CG  . ASP A 44 ? 0.1292 0.0664 0.0747 -0.0055 0.0115  -0.0106 832  ASP A CG  
290 O  OD1 . ASP A 44 ? 0.2002 0.0808 0.1283 0.0059  0.0633  -0.0176 832  ASP A OD1 
291 O  OD2 . ASP A 44 ? 0.1328 0.0794 0.0898 -0.0189 0.0101  -0.0123 832  ASP A OD2 
292 N  N   . TRP A 45 ? 0.0867 0.0680 0.0616 -0.0025 0.0241  -0.0096 833  TRP A N   
293 C  CA  . TRP A 45 ? 0.0920 0.0693 0.0639 -0.0084 0.0272  -0.0097 833  TRP A CA  
294 C  C   . TRP A 45 ? 0.0989 0.0689 0.0622 -0.0160 0.0292  -0.0082 833  TRP A C   
295 O  O   . TRP A 45 ? 0.1084 0.0795 0.0609 -0.0068 0.0275  -0.0111 833  TRP A O   
296 C  CB  . TRP A 45 ? 0.0917 0.0849 0.0710 -0.0111 0.0260  -0.0059 833  TRP A CB  
297 C  CG  . TRP A 45 ? 0.0876 0.0885 0.0756 -0.0090 0.0230  -0.0097 833  TRP A CG  
298 C  CD1 . TRP A 45 ? 0.0991 0.0913 0.0897 -0.0051 0.0177  -0.0091 833  TRP A CD1 
299 C  CD2 . TRP A 45 ? 0.0765 0.0922 0.0779 -0.0195 0.0203  -0.0080 833  TRP A CD2 
300 N  NE1 . TRP A 45 ? 0.0852 0.1007 0.1037 -0.0008 0.0090  -0.0023 833  TRP A NE1 
301 C  CE2 . TRP A 45 ? 0.0761 0.1050 0.0926 -0.0064 0.0195  -0.0020 833  TRP A CE2 
302 C  CE3 . TRP A 45 ? 0.1044 0.0902 0.0806 -0.0184 0.0222  -0.0018 833  TRP A CE3 
303 C  CZ2 . TRP A 45 ? 0.0773 0.1244 0.0891 -0.0197 0.0200  0.0029  833  TRP A CZ2 
304 C  CZ3 . TRP A 45 ? 0.1122 0.0930 0.0801 -0.0179 0.0263  -0.0146 833  TRP A CZ3 
305 C  CH2 . TRP A 45 ? 0.0997 0.1265 0.0919 -0.0194 0.0198  -0.0035 833  TRP A CH2 
306 N  N   . ASP A 46 ? 0.1004 0.0710 0.0551 -0.0129 0.0201  -0.0107 834  ASP A N   
307 C  CA  . ASP A 46 ? 0.0909 0.0775 0.0608 -0.0117 0.0113  -0.0113 834  ASP A CA  
308 C  C   . ASP A 46 ? 0.0796 0.0738 0.0501 -0.0052 0.0118  -0.0061 834  ASP A C   
309 O  O   . ASP A 46 ? 0.0827 0.0722 0.0536 -0.0029 0.0173  -0.0060 834  ASP A O   
310 C  CB  . ASP A 46 ? 0.0921 0.0994 0.0941 -0.0211 0.0113  -0.0180 834  ASP A CB  
311 C  CG  . ASP A 46 ? 0.1004 0.1182 0.1183 -0.0129 -0.0086 -0.0104 834  ASP A CG  
312 O  OD1 . ASP A 46 ? 0.1251 0.1319 0.1097 -0.0231 -0.0136 0.0109  834  ASP A OD1 
313 O  OD2 . ASP A 46 ? 0.1632 0.1811 0.1577 -0.0240 -0.0543 -0.0085 834  ASP A OD2 
314 N  N   . PHE A 47 ? 0.0846 0.0830 0.0522 -0.0118 0.0140  -0.0095 835  PHE A N   
315 C  CA  . PHE A 47 ? 0.0801 0.0867 0.0589 -0.0149 0.0098  -0.0063 835  PHE A CA  
316 C  C   . PHE A 47 ? 0.0795 0.0891 0.0620 -0.0124 0.0137  -0.0046 835  PHE A C   
317 O  O   . PHE A 47 ? 0.0913 0.0815 0.0798 -0.0071 0.0177  -0.0080 835  PHE A O   
318 C  CB  . PHE A 47 ? 0.0816 0.0827 0.0726 -0.0137 0.0172  -0.0023 835  PHE A CB  
319 C  CG  . PHE A 47 ? 0.0819 0.0958 0.0906 -0.0091 0.0255  0.0088  835  PHE A CG  
320 C  CD1 . PHE A 47 ? 0.0842 0.1212 0.0991 0.0050  0.0174  0.0083  835  PHE A CD1 
321 C  CD2 . PHE A 47 ? 0.0957 0.1000 0.1050 -0.0203 0.0232  -0.0017 835  PHE A CD2 
322 C  CE1 . PHE A 47 ? 0.0956 0.1429 0.1123 -0.0012 0.0025  0.0389  835  PHE A CE1 
323 C  CE2 . PHE A 47 ? 0.1062 0.0994 0.1539 -0.0112 0.0288  0.0069  835  PHE A CE2 
324 C  CZ  . PHE A 47 ? 0.0982 0.1161 0.1650 -0.0072 0.0161  0.0340  835  PHE A CZ  
325 N  N   . GLY A 48 ? 0.0838 0.0985 0.0592 -0.0071 0.0066  -0.0046 836  GLY A N   
326 C  CA  . GLY A 48 ? 0.0877 0.1087 0.0802 0.0020  0.0127  -0.0002 836  GLY A CA  
327 C  C   . GLY A 48 ? 0.0814 0.1059 0.0767 -0.0003 0.0023  -0.0053 836  GLY A C   
328 O  O   . GLY A 48 ? 0.0994 0.1340 0.0891 0.0200  0.0098  0.0160  836  GLY A O   
329 N  N   . ASP A 49 ? 0.0853 0.1080 0.0705 0.0061  0.0083  0.0056  837  ASP A N   
330 C  CA  . ASP A 49 ? 0.0899 0.1033 0.0791 0.0058  0.0114  0.0048  837  ASP A CA  
331 C  C   . ASP A 49 ? 0.0973 0.1190 0.0772 0.0037  0.0002  0.0007  837  ASP A C   
332 O  O   . ASP A 49 ? 0.1086 0.1406 0.0783 0.0057  0.0044  -0.0061 837  ASP A O   
333 C  CB  . ASP A 49 ? 0.0964 0.0959 0.0688 -0.0015 0.0057  0.0058  837  ASP A CB  
334 C  CG  . ASP A 49 ? 0.0837 0.0949 0.0747 -0.0069 0.0060  -0.0053 837  ASP A CG  
335 O  OD1 . ASP A 49 ? 0.0879 0.0930 0.0851 0.0040  0.0043  0.0035  837  ASP A OD1 
336 O  OD2 . ASP A 49 ? 0.0876 0.1103 0.1009 -0.0048 0.0109  0.0200  837  ASP A OD2 
337 N  N   . GLY A 50 ? 0.0888 0.1332 0.0911 -0.0144 -0.0045 -0.0050 838  GLY A N   
338 C  CA  . GLY A 50 ? 0.1031 0.1453 0.1170 -0.0280 -0.0047 -0.0143 838  GLY A CA  
339 C  C   . GLY A 50 ? 0.1089 0.1316 0.1143 -0.0306 0.0057  -0.0177 838  GLY A C   
340 O  O   . GLY A 50 ? 0.1442 0.1444 0.2042 -0.0356 -0.0218 -0.0410 838  GLY A O   
341 N  N   . ALA A 51 ? 0.1096 0.1131 0.0841 -0.0207 0.0109  -0.0143 839  ALA A N   
342 C  CA  . ALA A 51 ? 0.1184 0.1020 0.0713 -0.0202 0.0326  -0.0182 839  ALA A CA  
343 C  C   . ALA A 51 ? 0.1046 0.1007 0.0639 -0.0203 0.0186  -0.0200 839  ALA A C   
344 O  O   . ALA A 51 ? 0.1313 0.0912 0.0813 -0.0217 0.0365  -0.0251 839  ALA A O   
345 C  CB  . ALA A 51 ? 0.1232 0.1010 0.0822 -0.0244 0.0331  -0.0096 839  ALA A CB  
346 N  N   . THR A 52 ? 0.1128 0.1002 0.0618 -0.0204 0.0258  -0.0226 840  THR A N   
347 C  CA  . THR A 52 ? 0.1088 0.1016 0.0676 -0.0226 0.0258  -0.0190 840  THR A CA  
348 C  C   . THR A 52 ? 0.1096 0.1027 0.0683 -0.0189 0.0338  -0.0211 840  THR A C   
349 O  O   . THR A 52 ? 0.1106 0.1373 0.0702 -0.0102 0.0357  -0.0155 840  THR A O   
350 C  CB  . THR A 52 ? 0.1144 0.1130 0.0969 -0.0309 0.0258  -0.0184 840  THR A CB  
351 O  OG1 . THR A 52 ? 0.1507 0.1112 0.1072 -0.0201 0.0103  -0.0347 840  THR A OG1 
352 C  CG2 . THR A 52 ? 0.1179 0.1252 0.1274 -0.0211 0.0184  -0.0237 840  THR A CG2 
353 N  N   . SER A 53 ? 0.1108 0.1016 0.0702 -0.0138 0.0352  -0.0190 841  SER A N   
354 C  CA  A SER A 53 ? 0.1092 0.1128 0.0850 -0.0077 0.0432  -0.0081 841  SER A CA  
355 C  CA  B SER A 53 ? 0.1124 0.1143 0.0843 -0.0095 0.0414  -0.0081 841  SER A CA  
356 C  C   . SER A 53 ? 0.1096 0.0929 0.0785 -0.0117 0.0394  -0.0193 841  SER A C   
357 O  O   . SER A 53 ? 0.1219 0.1002 0.0859 0.0105  0.0501  -0.0042 841  SER A O   
358 C  CB  A SER A 53 ? 0.0957 0.1191 0.1178 -0.0010 0.0318  0.0039  841  SER A CB  
359 C  CB  B SER A 53 ? 0.1097 0.1362 0.1289 -0.0154 0.0293  0.0081  841  SER A CB  
360 O  OG  A SER A 53 ? 0.1092 0.1096 0.1567 0.0078  0.0426  0.0170  841  SER A OG  
361 O  OG  B SER A 53 ? 0.1438 0.1611 0.1350 -0.0340 0.0213  0.0006  841  SER A OG  
362 N  N   . ARG A 54 ? 0.0955 0.0980 0.0885 -0.0115 0.0355  -0.0219 842  ARG A N   
363 C  CA  . ARG A 54 ? 0.0957 0.0870 0.0856 -0.0114 0.0241  -0.0255 842  ARG A CA  
364 C  C   . ARG A 54 ? 0.0939 0.0875 0.1025 -0.0102 0.0238  -0.0270 842  ARG A C   
365 O  O   . ARG A 54 ? 0.0850 0.1619 0.1235 -0.0048 0.0232  -0.0349 842  ARG A O   
366 C  CB  . ARG A 54 ? 0.0996 0.0795 0.1005 -0.0002 0.0201  -0.0335 842  ARG A CB  
367 C  CG  . ARG A 54 ? 0.1066 0.0774 0.1110 -0.0043 0.0103  -0.0283 842  ARG A CG  
368 C  CD  . ARG A 54 ? 0.1116 0.0704 0.1189 -0.0013 0.0085  -0.0284 842  ARG A CD  
369 N  NE  . ARG A 54 ? 0.1073 0.0695 0.1495 -0.0066 0.0194  -0.0416 842  ARG A NE  
370 C  CZ  . ARG A 54 ? 0.1037 0.0784 0.1754 -0.0146 0.0176  -0.0355 842  ARG A CZ  
371 N  NH1 . ARG A 54 ? 0.1115 0.0755 0.2012 -0.0169 0.0053  -0.0461 842  ARG A NH1 
372 N  NH2 . ARG A 54 ? 0.1063 0.0938 0.2266 -0.0080 -0.0062 -0.0422 842  ARG A NH2 
373 N  N   . GLY A 55 ? 0.0876 0.0872 0.1009 0.0018  0.0148  -0.0283 843  GLY A N   
374 C  CA  . GLY A 55 ? 0.1007 0.0979 0.1154 0.0094  0.0019  -0.0272 843  GLY A CA  
375 C  C   . GLY A 55 ? 0.1052 0.0954 0.1089 0.0038  0.0026  -0.0188 843  GLY A C   
376 O  O   . GLY A 55 ? 0.0996 0.1075 0.1219 0.0160  -0.0167 -0.0355 843  GLY A O   
377 N  N   . LYS A 56 ? 0.1355 0.0883 0.1239 0.0232  -0.0073 -0.0165 844  LYS A N   
378 C  CA  . LYS A 56 ? 0.1237 0.1135 0.1196 0.0074  -0.0197 -0.0173 844  LYS A CA  
379 C  C   . LYS A 56 ? 0.1233 0.1078 0.1323 0.0159  -0.0049 -0.0218 844  LYS A C   
380 O  O   . LYS A 56 ? 0.1372 0.1173 0.1462 0.0100  -0.0097 -0.0408 844  LYS A O   
381 C  CB  . LYS A 56 ? 0.1381 0.1198 0.1393 0.0082  -0.0180 0.0016  844  LYS A CB  
382 C  CG  . LYS A 56 ? 0.1759 0.1608 0.1432 0.0054  -0.0310 -0.0059 844  LYS A CG  
383 C  CD  . LYS A 56 ? 0.2422 0.2005 0.1820 0.0243  -0.0501 0.0166  844  LYS A CD  
384 C  CE  . LYS A 56 ? 0.2464 0.2493 0.2409 0.0586  -0.0296 0.0247  844  LYS A CE  
385 N  N   . ASN A 57 ? 0.1161 0.1013 0.1494 0.0265  0.0033  -0.0011 845  ASN A N   
386 C  CA  . ASN A 57 ? 0.1731 0.1191 0.1724 -0.0012 0.0234  0.0026  845  ASN A CA  
387 C  C   . ASN A 57 ? 0.2174 0.1257 0.1713 0.0148  0.0395  0.0120  845  ASN A C   
388 O  O   . ASN A 57 ? 0.2333 0.1484 0.1950 -0.0149 0.0329  -0.0052 845  ASN A O   
389 C  CB  . ASN A 57 ? 0.1729 0.2008 0.2123 -0.0307 0.0216  -0.0112 845  ASN A CB  
390 C  CG  . ASN A 57 ? 0.1874 0.2335 0.2219 0.0244  0.0014  -0.0174 845  ASN A CG  
391 O  OD1 . ASN A 57 ? 0.1248 0.2966 0.2000 0.0343  -0.0106 -0.0207 845  ASN A OD1 
392 N  ND2 . ASN A 57 ? 0.2427 0.2275 0.2949 0.0288  -0.0572 -0.0235 845  ASN A ND2 
393 N  N   . SER A 58 ? 0.1352 0.1213 0.1631 0.0017  0.0300  0.0195  846  SER A N   
394 C  CA  A SER A 58 ? 0.1375 0.1283 0.1627 0.0014  0.0299  0.0163  846  SER A CA  
395 C  CA  B SER A 58 ? 0.1351 0.1304 0.1644 0.0006  0.0307  0.0203  846  SER A CA  
396 C  CA  C SER A 58 ? 0.1518 0.1297 0.1666 0.0004  0.0345  0.0211  846  SER A CA  
397 C  C   . SER A 58 ? 0.1126 0.1234 0.1511 0.0134  0.0343  0.0191  846  SER A C   
398 O  O   . SER A 58 ? 0.2054 0.1384 0.1501 -0.0030 0.0754  0.0075  846  SER A O   
399 C  CB  A SER A 58 ? 0.1355 0.1579 0.1506 0.0001  0.0348  0.0078  846  SER A CB  
400 C  CB  B SER A 58 ? 0.1317 0.1699 0.1628 -0.0088 0.0372  0.0214  846  SER A CB  
401 C  CB  C SER A 58 ? 0.1499 0.1487 0.1861 0.0052  0.0357  0.0165  846  SER A CB  
402 O  OG  A SER A 58 ? 0.1483 0.1720 0.1544 0.0084  0.0132  -0.0111 846  SER A OG  
403 O  OG  B SER A 58 ? 0.1077 0.1446 0.1599 -0.0194 0.0257  0.0408  846  SER A OG  
404 O  OG  C SER A 58 ? 0.1826 0.1520 0.2603 -0.0034 0.0438  0.0190  846  SER A OG  
405 N  N   . VAL A 59 ? 0.1284 0.1194 0.1509 0.0064  0.0017  0.0366  847  VAL A N   
406 C  CA  A VAL A 59 ? 0.1110 0.1193 0.1273 0.0079  0.0012  0.0262  847  VAL A CA  
407 C  CA  B VAL A 59 ? 0.1109 0.1233 0.1254 0.0043  0.0005  0.0268  847  VAL A CA  
408 C  C   . VAL A 59 ? 0.1074 0.1103 0.1323 0.0152  0.0002  0.0258  847  VAL A C   
409 O  O   . VAL A 59 ? 0.1523 0.1138 0.1533 0.0144  -0.0221 0.0189  847  VAL A O   
410 C  CB  A VAL A 59 ? 0.1081 0.1707 0.1467 0.0099  -0.0123 0.0177  847  VAL A CB  
411 C  CB  B VAL A 59 ? 0.1077 0.1670 0.1382 0.0032  -0.0028 0.0233  847  VAL A CB  
412 C  CG1 A VAL A 59 ? 0.1174 0.1571 0.1593 0.0292  -0.0150 0.0140  847  VAL A CG1 
413 C  CG1 B VAL A 59 ? 0.1238 0.1431 0.1592 -0.0015 0.0112  0.0033  847  VAL A CG1 
414 C  CG2 A VAL A 59 ? 0.1182 0.1769 0.1397 0.0041  0.0035  0.0187  847  VAL A CG2 
415 C  CG2 B VAL A 59 ? 0.0874 0.2166 0.1416 0.0098  0.0040  0.0307  847  VAL A CG2 
416 N  N   . HIS A 60 ? 0.0947 0.1050 0.1003 0.0134  0.0135  0.0164  848  HIS A N   
417 C  CA  . HIS A 60 ? 0.0898 0.0942 0.0962 0.0096  0.0174  0.0173  848  HIS A CA  
418 C  C   . HIS A 60 ? 0.0849 0.0942 0.0969 0.0114  0.0237  0.0063  848  HIS A C   
419 O  O   . HIS A 60 ? 0.1250 0.1031 0.1011 -0.0053 0.0341  0.0025  848  HIS A O   
420 C  CB  . HIS A 60 ? 0.0842 0.0984 0.1014 0.0019  0.0176  0.0105  848  HIS A CB  
421 C  CG  . HIS A 60 ? 0.0776 0.0910 0.0979 -0.0021 0.0166  0.0040  848  HIS A CG  
422 N  ND1 . HIS A 60 ? 0.0911 0.0989 0.1105 0.0007  0.0164  -0.0074 848  HIS A ND1 
423 C  CD2 . HIS A 60 ? 0.0764 0.0967 0.0989 0.0049  0.0195  0.0030  848  HIS A CD2 
424 C  CE1 . HIS A 60 ? 0.0895 0.1068 0.1098 -0.0054 0.0176  0.0027  848  HIS A CE1 
425 N  NE2 . HIS A 60 ? 0.0791 0.1123 0.1051 -0.0009 0.0068  0.0037  848  HIS A NE2 
426 N  N   . ALA A 61 ? 0.0805 0.0895 0.0977 0.0065  0.0203  0.0062  849  ALA A N   
427 C  CA  . ALA A 61 ? 0.0872 0.0943 0.0943 -0.0009 0.0089  0.0073  849  ALA A CA  
428 C  C   . ALA A 61 ? 0.0824 0.0855 0.0728 -0.0022 0.0149  -0.0009 849  ALA A C   
429 O  O   . ALA A 61 ? 0.1067 0.1013 0.0925 0.0066  0.0034  -0.0208 849  ALA A O   
430 C  CB  . ALA A 61 ? 0.0890 0.1037 0.1231 0.0119  0.0226  0.0204  849  ALA A CB  
431 N  N   . TYR A 62 ? 0.0687 0.0797 0.0614 -0.0037 -0.0017 0.0017  850  TYR A N   
432 C  CA  . TYR A 62 ? 0.0664 0.0775 0.0617 -0.0044 -0.0036 0.0019  850  TYR A CA  
433 C  C   . TYR A 62 ? 0.0562 0.0835 0.0627 -0.0004 -0.0009 0.0022  850  TYR A C   
434 O  O   . TYR A 62 ? 0.0732 0.1034 0.0758 -0.0183 -0.0134 0.0125  850  TYR A O   
435 C  CB  . TYR A 62 ? 0.0703 0.0756 0.0693 -0.0038 -0.0001 0.0006  850  TYR A CB  
436 C  CG  . TYR A 62 ? 0.0632 0.0682 0.0630 -0.0038 0.0008  -0.0057 850  TYR A CG  
437 C  CD1 . TYR A 62 ? 0.0624 0.0841 0.0653 -0.0011 0.0020  -0.0046 850  TYR A CD1 
438 C  CD2 . TYR A 62 ? 0.0598 0.0805 0.0689 0.0016  0.0016  -0.0036 850  TYR A CD2 
439 C  CE1 . TYR A 62 ? 0.0804 0.0961 0.0589 -0.0093 -0.0040 -0.0008 850  TYR A CE1 
440 C  CE2 . TYR A 62 ? 0.0713 0.0828 0.0711 -0.0054 0.0045  -0.0086 850  TYR A CE2 
441 C  CZ  . TYR A 62 ? 0.0739 0.0859 0.0645 -0.0050 0.0167  -0.0062 850  TYR A CZ  
442 O  OH  . TYR A 62 ? 0.0915 0.1133 0.0658 -0.0171 0.0187  -0.0007 850  TYR A OH  
443 N  N   . LYS A 63 ? 0.0644 0.0823 0.0568 -0.0076 0.0000  0.0022  851  LYS A N   
444 C  CA  . LYS A 63 ? 0.0795 0.0915 0.0564 -0.0069 0.0070  0.0035  851  LYS A CA  
445 C  C   . LYS A 63 ? 0.0824 0.0877 0.0661 -0.0157 0.0088  -0.0019 851  LYS A C   
446 O  O   . LYS A 63 ? 0.1217 0.0986 0.0963 -0.0105 0.0346  0.0098  851  LYS A O   
447 C  CB  . LYS A 63 ? 0.1010 0.0937 0.0620 -0.0089 0.0135  -0.0047 851  LYS A CB  
448 C  CG  . LYS A 63 ? 0.1112 0.0992 0.1082 -0.0059 0.0248  -0.0132 851  LYS A CG  
449 C  CD  . LYS A 63 ? 0.1786 0.1177 0.1157 -0.0155 0.0156  -0.0147 851  LYS A CD  
450 C  CE  . LYS A 63 ? 0.1836 0.1427 0.1214 -0.0119 -0.0129 -0.0289 851  LYS A CE  
451 N  NZ  . LYS A 63 ? 0.1558 0.1368 0.1369 -0.0070 -0.0111 -0.0237 851  LYS A NZ  
452 N  N   . LYS A 64 ? 0.0841 0.0773 0.0524 -0.0091 -0.0009 0.0040  852  LYS A N   
453 C  CA  . LYS A 64 ? 0.0937 0.0777 0.0518 -0.0051 -0.0001 0.0035  852  LYS A CA  
454 C  C   . LYS A 64 ? 0.0763 0.0782 0.0538 -0.0055 -0.0039 0.0041  852  LYS A C   
455 O  O   . LYS A 64 ? 0.0822 0.0762 0.0629 -0.0101 0.0083  0.0008  852  LYS A O   
456 C  CB  . LYS A 64 ? 0.0951 0.0851 0.0641 0.0047  -0.0020 0.0065  852  LYS A CB  
457 C  CG  . LYS A 64 ? 0.1048 0.0953 0.0653 0.0046  0.0045  -0.0084 852  LYS A CG  
458 C  CD  . LYS A 64 ? 0.1206 0.1012 0.0683 0.0142  -0.0189 -0.0058 852  LYS A CD  
459 C  CE  . LYS A 64 ? 0.1396 0.1187 0.0747 0.0325  -0.0187 -0.0054 852  LYS A CE  
460 N  NZ  . LYS A 64 ? 0.1532 0.2012 0.1089 0.0555  -0.0363 -0.0171 852  LYS A NZ  
461 N  N   . ALA A 65 ? 0.0818 0.0779 0.0547 -0.0062 0.0014  0.0042  853  ALA A N   
462 C  CA  . ALA A 65 ? 0.0719 0.0753 0.0526 -0.0071 -0.0107 0.0028  853  ALA A CA  
463 C  C   . ALA A 65 ? 0.0692 0.0652 0.0572 -0.0034 -0.0085 0.0019  853  ALA A C   
464 O  O   . ALA A 65 ? 0.0727 0.0788 0.0577 -0.0070 -0.0125 0.0010  853  ALA A O   
465 C  CB  . ALA A 65 ? 0.0627 0.0775 0.0660 -0.0068 0.0040  -0.0007 853  ALA A CB  
466 N  N   . GLY A 66 ? 0.0620 0.0878 0.0578 -0.0124 -0.0126 0.0128  854  GLY A N   
467 C  CA  . GLY A 66 ? 0.0661 0.1013 0.0706 -0.0103 -0.0033 0.0146  854  GLY A CA  
468 C  C   . GLY A 66 ? 0.0669 0.0856 0.0533 0.0007  -0.0060 -0.0002 854  GLY A C   
469 O  O   . GLY A 66 ? 0.0703 0.1766 0.0674 0.0123  -0.0035 0.0313  854  GLY A O   
470 N  N   . THR A 67 ? 0.0736 0.0738 0.0596 -0.0050 0.0013  0.0055  855  THR A N   
471 C  CA  . THR A 67 ? 0.0783 0.0808 0.0593 0.0018  0.0092  0.0035  855  THR A CA  
472 C  C   . THR A 67 ? 0.0658 0.0883 0.0713 -0.0101 0.0017  0.0153  855  THR A C   
473 O  O   . THR A 67 ? 0.0780 0.1026 0.1241 -0.0194 -0.0333 0.0320  855  THR A O   
474 C  CB  . THR A 67 ? 0.1245 0.1118 0.0852 0.0236  0.0281  -0.0013 855  THR A CB  
475 O  OG1 . THR A 67 ? 0.2064 0.1011 0.0890 0.0316  0.0190  -0.0094 855  THR A OG1 
476 C  CG2 . THR A 67 ? 0.1747 0.1409 0.0928 0.0332  0.0456  0.0104  855  THR A CG2 
477 N  N   . TYR A 68 ? 0.0739 0.0781 0.0581 -0.0087 0.0041  0.0034  856  TYR A N   
478 C  CA  . TYR A 68 ? 0.0713 0.0793 0.0678 -0.0092 0.0013  0.0031  856  TYR A CA  
479 C  C   . TYR A 68 ? 0.0753 0.0864 0.0725 -0.0084 0.0142  -0.0013 856  TYR A C   
480 O  O   . TYR A 68 ? 0.1135 0.1215 0.0674 -0.0334 0.0096  0.0085  856  TYR A O   
481 C  CB  . TYR A 68 ? 0.0792 0.0801 0.0638 -0.0061 0.0058  0.0016  856  TYR A CB  
482 C  CG  . TYR A 68 ? 0.0755 0.0784 0.0620 -0.0065 0.0018  -0.0006 856  TYR A CG  
483 C  CD1 . TYR A 68 ? 0.0658 0.0920 0.0594 -0.0067 -0.0038 -0.0053 856  TYR A CD1 
484 C  CD2 . TYR A 68 ? 0.0673 0.0862 0.0708 -0.0135 0.0016  -0.0069 856  TYR A CD2 
485 C  CE1 . TYR A 68 ? 0.0722 0.0935 0.0609 -0.0149 0.0034  -0.0094 856  TYR A CE1 
486 C  CE2 . TYR A 68 ? 0.0831 0.0981 0.0563 -0.0184 -0.0069 -0.0097 856  TYR A CE2 
487 C  CZ  . TYR A 68 ? 0.0750 0.1005 0.0599 -0.0173 -0.0013 -0.0021 856  TYR A CZ  
488 O  OH  . TYR A 68 ? 0.1106 0.1249 0.0582 -0.0277 0.0082  -0.0039 856  TYR A OH  
489 N  N   . ASN A 69 ? 0.0866 0.0769 0.0967 -0.0133 0.0072  0.0068  857  ASN A N   
490 C  CA  . ASN A 69 ? 0.1153 0.0791 0.0996 -0.0181 0.0202  0.0015  857  ASN A CA  
491 C  C   . ASN A 69 ? 0.1227 0.0784 0.0782 -0.0259 0.0222  -0.0100 857  ASN A C   
492 O  O   . ASN A 69 ? 0.1715 0.1007 0.0919 -0.0143 -0.0240 0.0015  857  ASN A O   
493 C  CB  . ASN A 69 ? 0.1221 0.1305 0.1374 -0.0274 0.0243  -0.0085 857  ASN A CB  
494 C  CG  . ASN A 69 ? 0.1689 0.1414 0.1627 -0.0218 0.0156  -0.0260 857  ASN A CG  
495 O  OD1 . ASN A 69 ? 0.1734 0.1927 0.1798 -0.0244 0.0052  -0.0530 857  ASN A OD1 
496 N  ND2 . ASN A 69 ? 0.1727 0.1846 0.2872 -0.0310 0.0306  -0.0382 857  ASN A ND2 
497 N  N   . VAL A 70 ? 0.1256 0.0668 0.0684 -0.0209 0.0270  -0.0117 858  VAL A N   
498 C  CA  . VAL A 70 ? 0.1107 0.0731 0.0564 -0.0180 0.0247  -0.0101 858  VAL A CA  
499 C  C   . VAL A 70 ? 0.1070 0.0675 0.0577 -0.0121 0.0223  -0.0084 858  VAL A C   
500 O  O   . VAL A 70 ? 0.1417 0.0849 0.0737 -0.0300 0.0504  -0.0182 858  VAL A O   
501 C  CB  . VAL A 70 ? 0.1156 0.0949 0.0699 -0.0130 0.0268  -0.0162 858  VAL A CB  
502 C  CG1 . VAL A 70 ? 0.1252 0.0988 0.0980 0.0004  0.0269  -0.0305 858  VAL A CG1 
503 C  CG2 . VAL A 70 ? 0.1335 0.1219 0.0863 -0.0291 0.0336  -0.0090 858  VAL A CG2 
504 N  N   . THR A 71 ? 0.0952 0.0612 0.0570 -0.0110 0.0240  -0.0060 859  THR A N   
505 C  CA  . THR A 71 ? 0.0981 0.0599 0.0601 -0.0112 0.0217  -0.0019 859  THR A CA  
506 C  C   . THR A 71 ? 0.1026 0.0574 0.0566 -0.0107 0.0193  -0.0088 859  THR A C   
507 O  O   . THR A 71 ? 0.1359 0.0774 0.0568 0.0177  0.0245  -0.0007 859  THR A O   
508 C  CB  . THR A 71 ? 0.1002 0.0951 0.0905 -0.0133 0.0082  -0.0006 859  THR A CB  
509 O  OG1 . THR A 71 ? 0.1106 0.1251 0.1431 0.0107  0.0059  0.0107  859  THR A OG1 
510 C  CG2 . THR A 71 ? 0.1136 0.1557 0.1309 -0.0405 0.0188  0.0134  859  THR A CG2 
511 N  N   . LEU A 72 ? 0.0899 0.0561 0.0541 -0.0097 0.0197  -0.0100 860  LEU A N   
512 C  CA  . LEU A 72 ? 0.0774 0.0574 0.0546 -0.0062 0.0174  -0.0064 860  LEU A CA  
513 C  C   . LEU A 72 ? 0.0730 0.0565 0.0530 -0.0046 0.0121  -0.0029 860  LEU A C   
514 O  O   . LEU A 72 ? 0.0782 0.0607 0.0730 -0.0139 0.0247  -0.0095 860  LEU A O   
515 C  CB  . LEU A 72 ? 0.0738 0.0711 0.0612 -0.0131 0.0171  -0.0074 860  LEU A CB  
516 C  CG  . LEU A 72 ? 0.0688 0.0804 0.0710 -0.0129 0.0128  -0.0047 860  LEU A CG  
517 C  CD1 . LEU A 72 ? 0.0873 0.0862 0.0980 0.0042  0.0182  -0.0051 860  LEU A CD1 
518 C  CD2 . LEU A 72 ? 0.0837 0.1196 0.0765 -0.0128 -0.0019 0.0008  860  LEU A CD2 
519 N  N   . LYS A 73 ? 0.0685 0.0551 0.0518 -0.0043 0.0110  -0.0045 861  LYS A N   
520 C  CA  . LYS A 73 ? 0.0750 0.0570 0.0545 -0.0094 0.0096  -0.0009 861  LYS A CA  
521 C  C   . LYS A 73 ? 0.0635 0.0570 0.0579 -0.0132 0.0093  -0.0078 861  LYS A C   
522 O  O   . LYS A 73 ? 0.0782 0.0675 0.0680 -0.0050 0.0179  -0.0073 861  LYS A O   
523 C  CB  . LYS A 73 ? 0.0787 0.0783 0.0592 -0.0048 0.0055  -0.0078 861  LYS A CB  
524 C  CG  . LYS A 73 ? 0.0895 0.0773 0.0874 -0.0141 0.0007  -0.0177 861  LYS A CG  
525 C  CD  . LYS A 73 ? 0.1241 0.1434 0.1238 -0.0227 -0.0288 -0.0298 861  LYS A CD  
526 C  CE  . LYS A 73 ? 0.1830 0.1850 0.1688 -0.0533 -0.0162 -0.0056 861  LYS A CE  
527 N  NZ  . LYS A 73 ? 0.2219 0.2523 0.2036 -0.0524 -0.0456 -0.0140 861  LYS A NZ  
528 N  N   . VAL A 74 ? 0.0616 0.0502 0.0591 -0.0001 0.0119  -0.0050 862  VAL A N   
529 C  CA  . VAL A 74 ? 0.0621 0.0569 0.0654 -0.0010 0.0057  0.0003  862  VAL A CA  
530 C  C   . VAL A 74 ? 0.0625 0.0546 0.0519 -0.0020 0.0048  -0.0061 862  VAL A C   
531 O  O   . VAL A 74 ? 0.0625 0.0528 0.0800 -0.0015 0.0075  -0.0020 862  VAL A O   
532 C  CB  . VAL A 74 ? 0.0743 0.0582 0.0676 -0.0060 0.0019  -0.0027 862  VAL A CB  
533 C  CG1 . VAL A 74 ? 0.0797 0.0866 0.0707 -0.0210 -0.0026 -0.0077 862  VAL A CG1 
534 C  CG2 . VAL A 74 ? 0.0828 0.0741 0.0661 -0.0017 0.0028  -0.0076 862  VAL A CG2 
535 N  N   . THR A 75 ? 0.0596 0.0516 0.0651 -0.0021 -0.0036 -0.0016 863  THR A N   
536 C  CA  . THR A 75 ? 0.0654 0.0528 0.0577 -0.0041 -0.0002 0.0005  863  THR A CA  
537 C  C   . THR A 75 ? 0.0621 0.0531 0.0597 0.0002  -0.0073 -0.0039 863  THR A C   
538 O  O   . THR A 75 ? 0.0633 0.0586 0.0718 0.0045  -0.0022 -0.0016 863  THR A O   
539 C  CB  . THR A 75 ? 0.0775 0.0640 0.0576 -0.0025 -0.0018 -0.0029 863  THR A CB  
540 O  OG1 . THR A 75 ? 0.0825 0.0724 0.0603 -0.0073 -0.0069 0.0028  863  THR A OG1 
541 C  CG2 . THR A 75 ? 0.0988 0.0583 0.0711 -0.0085 -0.0128 -0.0100 863  THR A CG2 
542 N  N   . ASP A 76 ? 0.0599 0.0582 0.0615 0.0013  -0.0094 0.0005  864  ASP A N   
543 C  CA  . ASP A 76 ? 0.0559 0.0615 0.0624 0.0049  -0.0115 0.0013  864  ASP A CA  
544 C  C   . ASP A 76 ? 0.0642 0.0649 0.0612 0.0032  -0.0054 0.0025  864  ASP A C   
545 O  O   . ASP A 76 ? 0.0767 0.0606 0.0628 0.0004  -0.0077 -0.0007 864  ASP A O   
546 C  CB  . ASP A 76 ? 0.0689 0.0642 0.0581 0.0002  -0.0122 0.0004  864  ASP A CB  
547 C  CG  . ASP A 76 ? 0.0708 0.0596 0.0547 0.0003  -0.0129 0.0078  864  ASP A CG  
548 O  OD1 . ASP A 76 ? 0.0700 0.0553 0.0630 0.0038  -0.0065 -0.0035 864  ASP A OD1 
549 O  OD2 . ASP A 76 ? 0.0706 0.0721 0.0614 -0.0008 -0.0087 0.0068  864  ASP A OD2 
550 N  N   . ASP A 77 ? 0.0785 0.0650 0.0604 0.0088  -0.0105 0.0014  865  ASP A N   
551 C  CA  . ASP A 77 ? 0.0828 0.0636 0.0725 0.0100  -0.0098 0.0055  865  ASP A CA  
552 C  C   . ASP A 77 ? 0.0947 0.0636 0.0688 0.0034  -0.0111 0.0034  865  ASP A C   
553 O  O   . ASP A 77 ? 0.1075 0.0705 0.1035 0.0103  -0.0147 -0.0139 865  ASP A O   
554 C  CB  . ASP A 77 ? 0.0816 0.0620 0.0828 0.0167  -0.0156 0.0000  865  ASP A CB  
555 C  CG  . ASP A 77 ? 0.0868 0.0689 0.0806 0.0167  -0.0162 0.0130  865  ASP A CG  
556 O  OD1 . ASP A 77 ? 0.1020 0.0832 0.0827 0.0081  -0.0196 0.0037  865  ASP A OD1 
557 O  OD2 . ASP A 77 ? 0.1175 0.0770 0.1160 0.0069  -0.0124 0.0191  865  ASP A OD2 
558 N  N   . LYS A 78 ? 0.0859 0.0659 0.0767 -0.0049 -0.0070 0.0051  866  LYS A N   
559 C  CA  . LYS A 78 ? 0.0906 0.0671 0.0909 -0.0114 -0.0087 0.0023  866  LYS A CA  
560 C  C   . LYS A 78 ? 0.0839 0.0631 0.0836 -0.0036 -0.0068 -0.0049 866  LYS A C   
561 O  O   . LYS A 78 ? 0.0924 0.1012 0.0977 -0.0176 -0.0136 0.0082  866  LYS A O   
562 C  CB  . LYS A 78 ? 0.1008 0.1085 0.0952 -0.0150 -0.0015 0.0056  866  LYS A CB  
563 C  CG  . LYS A 78 ? 0.1202 0.1882 0.1020 -0.0127 -0.0041 0.0240  866  LYS A CG  
564 C  CD  . LYS A 78 ? 0.2134 0.1856 0.1601 0.0092  -0.0091 0.0422  866  LYS A CD  
565 N  N   . GLY A 79 ? 0.0799 0.0580 0.0758 -0.0050 -0.0145 -0.0065 867  GLY A N   
566 C  CA  . GLY A 79 ? 0.0833 0.0639 0.0653 -0.0073 -0.0128 -0.0083 867  GLY A CA  
567 C  C   . GLY A 79 ? 0.0695 0.0592 0.0612 -0.0124 -0.0130 -0.0035 867  GLY A C   
568 O  O   . GLY A 79 ? 0.0920 0.0678 0.0684 -0.0073 -0.0234 -0.0037 867  GLY A O   
569 N  N   . ALA A 80 ? 0.0729 0.0535 0.0574 -0.0052 -0.0117 0.0018  868  ALA A N   
570 C  CA  . ALA A 80 ? 0.0600 0.0580 0.0564 -0.0056 -0.0108 0.0001  868  ALA A CA  
571 C  C   . ALA A 80 ? 0.0546 0.0570 0.0493 -0.0025 -0.0133 -0.0011 868  ALA A C   
572 O  O   . ALA A 80 ? 0.0532 0.0586 0.0843 -0.0027 -0.0113 0.0051  868  ALA A O   
573 C  CB  . ALA A 80 ? 0.0729 0.0715 0.0599 -0.0041 -0.0047 -0.0027 868  ALA A CB  
574 N  N   . THR A 81 ? 0.0509 0.0583 0.0715 0.0014  -0.0040 0.0008  869  THR A N   
575 C  CA  . THR A 81 ? 0.0605 0.0584 0.0644 -0.0031 -0.0024 -0.0034 869  THR A CA  
576 C  C   . THR A 81 ? 0.0605 0.0553 0.0560 -0.0038 0.0021  0.0027  869  THR A C   
577 O  O   . THR A 81 ? 0.0599 0.0604 0.0697 -0.0039 0.0031  0.0001  869  THR A O   
578 C  CB  . THR A 81 ? 0.0730 0.0651 0.0641 -0.0042 0.0010  -0.0026 869  THR A CB  
579 O  OG1 . THR A 81 ? 0.0863 0.0837 0.0701 0.0124  -0.0091 0.0049  869  THR A OG1 
580 C  CG2 . THR A 81 ? 0.1037 0.0779 0.0695 -0.0003 -0.0042 -0.0132 869  THR A CG2 
581 N  N   . ALA A 82 ? 0.0577 0.0548 0.0534 -0.0041 0.0003  -0.0044 870  ALA A N   
582 C  CA  . ALA A 82 ? 0.0602 0.0551 0.0613 -0.0018 0.0061  -0.0042 870  ALA A CA  
583 C  C   . ALA A 82 ? 0.0658 0.0600 0.0556 -0.0043 0.0076  -0.0045 870  ALA A C   
584 O  O   . ALA A 82 ? 0.0700 0.0624 0.0694 -0.0015 0.0183  0.0044  870  ALA A O   
585 C  CB  . ALA A 82 ? 0.0778 0.0670 0.0592 -0.0115 0.0090  -0.0027 870  ALA A CB  
586 N  N   . THR A 83 ? 0.0644 0.0580 0.0644 -0.0057 0.0149  -0.0005 871  THR A N   
587 C  CA  A THR A 83 ? 0.0747 0.0628 0.0695 -0.0087 0.0194  0.0012  871  THR A CA  
588 C  CA  B THR A 83 ? 0.0698 0.0583 0.0624 -0.0025 0.0160  0.0024  871  THR A CA  
589 C  C   . THR A 83 ? 0.0737 0.0629 0.0626 -0.0058 0.0132  0.0046  871  THR A C   
590 O  O   . THR A 83 ? 0.0896 0.0652 0.0750 -0.0046 0.0273  -0.0003 871  THR A O   
591 C  CB  A THR A 83 ? 0.0887 0.0956 0.0852 -0.0037 0.0081  0.0092  871  THR A CB  
592 C  CB  B THR A 83 ? 0.0834 0.0768 0.0720 0.0031  0.0069  0.0083  871  THR A CB  
593 O  OG1 A THR A 83 ? 0.1023 0.0987 0.0856 -0.0224 0.0208  0.0096  871  THR A OG1 
594 O  OG1 B THR A 83 ? 0.0860 0.0882 0.0855 0.0135  -0.0052 -0.0007 871  THR A OG1 
595 C  CG2 A THR A 83 ? 0.1086 0.1051 0.1082 -0.0191 0.0154  0.0089  871  THR A CG2 
596 C  CG2 B THR A 83 ? 0.0934 0.0949 0.0834 -0.0047 -0.0034 0.0013  871  THR A CG2 
597 N  N   . GLU A 84 ? 0.0780 0.0664 0.0666 -0.0118 0.0245  -0.0106 872  GLU A N   
598 C  CA  . GLU A 84 ? 0.0947 0.0684 0.0687 -0.0168 0.0244  -0.0076 872  GLU A CA  
599 C  C   . GLU A 84 ? 0.0901 0.0727 0.0677 -0.0208 0.0218  -0.0075 872  GLU A C   
600 O  O   . GLU A 84 ? 0.1259 0.0812 0.0766 -0.0206 0.0441  -0.0083 872  GLU A O   
601 C  CB  . GLU A 84 ? 0.1016 0.0786 0.0696 -0.0156 0.0166  -0.0081 872  GLU A CB  
602 C  CG  . GLU A 84 ? 0.1020 0.0758 0.0896 -0.0088 0.0084  -0.0085 872  GLU A CG  
603 C  CD  . GLU A 84 ? 0.1075 0.0822 0.0671 -0.0120 0.0067  -0.0042 872  GLU A CD  
604 O  OE1 . GLU A 84 ? 0.1214 0.0862 0.0904 -0.0024 -0.0052 -0.0112 872  GLU A OE1 
605 O  OE2 . GLU A 84 ? 0.1074 0.0808 0.0889 -0.0096 -0.0006 -0.0038 872  GLU A OE2 
606 N  N   . SER A 85 ? 0.0829 0.0831 0.0756 -0.0076 0.0247  0.0050  873  SER A N   
607 C  CA  A SER A 85 ? 0.0987 0.0871 0.0794 -0.0093 0.0204  0.0084  873  SER A CA  
608 C  CA  B SER A 85 ? 0.0923 0.0995 0.0795 -0.0130 0.0119  0.0158  873  SER A CA  
609 C  C   . SER A 85 ? 0.0973 0.0666 0.0651 0.0057  0.0216  0.0024  873  SER A C   
610 O  O   . SER A 85 ? 0.1286 0.1135 0.0789 0.0125  0.0288  -0.0193 873  SER A O   
611 C  CB  A SER A 85 ? 0.1156 0.1040 0.1141 0.0087  0.0186  0.0103  873  SER A CB  
612 C  CB  B SER A 85 ? 0.1137 0.1242 0.1319 0.0010  -0.0061 0.0237  873  SER A CB  
613 O  OG  A SER A 85 ? 0.1388 0.1264 0.1506 -0.0016 0.0100  -0.0044 873  SER A OG  
614 O  OG  B SER A 85 ? 0.1349 0.1300 0.1363 -0.0095 -0.0203 0.0302  873  SER A OG  
615 N  N   . PHE A 86 ? 0.1096 0.0653 0.0611 -0.0182 0.0207  -0.0018 874  PHE A N   
616 C  CA  . PHE A 86 ? 0.1117 0.0942 0.0831 -0.0231 0.0084  0.0049  874  PHE A CA  
617 C  C   . PHE A 86 ? 0.1212 0.0925 0.0630 -0.0279 0.0199  -0.0083 874  PHE A C   
618 O  O   . PHE A 86 ? 0.1748 0.0797 0.0605 -0.0363 0.0244  -0.0085 874  PHE A O   
619 C  CB  . PHE A 86 ? 0.1225 0.1078 0.0674 -0.0033 0.0032  0.0067  874  PHE A CB  
620 C  CG  . PHE A 86 ? 0.1135 0.1105 0.1114 -0.0053 0.0169  -0.0044 874  PHE A CG  
621 C  CD1 . PHE A 86 ? 0.1254 0.1593 0.1202 -0.0240 0.0052  0.0035  874  PHE A CD1 
622 C  CD2 . PHE A 86 ? 0.1336 0.1154 0.1112 -0.0271 0.0048  0.0099  874  PHE A CD2 
623 C  CE1 . PHE A 86 ? 0.1409 0.1647 0.1584 -0.0345 0.0038  -0.0229 874  PHE A CE1 
624 C  CE2 . PHE A 86 ? 0.1276 0.1380 0.1456 -0.0278 0.0167  -0.0124 874  PHE A CE2 
625 C  CZ  . PHE A 86 ? 0.1223 0.1710 0.1632 -0.0357 -0.0027 -0.0109 874  PHE A CZ  
626 N  N   . THR A 87 ? 0.1104 0.0881 0.0508 -0.0305 0.0240  -0.0130 875  THR A N   
627 C  CA  . THR A 87 ? 0.1049 0.0798 0.0586 -0.0250 0.0297  -0.0127 875  THR A CA  
628 C  C   . THR A 87 ? 0.1004 0.0817 0.0604 -0.0254 0.0186  -0.0086 875  THR A C   
629 O  O   . THR A 87 ? 0.1130 0.1429 0.0638 -0.0480 0.0147  -0.0061 875  THR A O   
630 C  CB  . THR A 87 ? 0.1206 0.0960 0.0811 -0.0087 0.0341  -0.0162 875  THR A CB  
631 O  OG1 . THR A 87 ? 0.1164 0.1379 0.0799 -0.0060 0.0315  -0.0247 875  THR A OG1 
632 C  CG2 . THR A 87 ? 0.1684 0.0940 0.1012 0.0016  0.0403  -0.0053 875  THR A CG2 
633 N  N   . ILE A 88 ? 0.0911 0.0825 0.0560 -0.0225 0.0132  -0.0018 876  ILE A N   
634 C  CA  . ILE A 88 ? 0.0882 0.0931 0.0555 -0.0219 0.0089  0.0048  876  ILE A CA  
635 C  C   . ILE A 88 ? 0.0769 0.0812 0.0603 -0.0110 0.0077  -0.0031 876  ILE A C   
636 O  O   . ILE A 88 ? 0.0994 0.0903 0.0675 -0.0202 -0.0051 0.0036  876  ILE A O   
637 C  CB  . ILE A 88 ? 0.0952 0.1001 0.0705 -0.0087 0.0127  0.0148  876  ILE A CB  
638 C  CG1 . ILE A 88 ? 0.0876 0.1077 0.0839 0.0014  -0.0024 0.0011  876  ILE A CG1 
639 C  CG2 . ILE A 88 ? 0.0880 0.1048 0.0891 -0.0090 0.0301  -0.0091 876  ILE A CG2 
640 C  CD1 . ILE A 88 ? 0.0926 0.1295 0.1019 0.0215  -0.0002 0.0121  876  ILE A CD1 
641 N  N   . GLU A 89 ? 0.0782 0.0820 0.0566 -0.0133 0.0089  -0.0025 877  GLU A N   
642 C  CA  . GLU A 89 ? 0.0726 0.0820 0.0674 -0.0128 0.0104  -0.0017 877  GLU A CA  
643 C  C   . GLU A 89 ? 0.0622 0.0860 0.0543 -0.0136 -0.0018 -0.0011 877  GLU A C   
644 O  O   . GLU A 89 ? 0.0642 0.1666 0.0566 -0.0042 -0.0007 0.0140  877  GLU A O   
645 C  CB  . GLU A 89 ? 0.1026 0.0916 0.0961 -0.0168 0.0257  -0.0157 877  GLU A CB  
646 C  CG  . GLU A 89 ? 0.1268 0.0950 0.1288 -0.0208 0.0171  -0.0079 877  GLU A CG  
647 C  CD  . GLU A 89 ? 0.1320 0.0926 0.1179 -0.0115 0.0088  -0.0038 877  GLU A CD  
648 O  OE1 . GLU A 89 ? 0.1326 0.1453 0.1479 -0.0120 0.0089  0.0015  877  GLU A OE1 
649 O  OE2 . GLU A 89 ? 0.1597 0.1353 0.1724 0.0008  0.0044  0.0417  877  GLU A OE2 
650 N  N   . ILE A 90 ? 0.0545 0.0775 0.0546 -0.0061 -0.0028 0.0010  878  ILE A N   
651 C  CA  . ILE A 90 ? 0.0557 0.0727 0.0538 -0.0008 -0.0025 0.0000  878  ILE A CA  
652 C  C   . ILE A 90 ? 0.0535 0.0785 0.0470 -0.0048 -0.0032 -0.0005 878  ILE A C   
653 O  O   . ILE A 90 ? 0.0583 0.0816 0.0613 -0.0081 -0.0102 0.0070  878  ILE A O   
654 C  CB  . ILE A 90 ? 0.0576 0.0738 0.0585 -0.0072 -0.0066 -0.0030 878  ILE A CB  
655 C  CG1 . ILE A 90 ? 0.0625 0.0766 0.0688 -0.0148 0.0048  -0.0063 878  ILE A CG1 
656 C  CG2 . ILE A 90 ? 0.0662 0.0756 0.0642 0.0009  0.0000  -0.0004 878  ILE A CG2 
657 C  CD1 . ILE A 90 ? 0.0801 0.0800 0.0781 -0.0136 -0.0018 0.0033  878  ILE A CD1 
658 N  N   . LYS A 91 ? 0.0570 0.0717 0.0628 -0.0049 -0.0121 0.0108  879  LYS A N   
659 C  CA  . LYS A 91 ? 0.0603 0.0709 0.0722 -0.0065 -0.0123 0.0083  879  LYS A CA  
660 C  C   . LYS A 91 ? 0.0654 0.0747 0.0785 -0.0054 -0.0080 0.0119  879  LYS A C   
661 O  O   . LYS A 91 ? 0.1107 0.0978 0.0986 0.0230  0.0302  0.0337  879  LYS A O   
662 C  CB  . LYS A 91 ? 0.0847 0.0813 0.0879 -0.0159 -0.0274 0.0081  879  LYS A CB  
663 C  CG  . LYS A 91 ? 0.1310 0.1494 0.1183 -0.0073 -0.0021 0.0021  879  LYS A CG  
664 C  CD  . LYS A 91 ? 0.1622 0.1807 0.1425 -0.0027 -0.0222 -0.0177 879  LYS A CD  
665 C  CE  . LYS A 91 ? 0.1761 0.1967 0.1948 0.0073  0.0028  0.0269  879  LYS A CE  
666 N  N   . ASN A 92 ? 0.0662 0.0767 0.0775 -0.0070 0.0014  0.0122  880  ASN A N   
667 C  CA  . ASN A 92 ? 0.0771 0.0952 0.0949 -0.0006 0.0135  0.0258  880  ASN A CA  
668 C  C   . ASN A 92 ? 0.0779 0.1458 0.1385 -0.0112 0.0145  0.0364  880  ASN A C   
669 O  O   . ASN A 92 ? 0.0921 0.1641 0.1485 -0.0211 -0.0278 0.0396  880  ASN A O   
670 C  CB  . ASN A 92 ? 0.0834 0.0898 0.0885 -0.0010 0.0088  0.0190  880  ASN A CB  
671 C  CG  . ASN A 92 ? 0.0892 0.0732 0.0751 -0.0012 0.0138  0.0159  880  ASN A CG  
672 O  OD1 . ASN A 92 ? 0.0973 0.0840 0.0865 0.0036  0.0257  0.0055  880  ASN A OD1 
673 N  ND2 . ASN A 92 ? 0.0877 0.0655 0.0762 -0.0047 0.0117  0.0085  880  ASN A ND2 
674 O  OXT . ASN A 92 ? 0.0989 0.2403 0.1918 0.0117  0.0455  0.0522  880  ASN A OXT 
675 CA CA  . CA  B .  ? 0.0890 0.0754 0.0569 0.0030  -0.0175 0.0121  1881 CA  A CA  
676 O  O   . HOH C .  ? 0.4264 0.2753 0.3174 -0.0455 0.0047  0.0034  2001 HOH A O   
677 O  O   . HOH C .  ? 0.1764 0.1187 0.0933 -0.0324 0.0229  -0.0254 2002 HOH A O   
678 O  O   . HOH C .  ? 0.0938 0.1059 0.1140 -0.0135 0.0135  -0.0031 2003 HOH A O   
679 O  O   . HOH C .  ? 0.2980 0.5449 0.4108 -0.0101 -0.1184 0.1242  2004 HOH A O   
680 O  O   . HOH C .  ? 0.2523 0.2908 0.3330 -0.0501 -0.1234 0.0418  2005 HOH A O   
681 O  O   . HOH C .  ? 0.9516 0.6850 1.2987 0.0959  -0.5317 -0.0561 2006 HOH A O   
682 O  O   . HOH C .  ? 0.2766 0.2734 0.1728 0.0541  -0.0136 -0.0131 2007 HOH A O   
683 O  O   . HOH C .  ? 0.1757 0.3670 0.4307 -0.0362 -0.0033 -0.1107 2008 HOH A O   
684 O  O   . HOH C .  ? 0.3361 0.2924 0.2912 -0.0498 0.0239  0.0560  2009 HOH A O   
685 O  O   . HOH C .  ? 0.3328 0.4118 0.6250 -0.0347 -0.1171 0.1380  2010 HOH A O   
686 O  O   . HOH C .  ? 0.1240 0.1106 0.1173 -0.0167 0.0067  -0.0429 2011 HOH A O   
687 O  O   . HOH C .  ? 0.4164 0.3584 0.2620 -0.0820 -0.0925 -0.0616 2012 HOH A O   
688 O  O   . HOH C .  ? 0.2078 0.2045 0.1593 -0.0453 -0.0452 0.0015  2013 HOH A O   
689 O  O   . HOH C .  ? 0.1912 0.4540 0.1755 0.0916  -0.0464 -0.0330 2014 HOH A O   
690 O  O   . HOH C .  ? 0.1693 0.2033 0.2742 0.0020  0.0631  0.0289  2015 HOH A O   
691 O  O   . HOH C .  ? 0.3030 0.2374 0.1649 -0.0674 0.0513  0.0053  2016 HOH A O   
692 O  O   . HOH C .  ? 0.2364 0.3692 0.2585 0.1018  -0.0318 -0.1470 2017 HOH A O   
693 O  O   . HOH C .  ? 0.1678 0.1285 0.1667 0.0277  0.0100  0.0532  2018 HOH A O   
694 O  O   . HOH C .  ? 0.1193 0.0877 0.1143 0.0073  -0.0132 -0.0084 2019 HOH A O   
695 O  O   . HOH C .  ? 0.3871 0.2033 0.3766 -0.0210 -0.1499 -0.0178 2020 HOH A O   
696 O  O   . HOH C .  ? 0.1153 0.1355 0.1643 -0.0085 -0.0046 -0.0462 2021 HOH A O   
697 O  O   . HOH C .  ? 0.2233 0.2083 0.1479 0.0828  -0.0688 -0.0018 2022 HOH A O   
698 O  O   . HOH C .  ? 0.9258 0.5148 0.7830 -0.2735 0.1449  -0.2109 2023 HOH A O   
699 O  O   . HOH C .  ? 0.2179 0.2331 0.2413 0.0266  0.0181  0.0071  2024 HOH A O   
700 O  O   . HOH C .  ? 0.0842 0.0643 0.0825 -0.0143 0.0044  -0.0046 2025 HOH A O   
701 O  O   . HOH C .  ? 0.1608 0.1152 0.1329 -0.0150 -0.0235 0.0157  2026 HOH A O   
702 O  O   . HOH C .  ? 0.2400 0.2405 0.3199 0.0406  0.0246  -0.0704 2027 HOH A O   
703 O  O   . HOH C .  ? 0.3329 0.1972 0.2076 0.0180  0.0743  -0.0256 2028 HOH A O   
704 O  O   . HOH C .  ? 0.2091 0.3840 0.3442 0.0554  -0.1013 0.1060  2029 HOH A O   
705 O  O   . HOH C .  ? 0.2431 0.2327 0.2179 -0.0251 -0.0613 0.0067  2030 HOH A O   
706 O  O   . HOH C .  ? 0.4633 0.1745 0.4478 -0.0593 -0.1861 0.0559  2031 HOH A O   
707 O  O   . HOH C .  ? 0.5074 0.2472 0.2344 -0.0259 0.0327  -0.0277 2032 HOH A O   
708 O  O   . HOH C .  ? 0.4994 0.7004 0.7201 -0.1716 -0.2380 0.3797  2033 HOH A O   
709 O  O   . HOH C .  ? 0.2325 0.2782 0.3439 -0.1187 -0.0373 -0.0500 2034 HOH A O   
710 O  O   . HOH C .  ? 0.2716 0.1314 0.1245 -0.0256 -0.0158 -0.0097 2035 HOH A O   
711 O  O   . HOH C .  ? 0.1835 0.2121 0.1302 -0.0115 0.0037  -0.0419 2036 HOH A O   
712 O  O   . HOH C .  ? 0.2777 0.1410 0.1814 0.0215  0.0401  -0.0283 2037 HOH A O   
713 O  O   . HOH C .  ? 0.2458 0.1880 0.3494 0.0671  0.1228  0.0672  2038 HOH A O   
714 O  O   . HOH C .  ? 0.1467 0.1293 0.1345 0.0109  -0.0442 0.0025  2039 HOH A O   
715 O  O   . HOH C .  ? 0.0632 0.0902 0.0850 -0.0052 -0.0035 -0.0023 2040 HOH A O   
716 O  O   . HOH C .  ? 0.3551 0.4339 0.3046 0.0668  -0.0433 0.0180  2041 HOH A O   
717 O  O   . HOH C .  ? 0.0956 0.1540 0.1394 -0.0223 -0.0108 0.0053  2042 HOH A O   
718 O  O   . HOH C .  ? 0.2232 0.2728 0.2067 0.0613  0.0125  -0.1015 2043 HOH A O   
719 O  O   . HOH C .  ? 0.3678 0.1795 0.1304 0.0184  0.0031  -0.0080 2044 HOH A O   
720 O  O   . HOH C .  ? 0.1786 0.1543 0.2290 -0.0174 -0.0195 -0.0007 2045 HOH A O   
721 O  O   . HOH C .  ? 0.2391 0.2878 0.4071 -0.0644 0.0184  -0.0540 2046 HOH A O   
722 O  O   . HOH C .  ? 0.3862 0.4651 0.2793 -0.0863 -0.0507 0.0058  2047 HOH A O   
723 O  O   . HOH C .  ? 0.1368 0.3561 0.1224 -0.0417 0.0107  -0.0258 2048 HOH A O   
724 O  O   . HOH C .  ? 0.3456 0.2697 0.2583 0.0606  -0.0108 0.0343  2049 HOH A O   
725 O  O   . HOH C .  ? 0.1596 0.2114 0.3086 -0.0091 -0.0309 -0.0392 2050 HOH A O   
726 O  O   . HOH C .  ? 0.2984 0.4111 0.2158 0.0413  -0.0825 -0.0087 2051 HOH A O   
727 O  O   . HOH C .  ? 0.2495 0.1478 0.1955 0.0075  -0.0633 -0.0125 2052 HOH A O   
728 O  O   . HOH C .  ? 0.5812 0.6438 0.6922 0.4840  -0.3098 -0.1921 2053 HOH A O   
729 O  O   . HOH C .  ? 0.3467 0.2264 0.5489 -0.0064 -0.0430 -0.0252 2054 HOH A O   
730 O  O   . HOH C .  ? 0.1582 0.2775 0.2244 -0.0151 -0.0506 0.0444  2055 HOH A O   
731 O  O   . HOH C .  ? 0.3178 0.2384 0.1831 -0.0378 -0.0185 0.0716  2056 HOH A O   
732 O  O   . HOH C .  ? 0.3259 0.2505 0.2843 0.0086  -0.0759 0.0436  2057 HOH A O   
733 O  O   . HOH C .  ? 0.1943 0.4056 0.2893 0.0782  -0.0162 -0.0235 2058 HOH A O   
734 O  O   . HOH C .  ? 0.2056 0.1854 0.2403 0.0111  -0.0733 -0.0129 2059 HOH A O   
735 O  O   . HOH C .  ? 0.2604 0.3005 0.1644 0.0780  0.0830  0.0466  2060 HOH A O   
736 O  O   . HOH C .  ? 0.1627 0.2561 0.2973 0.0342  -0.0122 0.0774  2061 HOH A O   
737 O  O   . HOH C .  ? 0.1882 0.2508 0.2154 -0.0290 -0.0558 0.0508  2062 HOH A O   
738 O  O   . HOH C .  ? 0.1390 0.2244 0.1934 0.0144  -0.0275 0.0233  2063 HOH A O   
739 O  O   . HOH C .  ? 0.2006 0.3261 0.1177 0.0020  -0.0184 0.0285  2064 HOH A O   
740 O  O   . HOH C .  ? 0.2167 0.2931 0.2589 0.0591  -0.0199 0.0310  2065 HOH A O   
741 O  O   . HOH C .  ? 0.4071 0.3474 0.3303 0.0042  -0.0182 -0.0225 2066 HOH A O   
742 O  O   . HOH C .  ? 0.1994 0.1906 0.1585 0.0115  0.0113  0.0131  2067 HOH A O   
743 O  O   . HOH C .  ? 0.2008 0.4713 0.2290 -0.0243 -0.0077 0.1583  2068 HOH A O   
744 O  O   . HOH C .  ? 0.2689 0.1660 0.1059 0.0007  -0.0851 -0.0220 2069 HOH A O   
745 O  O   . HOH C .  ? 0.1514 0.2059 0.2622 -0.0263 -0.0919 0.0053  2070 HOH A O   
746 O  O   . HOH C .  ? 0.1413 0.2682 0.3039 0.0011  0.0112  0.0171  2071 HOH A O   
747 O  O   . HOH C .  ? 0.1986 0.1515 0.1671 0.0424  0.0329  0.0097  2072 HOH A O   
748 O  O   . HOH C .  ? 0.0899 0.0670 0.0792 -0.0072 0.0080  -0.0035 2073 HOH A O   
749 O  O   . HOH C .  ? 0.2104 0.1258 0.1479 -0.0599 -0.0089 -0.0244 2074 HOH A O   
750 O  O   . HOH C .  ? 0.0732 0.0403 0.1043 0.0096  0.0345  -0.0075 2075 HOH A O   
751 O  O   . HOH C .  ? 0.2024 0.1906 0.2081 -0.0467 0.0086  0.0948  2076 HOH A O   
752 O  O   . HOH C .  ? 0.1953 0.2276 0.1280 -0.0525 0.0054  0.0214  2077 HOH A O   
753 O  O   . HOH C .  ? 0.2016 0.1587 0.1668 -0.0509 0.0403  -0.0094 2078 HOH A O   
754 O  O   . HOH C .  ? 0.1197 0.1301 0.1050 -0.0036 -0.0152 -0.0030 2079 HOH A O   
755 O  O   . HOH C .  ? 0.1352 0.2069 0.1317 -0.0381 -0.0026 0.0174  2080 HOH A O   
756 O  O   . HOH C .  ? 0.3260 0.3602 0.3038 -0.1659 -0.0472 -0.0421 2081 HOH A O   
757 O  O   . HOH C .  ? 0.2558 0.3025 0.2762 0.0749  0.0011  -0.0225 2082 HOH A O   
758 O  O   . HOH C .  ? 0.1968 0.2650 0.1918 -0.0065 -0.0262 -0.0024 2083 HOH A O   
759 O  O   . HOH C .  ? 0.1949 0.4318 0.1583 0.0929  -0.0098 0.0443  2084 HOH A O   
760 O  O   . HOH C .  ? 0.2201 0.2451 0.1965 0.0202  0.0656  -0.0150 2085 HOH A O   
761 O  O   . HOH C .  ? 0.1449 0.1896 0.1244 -0.0318 -0.0183 0.0183  2086 HOH A O   
762 O  O   . HOH C .  ? 0.1777 0.1900 0.1512 -0.0020 0.0436  -0.0299 2087 HOH A O   
763 O  O   . HOH C .  ? 0.1145 0.1383 0.1277 -0.0369 -0.0236 0.0183  2088 HOH A O   
764 O  O   . HOH C .  ? 0.2977 0.2600 0.2236 -0.0336 0.0257  -0.0496 2089 HOH A O   
765 O  O   . HOH C .  ? 0.1962 0.3174 0.2072 -0.0099 -0.0152 -0.0572 2090 HOH A O   
766 O  O   . HOH C .  ? 0.2635 0.3089 0.2281 0.0570  -0.0587 -0.0444 2091 HOH A O   
767 O  O   . HOH C .  ? 0.1980 0.1306 0.1316 -0.0227 0.0204  -0.0084 2092 HOH A O   
768 O  O   . HOH C .  ? 0.2959 0.3006 0.2873 -0.0968 -0.0009 -0.0210 2093 HOH A O   
769 O  O   . HOH C .  ? 0.3994 0.2224 0.3295 -0.0474 0.0586  0.0273  2094 HOH A O   
770 O  O   . HOH C .  ? 0.1194 0.1450 0.1535 0.0099  -0.0198 -0.0414 2095 HOH A O   
771 O  O   . HOH C .  ? 0.3961 0.1370 0.2013 -0.0224 -0.0377 -0.0506 2096 HOH A O   
772 O  O   . HOH C .  ? 0.2710 0.5412 0.6514 0.0666  0.1494  -0.2751 2097 HOH A O   
773 O  O   . HOH C .  ? 0.4809 0.2920 0.4171 0.0914  -0.0045 -0.0535 2098 HOH A O   
774 O  O   . HOH C .  ? 0.2223 0.4088 0.5053 -0.0267 -0.1063 0.1657  2099 HOH A O   
775 O  O   . HOH C .  ? 0.1685 0.1084 0.1222 0.0215  0.0095  -0.0113 2100 HOH A O   
776 O  O   . HOH C .  ? 0.1169 0.1456 0.1689 0.0110  0.0138  -0.0395 2101 HOH A O   
777 O  O   . HOH C .  ? 0.2020 0.2016 0.1394 0.0385  0.0056  -0.0573 2102 HOH A O   
778 O  O   . HOH C .  ? 0.2026 0.1805 0.2491 -0.0391 0.0911  -0.0462 2103 HOH A O   
779 O  O   . HOH C .  ? 0.1850 0.1802 0.1887 0.0300  -0.0077 -0.0044 2104 HOH A O   
780 O  O   . HOH C .  ? 0.2065 0.2782 0.4029 -0.0202 -0.0563 -0.0961 2105 HOH A O   
781 O  O   . HOH C .  ? 0.1566 0.0968 0.0730 -0.0184 0.0136  0.0114  2106 HOH A O   
782 O  O   . HOH C .  ? 0.1266 0.0983 0.1944 0.0101  -0.0162 -0.0010 2107 HOH A O   
783 O  O   . HOH C .  ? 0.3540 0.1001 0.1702 -0.0496 -0.1290 0.0440  2108 HOH A O   
784 O  O   . HOH C .  ? 0.7105 1.1801 1.0657 -0.4584 -0.1054 0.8124  2109 HOH A O   
785 O  O   . HOH C .  ? 0.2544 0.3360 0.2921 0.0148  -0.0431 -0.0287 2110 HOH A O   
786 O  O   . HOH C .  ? 0.2528 0.2428 0.2005 0.0556  -0.0320 -0.0250 2111 HOH A O   
787 O  O   . HOH C .  ? 0.2945 0.3809 0.2295 0.0712  -0.0061 0.0560  2112 HOH A O   
788 O  O   . HOH C .  ? 0.2694 0.1973 0.1728 -0.0137 -0.0484 0.0113  2113 HOH A O   
789 O  O   . HOH C .  ? 0.1892 0.2476 0.1067 -0.0707 -0.0271 -0.0263 2114 HOH A O   
790 O  O   . HOH C .  ? 0.1413 0.1340 0.1169 -0.0482 0.0300  -0.0469 2115 HOH A O   
791 O  O   . HOH C .  ? 0.2032 0.1389 0.1596 -0.0401 -0.0144 -0.0140 2116 HOH A O   
792 O  O   . HOH C .  ? 0.1562 0.1558 0.1594 0.0005  -0.0333 -0.0020 2117 HOH A O   
793 O  O   . HOH C .  ? 0.3083 0.1207 0.1266 -0.0227 -0.0505 0.0013  2118 HOH A O   
794 O  O   . HOH C .  ? 0.0889 0.1170 0.1040 0.0153  -0.0150 0.0008  2119 HOH A O   
795 O  O   . HOH C .  ? 0.0673 0.1293 0.1151 -0.0006 -0.0004 -0.0191 2120 HOH A O   
796 O  O   . HOH C .  ? 0.1121 0.0795 0.1488 -0.0072 -0.0326 0.0309  2121 HOH A O   
797 O  O   . HOH C .  ? 0.1811 0.1609 0.1928 -0.0288 -0.0645 0.0029  2122 HOH A O   
798 O  O   . HOH C .  ? 0.0903 0.0955 0.1279 0.0018  0.0365  0.0034  2123 HOH A O   
799 O  O   . HOH C .  ? 0.2469 0.2081 0.2481 0.0149  0.0353  -0.0172 2124 HOH A O   
800 O  O   . HOH C .  ? 0.2008 0.3686 0.3637 0.0310  0.0704  -0.0253 2125 HOH A O   
801 O  O   . HOH C .  ? 0.2555 0.1503 0.4219 -0.0097 0.0028  0.0231  2126 HOH A O   
802 O  O   . HOH C .  ? 0.1830 0.2068 0.1307 0.0073  0.0489  -0.0313 2127 HOH A O   
803 O  O   . HOH C .  ? 0.1459 0.1852 0.0742 -0.0510 0.0175  -0.0144 2128 HOH A O   
804 O  O   . HOH C .  ? 0.1808 0.1530 0.1851 0.0082  0.0100  0.0013  2129 HOH A O   
805 O  O   . HOH C .  ? 0.1560 0.1345 0.2035 -0.0283 -0.0514 0.0310  2130 HOH A O   
806 O  O   . HOH C .  ? 0.1715 0.2190 0.3067 -0.0182 -0.0604 0.0600  2131 HOH A O   
807 O  O   . HOH C .  ? 0.0977 0.0763 0.1086 0.0044  -0.0160 -0.0173 2132 HOH A O   
808 O  O   . HOH C .  ? 0.1745 0.2239 0.2410 0.0654  0.0530  -0.0161 2133 HOH A O   
809 O  O   . HOH C .  ? 0.2122 0.5516 0.2853 0.0453  0.0938  -0.0256 2134 HOH A O   
# 
loop_
_pdbx_poly_seq_scheme.asym_id 
_pdbx_poly_seq_scheme.entity_id 
_pdbx_poly_seq_scheme.seq_id 
_pdbx_poly_seq_scheme.mon_id 
_pdbx_poly_seq_scheme.ndb_seq_num 
_pdbx_poly_seq_scheme.pdb_seq_num 
_pdbx_poly_seq_scheme.auth_seq_num 
_pdbx_poly_seq_scheme.pdb_mon_id 
_pdbx_poly_seq_scheme.auth_mon_id 
_pdbx_poly_seq_scheme.pdb_strand_id 
_pdbx_poly_seq_scheme.pdb_ins_code 
_pdbx_poly_seq_scheme.hetero 
A 1 1  GLY 1  789 ?   ?   ?   A . n 
A 1 2  GLY 2  790 ?   ?   ?   A . n 
A 1 3  THR 3  791 ?   ?   ?   A . n 
A 1 4  ILE 4  792 ?   ?   ?   A . n 
A 1 5  SER 5  793 ?   ?   ?   A . n 
A 1 6  ASN 6  794 ?   ?   ?   A . n 
A 1 7  ASN 7  795 795 ASN ASN A . n 
A 1 8  LYS 8  796 796 LYS LYS A . n 
A 1 9  ALA 9  797 797 ALA ALA A . n 
A 1 10 PRO 10 798 798 PRO PRO A . n 
A 1 11 ILE 11 799 799 ILE ILE A . n 
A 1 12 ALA 12 800 800 ALA ALA A . n 
A 1 13 LYS 13 801 801 LYS LYS A . n 
A 1 14 VAL 14 802 802 VAL VAL A . n 
A 1 15 THR 15 803 803 THR THR A . n 
A 1 16 GLY 16 804 804 GLY GLY A . n 
A 1 17 PRO 17 805 805 PRO PRO A . n 
A 1 18 SER 18 806 806 SER SER A . n 
A 1 19 THR 19 807 807 THR THR A . n 
A 1 20 GLY 20 808 808 GLY GLY A . n 
A 1 21 ALA 21 809 809 ALA ALA A . n 
A 1 22 VAL 22 810 810 VAL VAL A . n 
A 1 23 GLY 23 811 811 GLY GLY A . n 
A 1 24 ARG 24 812 812 ARG ARG A . n 
A 1 25 ASN 25 813 813 ASN ASN A . n 
A 1 26 ILE 26 814 814 ILE ILE A . n 
A 1 27 GLU 27 815 815 GLU GLU A . n 
A 1 28 PHE 28 816 816 PHE PHE A . n 
A 1 29 SER 29 817 817 SER SER A . n 
A 1 30 GLY 30 818 818 GLY GLY A . n 
A 1 31 LYS 31 819 819 LYS LYS A . n 
A 1 32 ASP 32 820 820 ASP ASP A . n 
A 1 33 SER 33 821 821 SER SER A . n 
A 1 34 LYS 34 822 822 LYS LYS A . n 
A 1 35 ASP 35 823 823 ASP ASP A . n 
A 1 36 GLU 36 824 824 GLU GLU A . n 
A 1 37 ASP 37 825 825 ASP ASP A . n 
A 1 38 GLY 38 826 826 GLY GLY A . n 
A 1 39 LYS 39 827 827 LYS LYS A . n 
A 1 40 ILE 40 828 828 ILE ILE A . n 
A 1 41 VAL 41 829 829 VAL VAL A . n 
A 1 42 SER 42 830 830 SER SER A . n 
A 1 43 TYR 43 831 831 TYR TYR A . n 
A 1 44 ASP 44 832 832 ASP ASP A . n 
A 1 45 TRP 45 833 833 TRP TRP A . n 
A 1 46 ASP 46 834 834 ASP ASP A . n 
A 1 47 PHE 47 835 835 PHE PHE A . n 
A 1 48 GLY 48 836 836 GLY GLY A . n 
A 1 49 ASP 49 837 837 ASP ASP A . n 
A 1 50 GLY 50 838 838 GLY GLY A . n 
A 1 51 ALA 51 839 839 ALA ALA A . n 
A 1 52 THR 52 840 840 THR THR A . n 
A 1 53 SER 53 841 841 SER SER A . n 
A 1 54 ARG 54 842 842 ARG ARG A . n 
A 1 55 GLY 55 843 843 GLY GLY A . n 
A 1 56 LYS 56 844 844 LYS LYS A . n 
A 1 57 ASN 57 845 845 ASN ASN A . n 
A 1 58 SER 58 846 846 SER SER A . n 
A 1 59 VAL 59 847 847 VAL VAL A . n 
A 1 60 HIS 60 848 848 HIS HIS A . n 
A 1 61 ALA 61 849 849 ALA ALA A . n 
A 1 62 TYR 62 850 850 TYR TYR A . n 
A 1 63 LYS 63 851 851 LYS LYS A . n 
A 1 64 LYS 64 852 852 LYS LYS A . n 
A 1 65 ALA 65 853 853 ALA ALA A . n 
A 1 66 GLY 66 854 854 GLY GLY A . n 
A 1 67 THR 67 855 855 THR THR A . n 
A 1 68 TYR 68 856 856 TYR TYR A . n 
A 1 69 ASN 69 857 857 ASN ASN A . n 
A 1 70 VAL 70 858 858 VAL VAL A . n 
A 1 71 THR 71 859 859 THR THR A . n 
A 1 72 LEU 72 860 860 LEU LEU A . n 
A 1 73 LYS 73 861 861 LYS LYS A . n 
A 1 74 VAL 74 862 862 VAL VAL A . n 
A 1 75 THR 75 863 863 THR THR A . n 
A 1 76 ASP 76 864 864 ASP ASP A . n 
A 1 77 ASP 77 865 865 ASP ASP A . n 
A 1 78 LYS 78 866 866 LYS LYS A . n 
A 1 79 GLY 79 867 867 GLY GLY A . n 
A 1 80 ALA 80 868 868 ALA ALA A . n 
A 1 81 THR 81 869 869 THR THR A . n 
A 1 82 ALA 82 870 870 ALA ALA A . n 
A 1 83 THR 83 871 871 THR THR A . n 
A 1 84 GLU 84 872 872 GLU GLU A . n 
A 1 85 SER 85 873 873 SER SER A . n 
A 1 86 PHE 86 874 874 PHE PHE A . n 
A 1 87 THR 87 875 875 THR THR A . n 
A 1 88 ILE 88 876 876 ILE ILE A . n 
A 1 89 GLU 89 877 877 GLU GLU A . n 
A 1 90 ILE 90 878 878 ILE ILE A . n 
A 1 91 LYS 91 879 879 LYS LYS A . n 
A 1 92 ASN 92 880 880 ASN ASN A . n 
# 
loop_
_pdbx_nonpoly_scheme.asym_id 
_pdbx_nonpoly_scheme.entity_id 
_pdbx_nonpoly_scheme.mon_id 
_pdbx_nonpoly_scheme.ndb_seq_num 
_pdbx_nonpoly_scheme.pdb_seq_num 
_pdbx_nonpoly_scheme.auth_seq_num 
_pdbx_nonpoly_scheme.pdb_mon_id 
_pdbx_nonpoly_scheme.auth_mon_id 
_pdbx_nonpoly_scheme.pdb_strand_id 
_pdbx_nonpoly_scheme.pdb_ins_code 
B 2 CA  1   1881 1881 CA  CA  A . 
C 3 HOH 1   2001 2001 HOH HOH A . 
C 3 HOH 2   2002 2002 HOH HOH A . 
C 3 HOH 3   2003 2003 HOH HOH A . 
C 3 HOH 4   2004 2004 HOH HOH A . 
C 3 HOH 5   2005 2005 HOH HOH A . 
C 3 HOH 6   2006 2006 HOH HOH A . 
C 3 HOH 7   2007 2007 HOH HOH A . 
C 3 HOH 8   2008 2008 HOH HOH A . 
C 3 HOH 9   2009 2009 HOH HOH A . 
C 3 HOH 10  2010 2010 HOH HOH A . 
C 3 HOH 11  2011 2011 HOH HOH A . 
C 3 HOH 12  2012 2012 HOH HOH A . 
C 3 HOH 13  2013 2013 HOH HOH A . 
C 3 HOH 14  2014 2014 HOH HOH A . 
C 3 HOH 15  2015 2015 HOH HOH A . 
C 3 HOH 16  2016 2016 HOH HOH A . 
C 3 HOH 17  2017 2017 HOH HOH A . 
C 3 HOH 18  2018 2018 HOH HOH A . 
C 3 HOH 19  2019 2019 HOH HOH A . 
C 3 HOH 20  2020 2020 HOH HOH A . 
C 3 HOH 21  2021 2021 HOH HOH A . 
C 3 HOH 22  2022 2022 HOH HOH A . 
C 3 HOH 23  2023 2023 HOH HOH A . 
C 3 HOH 24  2024 2024 HOH HOH A . 
C 3 HOH 25  2025 2025 HOH HOH A . 
C 3 HOH 26  2026 2026 HOH HOH A . 
C 3 HOH 27  2027 2027 HOH HOH A . 
C 3 HOH 28  2028 2028 HOH HOH A . 
C 3 HOH 29  2029 2029 HOH HOH A . 
C 3 HOH 30  2030 2030 HOH HOH A . 
C 3 HOH 31  2031 2031 HOH HOH A . 
C 3 HOH 32  2032 2032 HOH HOH A . 
C 3 HOH 33  2033 2033 HOH HOH A . 
C 3 HOH 34  2034 2034 HOH HOH A . 
C 3 HOH 35  2035 2035 HOH HOH A . 
C 3 HOH 36  2036 2036 HOH HOH A . 
C 3 HOH 37  2037 2037 HOH HOH A . 
C 3 HOH 38  2038 2038 HOH HOH A . 
C 3 HOH 39  2039 2039 HOH HOH A . 
C 3 HOH 40  2040 2040 HOH HOH A . 
C 3 HOH 41  2041 2041 HOH HOH A . 
C 3 HOH 42  2042 2042 HOH HOH A . 
C 3 HOH 43  2043 2043 HOH HOH A . 
C 3 HOH 44  2044 2044 HOH HOH A . 
C 3 HOH 45  2045 2045 HOH HOH A . 
C 3 HOH 46  2046 2046 HOH HOH A . 
C 3 HOH 47  2047 2047 HOH HOH A . 
C 3 HOH 48  2048 2048 HOH HOH A . 
C 3 HOH 49  2049 2049 HOH HOH A . 
C 3 HOH 50  2050 2050 HOH HOH A . 
C 3 HOH 51  2051 2051 HOH HOH A . 
C 3 HOH 52  2052 2052 HOH HOH A . 
C 3 HOH 53  2053 2053 HOH HOH A . 
C 3 HOH 54  2054 2054 HOH HOH A . 
C 3 HOH 55  2055 2055 HOH HOH A . 
C 3 HOH 56  2056 2056 HOH HOH A . 
C 3 HOH 57  2057 2057 HOH HOH A . 
C 3 HOH 58  2058 2058 HOH HOH A . 
C 3 HOH 59  2059 2059 HOH HOH A . 
C 3 HOH 60  2060 2060 HOH HOH A . 
C 3 HOH 61  2061 2061 HOH HOH A . 
C 3 HOH 62  2062 2062 HOH HOH A . 
C 3 HOH 63  2063 2063 HOH HOH A . 
C 3 HOH 64  2064 2064 HOH HOH A . 
C 3 HOH 65  2065 2065 HOH HOH A . 
C 3 HOH 66  2066 2066 HOH HOH A . 
C 3 HOH 67  2067 2067 HOH HOH A . 
C 3 HOH 68  2068 2068 HOH HOH A . 
C 3 HOH 69  2069 2069 HOH HOH A . 
C 3 HOH 70  2070 2070 HOH HOH A . 
C 3 HOH 71  2071 2071 HOH HOH A . 
C 3 HOH 72  2072 2072 HOH HOH A . 
C 3 HOH 73  2073 2073 HOH HOH A . 
C 3 HOH 74  2074 2074 HOH HOH A . 
C 3 HOH 75  2075 2075 HOH HOH A . 
C 3 HOH 76  2076 2076 HOH HOH A . 
C 3 HOH 77  2077 2077 HOH HOH A . 
C 3 HOH 78  2078 2078 HOH HOH A . 
C 3 HOH 79  2079 2079 HOH HOH A . 
C 3 HOH 80  2080 2080 HOH HOH A . 
C 3 HOH 81  2081 2081 HOH HOH A . 
C 3 HOH 82  2082 2082 HOH HOH A . 
C 3 HOH 83  2083 2083 HOH HOH A . 
C 3 HOH 84  2084 2084 HOH HOH A . 
C 3 HOH 85  2085 2085 HOH HOH A . 
C 3 HOH 86  2086 2086 HOH HOH A . 
C 3 HOH 87  2087 2087 HOH HOH A . 
C 3 HOH 88  2088 2088 HOH HOH A . 
C 3 HOH 89  2089 2089 HOH HOH A . 
C 3 HOH 90  2090 2090 HOH HOH A . 
C 3 HOH 91  2091 2091 HOH HOH A . 
C 3 HOH 92  2092 2092 HOH HOH A . 
C 3 HOH 93  2093 2093 HOH HOH A . 
C 3 HOH 94  2094 2094 HOH HOH A . 
C 3 HOH 95  2095 2095 HOH HOH A . 
C 3 HOH 96  2096 2096 HOH HOH A . 
C 3 HOH 97  2097 2097 HOH HOH A . 
C 3 HOH 98  2098 2098 HOH HOH A . 
C 3 HOH 99  2099 2099 HOH HOH A . 
C 3 HOH 100 2100 2100 HOH HOH A . 
C 3 HOH 101 2101 2101 HOH HOH A . 
C 3 HOH 102 2102 2102 HOH HOH A . 
C 3 HOH 103 2103 2103 HOH HOH A . 
C 3 HOH 104 2104 2104 HOH HOH A . 
C 3 HOH 105 2105 2105 HOH HOH A . 
C 3 HOH 106 2106 2106 HOH HOH A . 
C 3 HOH 107 2107 2107 HOH HOH A . 
C 3 HOH 108 2108 2108 HOH HOH A . 
C 3 HOH 109 2109 2109 HOH HOH A . 
C 3 HOH 110 2110 2110 HOH HOH A . 
C 3 HOH 111 2111 2111 HOH HOH A . 
C 3 HOH 112 2112 2112 HOH HOH A . 
C 3 HOH 113 2113 2113 HOH HOH A . 
C 3 HOH 114 2114 2114 HOH HOH A . 
C 3 HOH 115 2115 2115 HOH HOH A . 
C 3 HOH 116 2116 2116 HOH HOH A . 
C 3 HOH 117 2117 2117 HOH HOH A . 
C 3 HOH 118 2118 2118 HOH HOH A . 
C 3 HOH 119 2119 2119 HOH HOH A . 
C 3 HOH 120 2120 2120 HOH HOH A . 
C 3 HOH 121 2121 2121 HOH HOH A . 
C 3 HOH 122 2122 2122 HOH HOH A . 
C 3 HOH 123 2123 2123 HOH HOH A . 
C 3 HOH 124 2124 2124 HOH HOH A . 
C 3 HOH 125 2125 2125 HOH HOH A . 
C 3 HOH 126 2126 2126 HOH HOH A . 
C 3 HOH 127 2127 2127 HOH HOH A . 
C 3 HOH 128 2128 2128 HOH HOH A . 
C 3 HOH 129 2129 2129 HOH HOH A . 
C 3 HOH 130 2130 2130 HOH HOH A . 
C 3 HOH 131 2131 2131 HOH HOH A . 
C 3 HOH 132 2132 2132 HOH HOH A . 
C 3 HOH 133 2133 2133 HOH HOH A . 
C 3 HOH 134 2134 2134 HOH HOH A . 
# 
_pdbx_struct_assembly.id                   1 
_pdbx_struct_assembly.details              author_and_software_defined_assembly 
_pdbx_struct_assembly.method_details       PISA 
_pdbx_struct_assembly.oligomeric_details   monomeric 
_pdbx_struct_assembly.oligomeric_count     1 
# 
_pdbx_struct_assembly_gen.assembly_id       1 
_pdbx_struct_assembly_gen.oper_expression   1 
_pdbx_struct_assembly_gen.asym_id_list      A,B,C 
# 
_pdbx_struct_oper_list.id                   1 
_pdbx_struct_oper_list.type                 'identity operation' 
_pdbx_struct_oper_list.name                 1_555 
_pdbx_struct_oper_list.symmetry_operation   x,y,z 
_pdbx_struct_oper_list.matrix[1][1]         1.0000000000 
_pdbx_struct_oper_list.matrix[1][2]         0.0000000000 
_pdbx_struct_oper_list.matrix[1][3]         0.0000000000 
_pdbx_struct_oper_list.vector[1]            0.0000000000 
_pdbx_struct_oper_list.matrix[2][1]         0.0000000000 
_pdbx_struct_oper_list.matrix[2][2]         1.0000000000 
_pdbx_struct_oper_list.matrix[2][3]         0.0000000000 
_pdbx_struct_oper_list.vector[2]            0.0000000000 
_pdbx_struct_oper_list.matrix[3][1]         0.0000000000 
_pdbx_struct_oper_list.matrix[3][2]         0.0000000000 
_pdbx_struct_oper_list.matrix[3][3]         1.0000000000 
_pdbx_struct_oper_list.vector[3]            0.0000000000 
# 
loop_
_pdbx_struct_conn_angle.id 
_pdbx_struct_conn_angle.ptnr1_label_atom_id 
_pdbx_struct_conn_angle.ptnr1_label_alt_id 
_pdbx_struct_conn_angle.ptnr1_label_asym_id 
_pdbx_struct_conn_angle.ptnr1_label_comp_id 
_pdbx_struct_conn_angle.ptnr1_label_seq_id 
_pdbx_struct_conn_angle.ptnr1_auth_atom_id 
_pdbx_struct_conn_angle.ptnr1_auth_asym_id 
_pdbx_struct_conn_angle.ptnr1_auth_comp_id 
_pdbx_struct_conn_angle.ptnr1_auth_seq_id 
_pdbx_struct_conn_angle.ptnr1_PDB_ins_code 
_pdbx_struct_conn_angle.ptnr1_symmetry 
_pdbx_struct_conn_angle.ptnr2_label_atom_id 
_pdbx_struct_conn_angle.ptnr2_label_alt_id 
_pdbx_struct_conn_angle.ptnr2_label_asym_id 
_pdbx_struct_conn_angle.ptnr2_label_comp_id 
_pdbx_struct_conn_angle.ptnr2_label_seq_id 
_pdbx_struct_conn_angle.ptnr2_auth_atom_id 
_pdbx_struct_conn_angle.ptnr2_auth_asym_id 
_pdbx_struct_conn_angle.ptnr2_auth_comp_id 
_pdbx_struct_conn_angle.ptnr2_auth_seq_id 
_pdbx_struct_conn_angle.ptnr2_PDB_ins_code 
_pdbx_struct_conn_angle.ptnr2_symmetry 
_pdbx_struct_conn_angle.ptnr3_label_atom_id 
_pdbx_struct_conn_angle.ptnr3_label_alt_id 
_pdbx_struct_conn_angle.ptnr3_label_asym_id 
_pdbx_struct_conn_angle.ptnr3_label_comp_id 
_pdbx_struct_conn_angle.ptnr3_label_seq_id 
_pdbx_struct_conn_angle.ptnr3_auth_atom_id 
_pdbx_struct_conn_angle.ptnr3_auth_asym_id 
_pdbx_struct_conn_angle.ptnr3_auth_comp_id 
_pdbx_struct_conn_angle.ptnr3_auth_seq_id 
_pdbx_struct_conn_angle.ptnr3_PDB_ins_code 
_pdbx_struct_conn_angle.ptnr3_symmetry 
_pdbx_struct_conn_angle.value 
_pdbx_struct_conn_angle.value_esd 
1  OD1 ? A ASN 7  ? A ASN 795 ? 1_555 CA ? B CA . ? A CA 1881 ? 1_555 O   ? A LYS 8  ? A LYS 796  ? 1_555 80.6  ? 
2  OD1 ? A ASN 7  ? A ASN 795 ? 1_555 CA ? B CA . ? A CA 1881 ? 1_555 OD1 ? A ASP 35 ? A ASP 823  ? 1_555 161.8 ? 
3  O   ? A LYS 8  ? A LYS 796 ? 1_555 CA ? B CA . ? A CA 1881 ? 1_555 OD1 ? A ASP 35 ? A ASP 823  ? 1_555 82.4  ? 
4  OD1 ? A ASN 7  ? A ASN 795 ? 1_555 CA ? B CA . ? A CA 1881 ? 1_555 OD2 ? A ASP 35 ? A ASP 823  ? 1_555 144.8 ? 
5  O   ? A LYS 8  ? A LYS 796 ? 1_555 CA ? B CA . ? A CA 1881 ? 1_555 OD2 ? A ASP 35 ? A ASP 823  ? 1_555 134.6 ? 
6  OD1 ? A ASP 35 ? A ASP 823 ? 1_555 CA ? B CA . ? A CA 1881 ? 1_555 OD2 ? A ASP 35 ? A ASP 823  ? 1_555 52.6  ? 
7  OD1 ? A ASN 7  ? A ASN 795 ? 1_555 CA ? B CA . ? A CA 1881 ? 1_555 OD1 ? A ASP 37 ? A ASP 825  ? 1_555 84.7  ? 
8  O   ? A LYS 8  ? A LYS 796 ? 1_555 CA ? B CA . ? A CA 1881 ? 1_555 OD1 ? A ASP 37 ? A ASP 825  ? 1_555 90.4  ? 
9  OD1 ? A ASP 35 ? A ASP 823 ? 1_555 CA ? B CA . ? A CA 1881 ? 1_555 OD1 ? A ASP 37 ? A ASP 825  ? 1_555 89.0  ? 
10 OD2 ? A ASP 35 ? A ASP 823 ? 1_555 CA ? B CA . ? A CA 1881 ? 1_555 OD1 ? A ASP 37 ? A ASP 825  ? 1_555 93.7  ? 
11 OD1 ? A ASN 7  ? A ASN 795 ? 1_555 CA ? B CA . ? A CA 1881 ? 1_555 OD2 ? A ASP 76 ? A ASP 864  ? 1_555 87.8  ? 
12 O   ? A LYS 8  ? A LYS 796 ? 1_555 CA ? B CA . ? A CA 1881 ? 1_555 OD2 ? A ASP 76 ? A ASP 864  ? 1_555 84.5  ? 
13 OD1 ? A ASP 35 ? A ASP 823 ? 1_555 CA ? B CA . ? A CA 1881 ? 1_555 OD2 ? A ASP 76 ? A ASP 864  ? 1_555 97.0  ? 
14 OD2 ? A ASP 35 ? A ASP 823 ? 1_555 CA ? B CA . ? A CA 1881 ? 1_555 OD2 ? A ASP 76 ? A ASP 864  ? 1_555 94.7  ? 
15 OD1 ? A ASP 37 ? A ASP 825 ? 1_555 CA ? B CA . ? A CA 1881 ? 1_555 OD2 ? A ASP 76 ? A ASP 864  ? 1_555 171.5 ? 
16 OD1 ? A ASN 7  ? A ASN 795 ? 1_555 CA ? B CA . ? A CA 1881 ? 1_555 O   ? C HOH .  ? A HOH 2019 ? 1_555 70.9  ? 
17 O   ? A LYS 8  ? A LYS 796 ? 1_555 CA ? B CA . ? A CA 1881 ? 1_555 O   ? C HOH .  ? A HOH 2019 ? 1_555 150.6 ? 
18 OD1 ? A ASP 35 ? A ASP 823 ? 1_555 CA ? B CA . ? A CA 1881 ? 1_555 O   ? C HOH .  ? A HOH 2019 ? 1_555 126.7 ? 
19 OD2 ? A ASP 35 ? A ASP 823 ? 1_555 CA ? B CA . ? A CA 1881 ? 1_555 O   ? C HOH .  ? A HOH 2019 ? 1_555 74.2  ? 
20 OD1 ? A ASP 37 ? A ASP 825 ? 1_555 CA ? B CA . ? A CA 1881 ? 1_555 O   ? C HOH .  ? A HOH 2019 ? 1_555 93.8  ? 
21 OD2 ? A ASP 76 ? A ASP 864 ? 1_555 CA ? B CA . ? A CA 1881 ? 1_555 O   ? C HOH .  ? A HOH 2019 ? 1_555 87.5  ? 
# 
loop_
_pdbx_audit_revision_history.ordinal 
_pdbx_audit_revision_history.data_content_type 
_pdbx_audit_revision_history.major_revision 
_pdbx_audit_revision_history.minor_revision 
_pdbx_audit_revision_history.revision_date 
1 'Structure model' 1 0 2013-06-05 
2 'Structure model' 1 1 2013-07-31 
3 'Structure model' 1 2 2023-12-20 
# 
_pdbx_audit_revision_details.ordinal             1 
_pdbx_audit_revision_details.revision_ordinal    1 
_pdbx_audit_revision_details.data_content_type   'Structure model' 
_pdbx_audit_revision_details.provider            repository 
_pdbx_audit_revision_details.type                'Initial release' 
_pdbx_audit_revision_details.description         ? 
_pdbx_audit_revision_details.details             ? 
# 
loop_
_pdbx_audit_revision_group.ordinal 
_pdbx_audit_revision_group.revision_ordinal 
_pdbx_audit_revision_group.data_content_type 
_pdbx_audit_revision_group.group 
1 2 'Structure model' 'Database references'    
2 3 'Structure model' 'Data collection'        
3 3 'Structure model' 'Database references'    
4 3 'Structure model' 'Derived calculations'   
5 3 'Structure model' Other                    
6 3 'Structure model' 'Refinement description' 
# 
loop_
_pdbx_audit_revision_category.ordinal 
_pdbx_audit_revision_category.revision_ordinal 
_pdbx_audit_revision_category.data_content_type 
_pdbx_audit_revision_category.category 
1 3 'Structure model' chem_comp_atom                
2 3 'Structure model' chem_comp_bond                
3 3 'Structure model' database_2                    
4 3 'Structure model' pdbx_database_status          
5 3 'Structure model' pdbx_initial_refinement_model 
6 3 'Structure model' pdbx_struct_conn_angle        
7 3 'Structure model' struct_conn                   
8 3 'Structure model' struct_site                   
# 
loop_
_pdbx_audit_revision_item.ordinal 
_pdbx_audit_revision_item.revision_ordinal 
_pdbx_audit_revision_item.data_content_type 
_pdbx_audit_revision_item.item 
1  3 'Structure model' '_database_2.pdbx_DOI'                        
2  3 'Structure model' '_database_2.pdbx_database_accession'         
3  3 'Structure model' '_pdbx_database_status.status_code_sf'        
4  3 'Structure model' '_pdbx_struct_conn_angle.ptnr1_auth_comp_id'  
5  3 'Structure model' '_pdbx_struct_conn_angle.ptnr1_auth_seq_id'   
6  3 'Structure model' '_pdbx_struct_conn_angle.ptnr1_label_asym_id' 
7  3 'Structure model' '_pdbx_struct_conn_angle.ptnr1_label_atom_id' 
8  3 'Structure model' '_pdbx_struct_conn_angle.ptnr1_label_comp_id' 
9  3 'Structure model' '_pdbx_struct_conn_angle.ptnr1_label_seq_id'  
10 3 'Structure model' '_pdbx_struct_conn_angle.ptnr3_auth_comp_id'  
11 3 'Structure model' '_pdbx_struct_conn_angle.ptnr3_auth_seq_id'   
12 3 'Structure model' '_pdbx_struct_conn_angle.ptnr3_label_asym_id' 
13 3 'Structure model' '_pdbx_struct_conn_angle.ptnr3_label_atom_id' 
14 3 'Structure model' '_pdbx_struct_conn_angle.ptnr3_label_comp_id' 
15 3 'Structure model' '_pdbx_struct_conn_angle.ptnr3_label_seq_id'  
16 3 'Structure model' '_pdbx_struct_conn_angle.value'               
17 3 'Structure model' '_struct_conn.pdbx_dist_value'                
18 3 'Structure model' '_struct_conn.ptnr1_auth_comp_id'             
19 3 'Structure model' '_struct_conn.ptnr1_auth_seq_id'              
20 3 'Structure model' '_struct_conn.ptnr1_label_asym_id'            
21 3 'Structure model' '_struct_conn.ptnr1_label_atom_id'            
22 3 'Structure model' '_struct_conn.ptnr1_label_comp_id'            
23 3 'Structure model' '_struct_conn.ptnr1_label_seq_id'             
24 3 'Structure model' '_struct_conn.ptnr2_auth_comp_id'             
25 3 'Structure model' '_struct_conn.ptnr2_auth_seq_id'              
26 3 'Structure model' '_struct_conn.ptnr2_label_asym_id'            
27 3 'Structure model' '_struct_conn.ptnr2_label_atom_id'            
28 3 'Structure model' '_struct_conn.ptnr2_label_comp_id'            
29 3 'Structure model' '_struct_conn.ptnr2_label_seq_id'             
30 3 'Structure model' '_struct_site.pdbx_auth_asym_id'              
31 3 'Structure model' '_struct_site.pdbx_auth_comp_id'              
32 3 'Structure model' '_struct_site.pdbx_auth_seq_id'               
# 
_pdbx_refine_tls.pdbx_refine_id   'X-RAY DIFFRACTION' 
_pdbx_refine_tls.id               1 
_pdbx_refine_tls.details          ? 
_pdbx_refine_tls.method           refined 
_pdbx_refine_tls.origin_x         0.1180 
_pdbx_refine_tls.origin_y         0.0059 
_pdbx_refine_tls.origin_z         0.0818 
_pdbx_refine_tls.T[1][1]          0.0089 
_pdbx_refine_tls.T[2][2]          0.0164 
_pdbx_refine_tls.T[3][3]          0.0107 
_pdbx_refine_tls.T[1][2]          0.0008 
_pdbx_refine_tls.T[1][3]          0.0002 
_pdbx_refine_tls.T[2][3]          -0.0058 
_pdbx_refine_tls.L[1][1]          0.3238 
_pdbx_refine_tls.L[2][2]          1.0725 
_pdbx_refine_tls.L[3][3]          0.4179 
_pdbx_refine_tls.L[1][2]          0.4646 
_pdbx_refine_tls.L[1][3]          -0.1937 
_pdbx_refine_tls.L[2][3]          -0.6149 
_pdbx_refine_tls.S[1][1]          0.0160 
_pdbx_refine_tls.S[1][2]          -0.0052 
_pdbx_refine_tls.S[1][3]          -0.0296 
_pdbx_refine_tls.S[2][1]          0.0180 
_pdbx_refine_tls.S[2][2]          -0.0381 
_pdbx_refine_tls.S[2][3]          -0.0557 
_pdbx_refine_tls.S[3][1]          -0.0017 
_pdbx_refine_tls.S[3][2]          0.0432 
_pdbx_refine_tls.S[3][3]          0.0221 
# 
_pdbx_refine_tls_group.pdbx_refine_id      'X-RAY DIFFRACTION' 
_pdbx_refine_tls_group.id                  1 
_pdbx_refine_tls_group.refine_tls_id       1 
_pdbx_refine_tls_group.beg_auth_asym_id    A 
_pdbx_refine_tls_group.beg_auth_seq_id     789 
_pdbx_refine_tls_group.beg_label_asym_id   ? 
_pdbx_refine_tls_group.beg_label_seq_id    ? 
_pdbx_refine_tls_group.end_auth_asym_id    A 
_pdbx_refine_tls_group.end_auth_seq_id     880 
_pdbx_refine_tls_group.end_label_asym_id   ? 
_pdbx_refine_tls_group.end_label_seq_id    ? 
_pdbx_refine_tls_group.selection           ? 
_pdbx_refine_tls_group.selection_details   ? 
# 
loop_
_software.name 
_software.classification 
_software.version 
_software.citation_id 
_software.pdbx_ordinal 
REFMAC refinement       5.6.0117 ? 1 
MOSFLM 'data reduction' .        ? 2 
SCALA  'data scaling'   .        ? 3 
PHASER phasing          .        ? 4 
# 
loop_
_pdbx_validate_close_contact.id 
_pdbx_validate_close_contact.PDB_model_num 
_pdbx_validate_close_contact.auth_atom_id_1 
_pdbx_validate_close_contact.auth_asym_id_1 
_pdbx_validate_close_contact.auth_comp_id_1 
_pdbx_validate_close_contact.auth_seq_id_1 
_pdbx_validate_close_contact.PDB_ins_code_1 
_pdbx_validate_close_contact.label_alt_id_1 
_pdbx_validate_close_contact.auth_atom_id_2 
_pdbx_validate_close_contact.auth_asym_id_2 
_pdbx_validate_close_contact.auth_comp_id_2 
_pdbx_validate_close_contact.auth_seq_id_2 
_pdbx_validate_close_contact.PDB_ins_code_2 
_pdbx_validate_close_contact.label_alt_id_2 
_pdbx_validate_close_contact.dist 
1 1 O A HOH 2063 ? ? O A HOH 2065 ? ? 1.81 
2 1 O A HOH 2064 ? ? O A HOH 2065 ? ? 1.84 
3 1 O A HOH 2082 ? ? O A HOH 2083 ? ? 2.03 
4 1 O A HOH 2061 ? ? O A HOH 2062 ? ? 2.13 
# 
loop_
_pdbx_unobs_or_zero_occ_atoms.id 
_pdbx_unobs_or_zero_occ_atoms.PDB_model_num 
_pdbx_unobs_or_zero_occ_atoms.polymer_flag 
_pdbx_unobs_or_zero_occ_atoms.occupancy_flag 
_pdbx_unobs_or_zero_occ_atoms.auth_asym_id 
_pdbx_unobs_or_zero_occ_atoms.auth_comp_id 
_pdbx_unobs_or_zero_occ_atoms.auth_seq_id 
_pdbx_unobs_or_zero_occ_atoms.PDB_ins_code 
_pdbx_unobs_or_zero_occ_atoms.auth_atom_id 
_pdbx_unobs_or_zero_occ_atoms.label_alt_id 
_pdbx_unobs_or_zero_occ_atoms.label_asym_id 
_pdbx_unobs_or_zero_occ_atoms.label_comp_id 
_pdbx_unobs_or_zero_occ_atoms.label_seq_id 
_pdbx_unobs_or_zero_occ_atoms.label_atom_id 
1 1 Y 1 A LYS 822 ? CD ? A LYS 34 CD 
2 1 Y 1 A LYS 822 ? CE ? A LYS 34 CE 
3 1 Y 1 A LYS 822 ? NZ ? A LYS 34 NZ 
4 1 Y 1 A LYS 844 ? NZ ? A LYS 56 NZ 
5 1 Y 1 A LYS 866 ? CE ? A LYS 78 CE 
6 1 Y 1 A LYS 866 ? NZ ? A LYS 78 NZ 
7 1 Y 1 A LYS 879 ? NZ ? A LYS 91 NZ 
# 
loop_
_pdbx_unobs_or_zero_occ_residues.id 
_pdbx_unobs_or_zero_occ_residues.PDB_model_num 
_pdbx_unobs_or_zero_occ_residues.polymer_flag 
_pdbx_unobs_or_zero_occ_residues.occupancy_flag 
_pdbx_unobs_or_zero_occ_residues.auth_asym_id 
_pdbx_unobs_or_zero_occ_residues.auth_comp_id 
_pdbx_unobs_or_zero_occ_residues.auth_seq_id 
_pdbx_unobs_or_zero_occ_residues.PDB_ins_code 
_pdbx_unobs_or_zero_occ_residues.label_asym_id 
_pdbx_unobs_or_zero_occ_residues.label_comp_id 
_pdbx_unobs_or_zero_occ_residues.label_seq_id 
1 1 Y 1 A GLY 789 ? A GLY 1 
2 1 Y 1 A GLY 790 ? A GLY 2 
3 1 Y 1 A THR 791 ? A THR 3 
4 1 Y 1 A ILE 792 ? A ILE 4 
5 1 Y 1 A SER 793 ? A SER 5 
6 1 Y 1 A ASN 794 ? A ASN 6 
# 
loop_
_chem_comp_atom.comp_id 
_chem_comp_atom.atom_id 
_chem_comp_atom.type_symbol 
_chem_comp_atom.pdbx_aromatic_flag 
_chem_comp_atom.pdbx_stereo_config 
_chem_comp_atom.pdbx_ordinal 
ALA N    N  N N 1   
ALA CA   C  N S 2   
ALA C    C  N N 3   
ALA O    O  N N 4   
ALA CB   C  N N 5   
ALA OXT  O  N N 6   
ALA H    H  N N 7   
ALA H2   H  N N 8   
ALA HA   H  N N 9   
ALA HB1  H  N N 10  
ALA HB2  H  N N 11  
ALA HB3  H  N N 12  
ALA HXT  H  N N 13  
ARG N    N  N N 14  
ARG CA   C  N S 15  
ARG C    C  N N 16  
ARG O    O  N N 17  
ARG CB   C  N N 18  
ARG CG   C  N N 19  
ARG CD   C  N N 20  
ARG NE   N  N N 21  
ARG CZ   C  N N 22  
ARG NH1  N  N N 23  
ARG NH2  N  N N 24  
ARG OXT  O  N N 25  
ARG H    H  N N 26  
ARG H2   H  N N 27  
ARG HA   H  N N 28  
ARG HB2  H  N N 29  
ARG HB3  H  N N 30  
ARG HG2  H  N N 31  
ARG HG3  H  N N 32  
ARG HD2  H  N N 33  
ARG HD3  H  N N 34  
ARG HE   H  N N 35  
ARG HH11 H  N N 36  
ARG HH12 H  N N 37  
ARG HH21 H  N N 38  
ARG HH22 H  N N 39  
ARG HXT  H  N N 40  
ASN N    N  N N 41  
ASN CA   C  N S 42  
ASN C    C  N N 43  
ASN O    O  N N 44  
ASN CB   C  N N 45  
ASN CG   C  N N 46  
ASN OD1  O  N N 47  
ASN ND2  N  N N 48  
ASN OXT  O  N N 49  
ASN H    H  N N 50  
ASN H2   H  N N 51  
ASN HA   H  N N 52  
ASN HB2  H  N N 53  
ASN HB3  H  N N 54  
ASN HD21 H  N N 55  
ASN HD22 H  N N 56  
ASN HXT  H  N N 57  
ASP N    N  N N 58  
ASP CA   C  N S 59  
ASP C    C  N N 60  
ASP O    O  N N 61  
ASP CB   C  N N 62  
ASP CG   C  N N 63  
ASP OD1  O  N N 64  
ASP OD2  O  N N 65  
ASP OXT  O  N N 66  
ASP H    H  N N 67  
ASP H2   H  N N 68  
ASP HA   H  N N 69  
ASP HB2  H  N N 70  
ASP HB3  H  N N 71  
ASP HD2  H  N N 72  
ASP HXT  H  N N 73  
CA  CA   CA N N 74  
GLU N    N  N N 75  
GLU CA   C  N S 76  
GLU C    C  N N 77  
GLU O    O  N N 78  
GLU CB   C  N N 79  
GLU CG   C  N N 80  
GLU CD   C  N N 81  
GLU OE1  O  N N 82  
GLU OE2  O  N N 83  
GLU OXT  O  N N 84  
GLU H    H  N N 85  
GLU H2   H  N N 86  
GLU HA   H  N N 87  
GLU HB2  H  N N 88  
GLU HB3  H  N N 89  
GLU HG2  H  N N 90  
GLU HG3  H  N N 91  
GLU HE2  H  N N 92  
GLU HXT  H  N N 93  
GLY N    N  N N 94  
GLY CA   C  N N 95  
GLY C    C  N N 96  
GLY O    O  N N 97  
GLY OXT  O  N N 98  
GLY H    H  N N 99  
GLY H2   H  N N 100 
GLY HA2  H  N N 101 
GLY HA3  H  N N 102 
GLY HXT  H  N N 103 
HIS N    N  N N 104 
HIS CA   C  N S 105 
HIS C    C  N N 106 
HIS O    O  N N 107 
HIS CB   C  N N 108 
HIS CG   C  Y N 109 
HIS ND1  N  Y N 110 
HIS CD2  C  Y N 111 
HIS CE1  C  Y N 112 
HIS NE2  N  Y N 113 
HIS OXT  O  N N 114 
HIS H    H  N N 115 
HIS H2   H  N N 116 
HIS HA   H  N N 117 
HIS HB2  H  N N 118 
HIS HB3  H  N N 119 
HIS HD1  H  N N 120 
HIS HD2  H  N N 121 
HIS HE1  H  N N 122 
HIS HE2  H  N N 123 
HIS HXT  H  N N 124 
HOH O    O  N N 125 
HOH H1   H  N N 126 
HOH H2   H  N N 127 
ILE N    N  N N 128 
ILE CA   C  N S 129 
ILE C    C  N N 130 
ILE O    O  N N 131 
ILE CB   C  N S 132 
ILE CG1  C  N N 133 
ILE CG2  C  N N 134 
ILE CD1  C  N N 135 
ILE OXT  O  N N 136 
ILE H    H  N N 137 
ILE H2   H  N N 138 
ILE HA   H  N N 139 
ILE HB   H  N N 140 
ILE HG12 H  N N 141 
ILE HG13 H  N N 142 
ILE HG21 H  N N 143 
ILE HG22 H  N N 144 
ILE HG23 H  N N 145 
ILE HD11 H  N N 146 
ILE HD12 H  N N 147 
ILE HD13 H  N N 148 
ILE HXT  H  N N 149 
LEU N    N  N N 150 
LEU CA   C  N S 151 
LEU C    C  N N 152 
LEU O    O  N N 153 
LEU CB   C  N N 154 
LEU CG   C  N N 155 
LEU CD1  C  N N 156 
LEU CD2  C  N N 157 
LEU OXT  O  N N 158 
LEU H    H  N N 159 
LEU H2   H  N N 160 
LEU HA   H  N N 161 
LEU HB2  H  N N 162 
LEU HB3  H  N N 163 
LEU HG   H  N N 164 
LEU HD11 H  N N 165 
LEU HD12 H  N N 166 
LEU HD13 H  N N 167 
LEU HD21 H  N N 168 
LEU HD22 H  N N 169 
LEU HD23 H  N N 170 
LEU HXT  H  N N 171 
LYS N    N  N N 172 
LYS CA   C  N S 173 
LYS C    C  N N 174 
LYS O    O  N N 175 
LYS CB   C  N N 176 
LYS CG   C  N N 177 
LYS CD   C  N N 178 
LYS CE   C  N N 179 
LYS NZ   N  N N 180 
LYS OXT  O  N N 181 
LYS H    H  N N 182 
LYS H2   H  N N 183 
LYS HA   H  N N 184 
LYS HB2  H  N N 185 
LYS HB3  H  N N 186 
LYS HG2  H  N N 187 
LYS HG3  H  N N 188 
LYS HD2  H  N N 189 
LYS HD3  H  N N 190 
LYS HE2  H  N N 191 
LYS HE3  H  N N 192 
LYS HZ1  H  N N 193 
LYS HZ2  H  N N 194 
LYS HZ3  H  N N 195 
LYS HXT  H  N N 196 
PHE N    N  N N 197 
PHE CA   C  N S 198 
PHE C    C  N N 199 
PHE O    O  N N 200 
PHE CB   C  N N 201 
PHE CG   C  Y N 202 
PHE CD1  C  Y N 203 
PHE CD2  C  Y N 204 
PHE CE1  C  Y N 205 
PHE CE2  C  Y N 206 
PHE CZ   C  Y N 207 
PHE OXT  O  N N 208 
PHE H    H  N N 209 
PHE H2   H  N N 210 
PHE HA   H  N N 211 
PHE HB2  H  N N 212 
PHE HB3  H  N N 213 
PHE HD1  H  N N 214 
PHE HD2  H  N N 215 
PHE HE1  H  N N 216 
PHE HE2  H  N N 217 
PHE HZ   H  N N 218 
PHE HXT  H  N N 219 
PRO N    N  N N 220 
PRO CA   C  N S 221 
PRO C    C  N N 222 
PRO O    O  N N 223 
PRO CB   C  N N 224 
PRO CG   C  N N 225 
PRO CD   C  N N 226 
PRO OXT  O  N N 227 
PRO H    H  N N 228 
PRO HA   H  N N 229 
PRO HB2  H  N N 230 
PRO HB3  H  N N 231 
PRO HG2  H  N N 232 
PRO HG3  H  N N 233 
PRO HD2  H  N N 234 
PRO HD3  H  N N 235 
PRO HXT  H  N N 236 
SER N    N  N N 237 
SER CA   C  N S 238 
SER C    C  N N 239 
SER O    O  N N 240 
SER CB   C  N N 241 
SER OG   O  N N 242 
SER OXT  O  N N 243 
SER H    H  N N 244 
SER H2   H  N N 245 
SER HA   H  N N 246 
SER HB2  H  N N 247 
SER HB3  H  N N 248 
SER HG   H  N N 249 
SER HXT  H  N N 250 
THR N    N  N N 251 
THR CA   C  N S 252 
THR C    C  N N 253 
THR O    O  N N 254 
THR CB   C  N R 255 
THR OG1  O  N N 256 
THR CG2  C  N N 257 
THR OXT  O  N N 258 
THR H    H  N N 259 
THR H2   H  N N 260 
THR HA   H  N N 261 
THR HB   H  N N 262 
THR HG1  H  N N 263 
THR HG21 H  N N 264 
THR HG22 H  N N 265 
THR HG23 H  N N 266 
THR HXT  H  N N 267 
TRP N    N  N N 268 
TRP CA   C  N S 269 
TRP C    C  N N 270 
TRP O    O  N N 271 
TRP CB   C  N N 272 
TRP CG   C  Y N 273 
TRP CD1  C  Y N 274 
TRP CD2  C  Y N 275 
TRP NE1  N  Y N 276 
TRP CE2  C  Y N 277 
TRP CE3  C  Y N 278 
TRP CZ2  C  Y N 279 
TRP CZ3  C  Y N 280 
TRP CH2  C  Y N 281 
TRP OXT  O  N N 282 
TRP H    H  N N 283 
TRP H2   H  N N 284 
TRP HA   H  N N 285 
TRP HB2  H  N N 286 
TRP HB3  H  N N 287 
TRP HD1  H  N N 288 
TRP HE1  H  N N 289 
TRP HE3  H  N N 290 
TRP HZ2  H  N N 291 
TRP HZ3  H  N N 292 
TRP HH2  H  N N 293 
TRP HXT  H  N N 294 
TYR N    N  N N 295 
TYR CA   C  N S 296 
TYR C    C  N N 297 
TYR O    O  N N 298 
TYR CB   C  N N 299 
TYR CG   C  Y N 300 
TYR CD1  C  Y N 301 
TYR CD2  C  Y N 302 
TYR CE1  C  Y N 303 
TYR CE2  C  Y N 304 
TYR CZ   C  Y N 305 
TYR OH   O  N N 306 
TYR OXT  O  N N 307 
TYR H    H  N N 308 
TYR H2   H  N N 309 
TYR HA   H  N N 310 
TYR HB2  H  N N 311 
TYR HB3  H  N N 312 
TYR HD1  H  N N 313 
TYR HD2  H  N N 314 
TYR HE1  H  N N 315 
TYR HE2  H  N N 316 
TYR HH   H  N N 317 
TYR HXT  H  N N 318 
VAL N    N  N N 319 
VAL CA   C  N S 320 
VAL C    C  N N 321 
VAL O    O  N N 322 
VAL CB   C  N N 323 
VAL CG1  C  N N 324 
VAL CG2  C  N N 325 
VAL OXT  O  N N 326 
VAL H    H  N N 327 
VAL H2   H  N N 328 
VAL HA   H  N N 329 
VAL HB   H  N N 330 
VAL HG11 H  N N 331 
VAL HG12 H  N N 332 
VAL HG13 H  N N 333 
VAL HG21 H  N N 334 
VAL HG22 H  N N 335 
VAL HG23 H  N N 336 
VAL HXT  H  N N 337 
# 
loop_
_chem_comp_bond.comp_id 
_chem_comp_bond.atom_id_1 
_chem_comp_bond.atom_id_2 
_chem_comp_bond.value_order 
_chem_comp_bond.pdbx_aromatic_flag 
_chem_comp_bond.pdbx_stereo_config 
_chem_comp_bond.pdbx_ordinal 
ALA N   CA   sing N N 1   
ALA N   H    sing N N 2   
ALA N   H2   sing N N 3   
ALA CA  C    sing N N 4   
ALA CA  CB   sing N N 5   
ALA CA  HA   sing N N 6   
ALA C   O    doub N N 7   
ALA C   OXT  sing N N 8   
ALA CB  HB1  sing N N 9   
ALA CB  HB2  sing N N 10  
ALA CB  HB3  sing N N 11  
ALA OXT HXT  sing N N 12  
ARG N   CA   sing N N 13  
ARG N   H    sing N N 14  
ARG N   H2   sing N N 15  
ARG CA  C    sing N N 16  
ARG CA  CB   sing N N 17  
ARG CA  HA   sing N N 18  
ARG C   O    doub N N 19  
ARG C   OXT  sing N N 20  
ARG CB  CG   sing N N 21  
ARG CB  HB2  sing N N 22  
ARG CB  HB3  sing N N 23  
ARG CG  CD   sing N N 24  
ARG CG  HG2  sing N N 25  
ARG CG  HG3  sing N N 26  
ARG CD  NE   sing N N 27  
ARG CD  HD2  sing N N 28  
ARG CD  HD3  sing N N 29  
ARG NE  CZ   sing N N 30  
ARG NE  HE   sing N N 31  
ARG CZ  NH1  sing N N 32  
ARG CZ  NH2  doub N N 33  
ARG NH1 HH11 sing N N 34  
ARG NH1 HH12 sing N N 35  
ARG NH2 HH21 sing N N 36  
ARG NH2 HH22 sing N N 37  
ARG OXT HXT  sing N N 38  
ASN N   CA   sing N N 39  
ASN N   H    sing N N 40  
ASN N   H2   sing N N 41  
ASN CA  C    sing N N 42  
ASN CA  CB   sing N N 43  
ASN CA  HA   sing N N 44  
ASN C   O    doub N N 45  
ASN C   OXT  sing N N 46  
ASN CB  CG   sing N N 47  
ASN CB  HB2  sing N N 48  
ASN CB  HB3  sing N N 49  
ASN CG  OD1  doub N N 50  
ASN CG  ND2  sing N N 51  
ASN ND2 HD21 sing N N 52  
ASN ND2 HD22 sing N N 53  
ASN OXT HXT  sing N N 54  
ASP N   CA   sing N N 55  
ASP N   H    sing N N 56  
ASP N   H2   sing N N 57  
ASP CA  C    sing N N 58  
ASP CA  CB   sing N N 59  
ASP CA  HA   sing N N 60  
ASP C   O    doub N N 61  
ASP C   OXT  sing N N 62  
ASP CB  CG   sing N N 63  
ASP CB  HB2  sing N N 64  
ASP CB  HB3  sing N N 65  
ASP CG  OD1  doub N N 66  
ASP CG  OD2  sing N N 67  
ASP OD2 HD2  sing N N 68  
ASP OXT HXT  sing N N 69  
GLU N   CA   sing N N 70  
GLU N   H    sing N N 71  
GLU N   H2   sing N N 72  
GLU CA  C    sing N N 73  
GLU CA  CB   sing N N 74  
GLU CA  HA   sing N N 75  
GLU C   O    doub N N 76  
GLU C   OXT  sing N N 77  
GLU CB  CG   sing N N 78  
GLU CB  HB2  sing N N 79  
GLU CB  HB3  sing N N 80  
GLU CG  CD   sing N N 81  
GLU CG  HG2  sing N N 82  
GLU CG  HG3  sing N N 83  
GLU CD  OE1  doub N N 84  
GLU CD  OE2  sing N N 85  
GLU OE2 HE2  sing N N 86  
GLU OXT HXT  sing N N 87  
GLY N   CA   sing N N 88  
GLY N   H    sing N N 89  
GLY N   H2   sing N N 90  
GLY CA  C    sing N N 91  
GLY CA  HA2  sing N N 92  
GLY CA  HA3  sing N N 93  
GLY C   O    doub N N 94  
GLY C   OXT  sing N N 95  
GLY OXT HXT  sing N N 96  
HIS N   CA   sing N N 97  
HIS N   H    sing N N 98  
HIS N   H2   sing N N 99  
HIS CA  C    sing N N 100 
HIS CA  CB   sing N N 101 
HIS CA  HA   sing N N 102 
HIS C   O    doub N N 103 
HIS C   OXT  sing N N 104 
HIS CB  CG   sing N N 105 
HIS CB  HB2  sing N N 106 
HIS CB  HB3  sing N N 107 
HIS CG  ND1  sing Y N 108 
HIS CG  CD2  doub Y N 109 
HIS ND1 CE1  doub Y N 110 
HIS ND1 HD1  sing N N 111 
HIS CD2 NE2  sing Y N 112 
HIS CD2 HD2  sing N N 113 
HIS CE1 NE2  sing Y N 114 
HIS CE1 HE1  sing N N 115 
HIS NE2 HE2  sing N N 116 
HIS OXT HXT  sing N N 117 
HOH O   H1   sing N N 118 
HOH O   H2   sing N N 119 
ILE N   CA   sing N N 120 
ILE N   H    sing N N 121 
ILE N   H2   sing N N 122 
ILE CA  C    sing N N 123 
ILE CA  CB   sing N N 124 
ILE CA  HA   sing N N 125 
ILE C   O    doub N N 126 
ILE C   OXT  sing N N 127 
ILE CB  CG1  sing N N 128 
ILE CB  CG2  sing N N 129 
ILE CB  HB   sing N N 130 
ILE CG1 CD1  sing N N 131 
ILE CG1 HG12 sing N N 132 
ILE CG1 HG13 sing N N 133 
ILE CG2 HG21 sing N N 134 
ILE CG2 HG22 sing N N 135 
ILE CG2 HG23 sing N N 136 
ILE CD1 HD11 sing N N 137 
ILE CD1 HD12 sing N N 138 
ILE CD1 HD13 sing N N 139 
ILE OXT HXT  sing N N 140 
LEU N   CA   sing N N 141 
LEU N   H    sing N N 142 
LEU N   H2   sing N N 143 
LEU CA  C    sing N N 144 
LEU CA  CB   sing N N 145 
LEU CA  HA   sing N N 146 
LEU C   O    doub N N 147 
LEU C   OXT  sing N N 148 
LEU CB  CG   sing N N 149 
LEU CB  HB2  sing N N 150 
LEU CB  HB3  sing N N 151 
LEU CG  CD1  sing N N 152 
LEU CG  CD2  sing N N 153 
LEU CG  HG   sing N N 154 
LEU CD1 HD11 sing N N 155 
LEU CD1 HD12 sing N N 156 
LEU CD1 HD13 sing N N 157 
LEU CD2 HD21 sing N N 158 
LEU CD2 HD22 sing N N 159 
LEU CD2 HD23 sing N N 160 
LEU OXT HXT  sing N N 161 
LYS N   CA   sing N N 162 
LYS N   H    sing N N 163 
LYS N   H2   sing N N 164 
LYS CA  C    sing N N 165 
LYS CA  CB   sing N N 166 
LYS CA  HA   sing N N 167 
LYS C   O    doub N N 168 
LYS C   OXT  sing N N 169 
LYS CB  CG   sing N N 170 
LYS CB  HB2  sing N N 171 
LYS CB  HB3  sing N N 172 
LYS CG  CD   sing N N 173 
LYS CG  HG2  sing N N 174 
LYS CG  HG3  sing N N 175 
LYS CD  CE   sing N N 176 
LYS CD  HD2  sing N N 177 
LYS CD  HD3  sing N N 178 
LYS CE  NZ   sing N N 179 
LYS CE  HE2  sing N N 180 
LYS CE  HE3  sing N N 181 
LYS NZ  HZ1  sing N N 182 
LYS NZ  HZ2  sing N N 183 
LYS NZ  HZ3  sing N N 184 
LYS OXT HXT  sing N N 185 
PHE N   CA   sing N N 186 
PHE N   H    sing N N 187 
PHE N   H2   sing N N 188 
PHE CA  C    sing N N 189 
PHE CA  CB   sing N N 190 
PHE CA  HA   sing N N 191 
PHE C   O    doub N N 192 
PHE C   OXT  sing N N 193 
PHE CB  CG   sing N N 194 
PHE CB  HB2  sing N N 195 
PHE CB  HB3  sing N N 196 
PHE CG  CD1  doub Y N 197 
PHE CG  CD2  sing Y N 198 
PHE CD1 CE1  sing Y N 199 
PHE CD1 HD1  sing N N 200 
PHE CD2 CE2  doub Y N 201 
PHE CD2 HD2  sing N N 202 
PHE CE1 CZ   doub Y N 203 
PHE CE1 HE1  sing N N 204 
PHE CE2 CZ   sing Y N 205 
PHE CE2 HE2  sing N N 206 
PHE CZ  HZ   sing N N 207 
PHE OXT HXT  sing N N 208 
PRO N   CA   sing N N 209 
PRO N   CD   sing N N 210 
PRO N   H    sing N N 211 
PRO CA  C    sing N N 212 
PRO CA  CB   sing N N 213 
PRO CA  HA   sing N N 214 
PRO C   O    doub N N 215 
PRO C   OXT  sing N N 216 
PRO CB  CG   sing N N 217 
PRO CB  HB2  sing N N 218 
PRO CB  HB3  sing N N 219 
PRO CG  CD   sing N N 220 
PRO CG  HG2  sing N N 221 
PRO CG  HG3  sing N N 222 
PRO CD  HD2  sing N N 223 
PRO CD  HD3  sing N N 224 
PRO OXT HXT  sing N N 225 
SER N   CA   sing N N 226 
SER N   H    sing N N 227 
SER N   H2   sing N N 228 
SER CA  C    sing N N 229 
SER CA  CB   sing N N 230 
SER CA  HA   sing N N 231 
SER C   O    doub N N 232 
SER C   OXT  sing N N 233 
SER CB  OG   sing N N 234 
SER CB  HB2  sing N N 235 
SER CB  HB3  sing N N 236 
SER OG  HG   sing N N 237 
SER OXT HXT  sing N N 238 
THR N   CA   sing N N 239 
THR N   H    sing N N 240 
THR N   H2   sing N N 241 
THR CA  C    sing N N 242 
THR CA  CB   sing N N 243 
THR CA  HA   sing N N 244 
THR C   O    doub N N 245 
THR C   OXT  sing N N 246 
THR CB  OG1  sing N N 247 
THR CB  CG2  sing N N 248 
THR CB  HB   sing N N 249 
THR OG1 HG1  sing N N 250 
THR CG2 HG21 sing N N 251 
THR CG2 HG22 sing N N 252 
THR CG2 HG23 sing N N 253 
THR OXT HXT  sing N N 254 
TRP N   CA   sing N N 255 
TRP N   H    sing N N 256 
TRP N   H2   sing N N 257 
TRP CA  C    sing N N 258 
TRP CA  CB   sing N N 259 
TRP CA  HA   sing N N 260 
TRP C   O    doub N N 261 
TRP C   OXT  sing N N 262 
TRP CB  CG   sing N N 263 
TRP CB  HB2  sing N N 264 
TRP CB  HB3  sing N N 265 
TRP CG  CD1  doub Y N 266 
TRP CG  CD2  sing Y N 267 
TRP CD1 NE1  sing Y N 268 
TRP CD1 HD1  sing N N 269 
TRP CD2 CE2  doub Y N 270 
TRP CD2 CE3  sing Y N 271 
TRP NE1 CE2  sing Y N 272 
TRP NE1 HE1  sing N N 273 
TRP CE2 CZ2  sing Y N 274 
TRP CE3 CZ3  doub Y N 275 
TRP CE3 HE3  sing N N 276 
TRP CZ2 CH2  doub Y N 277 
TRP CZ2 HZ2  sing N N 278 
TRP CZ3 CH2  sing Y N 279 
TRP CZ3 HZ3  sing N N 280 
TRP CH2 HH2  sing N N 281 
TRP OXT HXT  sing N N 282 
TYR N   CA   sing N N 283 
TYR N   H    sing N N 284 
TYR N   H2   sing N N 285 
TYR CA  C    sing N N 286 
TYR CA  CB   sing N N 287 
TYR CA  HA   sing N N 288 
TYR C   O    doub N N 289 
TYR C   OXT  sing N N 290 
TYR CB  CG   sing N N 291 
TYR CB  HB2  sing N N 292 
TYR CB  HB3  sing N N 293 
TYR CG  CD1  doub Y N 294 
TYR CG  CD2  sing Y N 295 
TYR CD1 CE1  sing Y N 296 
TYR CD1 HD1  sing N N 297 
TYR CD2 CE2  doub Y N 298 
TYR CD2 HD2  sing N N 299 
TYR CE1 CZ   doub Y N 300 
TYR CE1 HE1  sing N N 301 
TYR CE2 CZ   sing Y N 302 
TYR CE2 HE2  sing N N 303 
TYR CZ  OH   sing N N 304 
TYR OH  HH   sing N N 305 
TYR OXT HXT  sing N N 306 
VAL N   CA   sing N N 307 
VAL N   H    sing N N 308 
VAL N   H2   sing N N 309 
VAL CA  C    sing N N 310 
VAL CA  CB   sing N N 311 
VAL CA  HA   sing N N 312 
VAL C   O    doub N N 313 
VAL C   OXT  sing N N 314 
VAL CB  CG1  sing N N 315 
VAL CB  CG2  sing N N 316 
VAL CB  HB   sing N N 317 
VAL CG1 HG11 sing N N 318 
VAL CG1 HG12 sing N N 319 
VAL CG1 HG13 sing N N 320 
VAL CG2 HG21 sing N N 321 
VAL CG2 HG22 sing N N 322 
VAL CG2 HG23 sing N N 323 
VAL OXT HXT  sing N N 324 
# 
loop_
_pdbx_entity_nonpoly.entity_id 
_pdbx_entity_nonpoly.name 
_pdbx_entity_nonpoly.comp_id 
2 'CALCIUM ION' CA  
3 water         HOH 
# 
_pdbx_initial_refinement_model.id               1 
_pdbx_initial_refinement_model.entity_id_list   ? 
_pdbx_initial_refinement_model.type             'experimental model' 
_pdbx_initial_refinement_model.source_name      PDB 
_pdbx_initial_refinement_model.accession_code   2Y72 
_pdbx_initial_refinement_model.details          'PDB ENTRY 2Y72' 
# 
